data_8QRE
#
_entry.id   8QRE
#
_cell.length_a   60.659
_cell.length_b   108.128
_cell.length_c   124.765
_cell.angle_alpha   90.000
_cell.angle_beta   95.958
_cell.angle_gamma   90.000
#
_symmetry.space_group_name_H-M   'P 1 21 1'
#
loop_
_entity.id
_entity.type
_entity.pdbx_description
1 polymer 'Cholera enterotoxin subunit A'
2 polymer 'Cholera enterotoxin subunit B'
3 non-polymer 'SODIUM ION'
4 non-polymer beta-D-galactopyranose
5 non-polymer GLYCEROL
6 non-polymer 'ACETATE ION'
7 non-polymer DI(HYDROXYETHYL)ETHER
8 non-polymer alpha-D-galactopyranose
9 water water
#
loop_
_entity_poly.entity_id
_entity_poly.type
_entity_poly.pdbx_seq_one_letter_code
_entity_poly.pdbx_strand_id
1 'polypeptide(L)'
;NDDKLYRADSRPPDEIKQSGGLMPRGQSEYFDRGTQMNINLYDHARGTQTGFVRHDDGYVSTSISLRSAHLVGQTILSGH
STYYIYVIATAPNMFNVNDVLGAYSPHPDEQEVSALGGIPYSQIYGWYRVHFGVLDEQLHRNRGYRDRYYSNLDIAPAAD
GYGLAGFPPEHRAWREEPWIHHAPPGCGNAPRSSMSNTCDEKTQSLGVKFLDEYQSKVKRQIFSGYQSDIDTHNRIKDEL
;
A,B
2 'polypeptide(L)'
;TPQNITDLCAEYHNTQIHTLNDKIFSYTESLAGKREMAIITFKNGATFQVEVPGSQHIDSQKKAIERMKDTLRIAYLTEA
KVEKLCVWNNKTPHAIAAISMAN
;
D,E,F,G,H,C,I,J,K,L
#
loop_
_chem_comp.id
_chem_comp.type
_chem_comp.name
_chem_comp.formula
ACT non-polymer 'ACETATE ION' 'C2 H3 O2 -1'
GAL D-saccharide, beta linking beta-D-galactopyranose 'C6 H12 O6'
GLA D-saccharide, alpha linking alpha-D-galactopyranose 'C6 H12 O6'
GOL non-polymer GLYCEROL 'C3 H8 O3'
NA non-polymer 'SODIUM ION' 'Na 1'
PEG non-polymer DI(HYDROXYETHYL)ETHER 'C4 H10 O3'
#
# COMPACT_ATOMS: atom_id res chain seq x y z
N ASN A 1 9.24 -33.39 -7.25
CA ASN A 1 9.35 -34.68 -7.98
C ASN A 1 8.57 -34.57 -9.30
N ASP A 2 8.56 -35.67 -10.06
CA ASP A 2 8.00 -35.65 -11.41
C ASP A 2 6.56 -36.20 -11.38
N ASP A 3 5.86 -35.94 -10.27
CA ASP A 3 4.44 -36.28 -10.18
C ASP A 3 3.66 -35.42 -11.15
N LYS A 4 2.59 -36.01 -11.72
CA LYS A 4 1.73 -35.33 -12.67
C LYS A 4 0.33 -35.21 -12.11
N LEU A 5 -0.37 -34.15 -12.53
CA LEU A 5 -1.80 -34.03 -12.31
C LEU A 5 -2.49 -34.03 -13.66
N TYR A 6 -3.83 -34.14 -13.64
CA TYR A 6 -4.59 -34.38 -14.86
C TYR A 6 -5.88 -33.57 -14.82
N ARG A 7 -6.28 -33.04 -15.99
CA ARG A 7 -7.50 -32.24 -16.09
C ARG A 7 -8.13 -32.47 -17.45
N ALA A 8 -9.38 -32.98 -17.43
CA ALA A 8 -10.24 -32.96 -18.59
C ALA A 8 -10.68 -31.54 -18.90
N ASP A 9 -10.58 -31.15 -20.17
CA ASP A 9 -10.96 -29.81 -20.59
C ASP A 9 -11.40 -29.86 -22.05
N SER A 10 -12.32 -28.96 -22.41
CA SER A 10 -12.88 -28.93 -23.76
C SER A 10 -12.05 -28.00 -24.65
N ARG A 11 -11.36 -27.04 -24.03
CA ARG A 11 -10.50 -26.12 -24.77
C ARG A 11 -9.31 -26.88 -25.38
N PRO A 12 -9.19 -26.90 -26.74
CA PRO A 12 -8.11 -27.63 -27.38
C PRO A 12 -6.73 -26.97 -27.24
N PRO A 13 -5.64 -27.66 -27.65
CA PRO A 13 -4.27 -27.19 -27.39
C PRO A 13 -3.90 -25.87 -28.05
N ASP A 14 -4.50 -25.60 -29.21
CA ASP A 14 -4.21 -24.36 -29.92
C ASP A 14 -4.72 -23.18 -29.11
N GLU A 15 -5.87 -23.35 -28.45
CA GLU A 15 -6.46 -22.30 -27.63
C GLU A 15 -5.66 -22.15 -26.32
N ILE A 16 -5.18 -23.27 -25.81
CA ILE A 16 -4.34 -23.26 -24.61
C ILE A 16 -3.06 -22.47 -24.91
N LYS A 17 -2.50 -22.68 -26.11
N LYS A 17 -2.50 -22.68 -26.11
CA LYS A 17 -1.26 -22.04 -26.51
CA LYS A 17 -1.26 -22.04 -26.51
C LYS A 17 -1.47 -20.53 -26.66
C LYS A 17 -1.47 -20.53 -26.66
N GLN A 18 -2.60 -20.16 -27.27
CA GLN A 18 -2.92 -18.75 -27.47
C GLN A 18 -3.10 -18.05 -26.12
N SER A 19 -3.74 -18.75 -25.18
N SER A 19 -3.74 -18.75 -25.18
CA SER A 19 -4.04 -18.19 -23.86
CA SER A 19 -4.05 -18.19 -23.86
C SER A 19 -2.81 -18.24 -22.96
C SER A 19 -2.81 -18.24 -22.96
N GLY A 20 -1.82 -19.03 -23.37
CA GLY A 20 -0.60 -19.23 -22.57
C GLY A 20 -0.83 -20.20 -21.42
N GLY A 21 -1.84 -21.06 -21.54
CA GLY A 21 -2.08 -22.12 -20.57
C GLY A 21 -3.56 -22.41 -20.39
N LEU A 22 -3.89 -23.08 -19.27
CA LEU A 22 -5.26 -23.40 -18.91
C LEU A 22 -5.78 -22.33 -17.96
N MET A 23 -6.77 -21.57 -18.43
CA MET A 23 -7.13 -20.30 -17.80
C MET A 23 -8.33 -20.51 -16.88
N PRO A 24 -8.37 -19.83 -15.72
CA PRO A 24 -9.61 -19.64 -14.98
C PRO A 24 -10.66 -19.00 -15.88
N ARG A 25 -11.94 -19.22 -15.53
N ARG A 25 -11.93 -19.21 -15.52
CA ARG A 25 -13.05 -18.49 -16.13
CA ARG A 25 -13.04 -18.49 -16.15
C ARG A 25 -12.77 -16.99 -16.03
C ARG A 25 -12.79 -17.00 -16.03
N GLY A 26 -12.79 -16.32 -17.19
CA GLY A 26 -12.72 -14.85 -17.24
C GLY A 26 -11.37 -14.36 -17.73
N GLN A 27 -10.31 -15.14 -17.48
CA GLN A 27 -8.94 -14.77 -17.79
C GLN A 27 -8.62 -15.18 -19.23
N SER A 28 -8.05 -14.24 -19.99
CA SER A 28 -7.78 -14.45 -21.40
C SER A 28 -6.38 -15.03 -21.60
N GLU A 29 -5.40 -14.46 -20.90
CA GLU A 29 -4.01 -14.86 -21.05
C GLU A 29 -3.36 -14.97 -19.67
N TYR A 30 -2.39 -15.88 -19.54
CA TYR A 30 -1.88 -16.28 -18.23
C TYR A 30 -1.23 -15.08 -17.52
N PHE A 31 -0.57 -14.22 -18.30
CA PHE A 31 0.29 -13.19 -17.75
C PHE A 31 -0.51 -11.89 -17.53
N ASP A 32 -1.84 -11.97 -17.65
CA ASP A 32 -2.72 -10.93 -17.11
C ASP A 32 -2.51 -10.86 -15.59
N ARG A 33 -2.65 -9.64 -15.04
N ARG A 33 -2.66 -9.65 -15.03
CA ARG A 33 -2.59 -9.43 -13.60
CA ARG A 33 -2.58 -9.45 -13.60
C ARG A 33 -3.79 -10.12 -12.94
C ARG A 33 -3.79 -10.10 -12.93
N GLY A 34 -3.67 -10.37 -11.63
CA GLY A 34 -4.70 -11.07 -10.89
C GLY A 34 -5.94 -10.19 -10.65
N THR A 35 -5.76 -8.88 -10.80
CA THR A 35 -6.82 -7.91 -10.52
C THR A 35 -7.97 -8.12 -11.51
N GLN A 36 -7.71 -8.93 -12.55
CA GLN A 36 -8.71 -9.24 -13.57
C GLN A 36 -9.87 -10.01 -12.95
N MET A 37 -9.57 -10.85 -11.95
CA MET A 37 -10.49 -11.88 -11.53
C MET A 37 -10.60 -11.90 -10.01
N ASN A 38 -11.68 -12.54 -9.53
CA ASN A 38 -11.83 -12.86 -8.13
C ASN A 38 -10.99 -14.10 -7.81
N ILE A 39 -10.08 -13.97 -6.85
CA ILE A 39 -9.22 -15.07 -6.44
C ILE A 39 -9.62 -15.51 -5.03
N ASN A 40 -10.31 -16.65 -4.94
CA ASN A 40 -10.88 -17.10 -3.69
C ASN A 40 -11.10 -18.62 -3.75
N LEU A 41 -10.32 -19.36 -2.95
CA LEU A 41 -10.25 -20.81 -3.07
C LEU A 41 -11.58 -21.43 -2.62
N TYR A 42 -12.08 -20.96 -1.47
CA TYR A 42 -13.37 -21.40 -0.95
C TYR A 42 -14.44 -21.25 -2.04
N ASP A 43 -14.49 -20.06 -2.68
CA ASP A 43 -15.48 -19.77 -3.71
C ASP A 43 -15.28 -20.71 -4.90
N HIS A 44 -13.98 -20.96 -5.24
CA HIS A 44 -13.62 -21.79 -6.37
C HIS A 44 -14.16 -23.20 -6.18
N ALA A 45 -14.04 -23.70 -4.94
CA ALA A 45 -14.29 -25.08 -4.62
C ALA A 45 -15.78 -25.35 -4.49
N ARG A 46 -16.56 -24.29 -4.24
CA ARG A 46 -17.99 -24.41 -4.01
C ARG A 46 -18.72 -24.44 -5.34
N GLY A 47 -18.05 -23.97 -6.41
CA GLY A 47 -18.67 -23.87 -7.73
C GLY A 47 -19.30 -25.19 -8.15
N THR A 48 -20.37 -25.11 -8.95
CA THR A 48 -21.03 -26.30 -9.48
C THR A 48 -20.26 -26.77 -10.71
N GLN A 49 -20.08 -28.08 -10.82
CA GLN A 49 -19.47 -28.65 -12.01
C GLN A 49 -20.57 -29.07 -12.99
N THR A 50 -21.15 -28.07 -13.67
CA THR A 50 -22.17 -28.30 -14.69
C THR A 50 -21.70 -27.71 -16.02
N GLY A 51 -21.15 -28.58 -16.87
CA GLY A 51 -20.63 -28.17 -18.16
C GLY A 51 -19.11 -28.22 -18.20
N PHE A 52 -18.47 -27.65 -17.17
CA PHE A 52 -17.02 -27.51 -17.15
C PHE A 52 -16.47 -28.11 -15.86
N VAL A 53 -15.21 -28.52 -15.90
CA VAL A 53 -14.47 -28.90 -14.71
C VAL A 53 -14.04 -27.62 -13.99
N ARG A 54 -14.23 -27.61 -12.67
CA ARG A 54 -14.16 -26.39 -11.87
C ARG A 54 -12.97 -25.53 -12.31
N HIS A 55 -13.26 -24.28 -12.70
CA HIS A 55 -12.20 -23.31 -13.02
C HIS A 55 -12.63 -21.89 -12.71
N ASP A 56 -13.55 -21.71 -11.75
CA ASP A 56 -14.03 -20.38 -11.40
C ASP A 56 -13.17 -19.78 -10.28
N ASP A 57 -13.27 -18.45 -10.14
CA ASP A 57 -12.80 -17.74 -8.96
C ASP A 57 -11.29 -17.93 -8.79
N GLY A 58 -10.57 -18.01 -9.92
CA GLY A 58 -9.16 -17.68 -9.95
C GLY A 58 -8.27 -18.92 -9.89
N TYR A 59 -8.90 -20.10 -9.73
CA TYR A 59 -8.18 -21.37 -9.66
C TYR A 59 -8.64 -22.29 -10.79
N VAL A 60 -7.76 -23.22 -11.19
CA VAL A 60 -8.14 -24.29 -12.11
C VAL A 60 -7.88 -25.65 -11.44
N SER A 61 -8.94 -26.47 -11.36
N SER A 61 -8.93 -26.47 -11.36
CA SER A 61 -8.89 -27.71 -10.61
CA SER A 61 -8.89 -27.72 -10.61
C SER A 61 -8.29 -28.83 -11.47
C SER A 61 -8.28 -28.82 -11.47
N THR A 62 -7.54 -29.74 -10.82
CA THR A 62 -6.99 -30.92 -11.49
C THR A 62 -7.28 -32.17 -10.65
N SER A 63 -7.23 -33.35 -11.30
CA SER A 63 -7.29 -34.64 -10.60
C SER A 63 -5.88 -35.20 -10.42
N ILE A 64 -5.77 -36.25 -9.59
CA ILE A 64 -4.47 -36.75 -9.15
C ILE A 64 -4.14 -38.04 -9.91
N SER A 65 -4.95 -38.39 -10.91
CA SER A 65 -4.62 -39.50 -11.79
C SER A 65 -5.33 -39.36 -13.12
N LEU A 66 -4.76 -40.01 -14.14
CA LEU A 66 -5.32 -40.04 -15.47
C LEU A 66 -6.74 -40.63 -15.42
N ARG A 67 -6.90 -41.64 -14.58
CA ARG A 67 -8.16 -42.37 -14.50
C ARG A 67 -9.22 -41.47 -13.87
N SER A 68 -8.83 -40.75 -12.81
CA SER A 68 -9.73 -39.83 -12.12
C SER A 68 -10.28 -38.80 -13.10
N ALA A 69 -9.39 -38.26 -13.94
CA ALA A 69 -9.71 -37.12 -14.79
C ALA A 69 -10.57 -37.57 -15.96
N HIS A 70 -10.30 -38.77 -16.48
CA HIS A 70 -11.10 -39.37 -17.53
C HIS A 70 -12.53 -39.61 -17.02
N LEU A 71 -12.64 -40.17 -15.81
CA LEU A 71 -13.94 -40.43 -15.23
C LEU A 71 -14.71 -39.12 -15.07
N VAL A 72 -14.05 -38.12 -14.48
CA VAL A 72 -14.66 -36.81 -14.32
C VAL A 72 -15.08 -36.27 -15.68
N GLY A 73 -14.22 -36.50 -16.68
CA GLY A 73 -14.48 -36.01 -18.03
C GLY A 73 -15.75 -36.62 -18.61
N GLN A 74 -16.03 -37.88 -18.26
CA GLN A 74 -17.17 -38.58 -18.83
C GLN A 74 -18.46 -38.10 -18.17
N THR A 75 -18.37 -37.76 -16.88
CA THR A 75 -19.46 -37.12 -16.16
C THR A 75 -19.76 -35.75 -16.78
N ILE A 76 -18.74 -34.87 -16.77
CA ILE A 76 -18.92 -33.43 -16.91
C ILE A 76 -18.96 -33.04 -18.41
N LEU A 77 -18.01 -33.61 -19.18
CA LEU A 77 -17.79 -33.19 -20.56
C LEU A 77 -18.48 -34.17 -21.50
N SER A 78 -19.37 -34.98 -20.94
CA SER A 78 -20.44 -35.60 -21.71
C SER A 78 -21.15 -34.53 -22.54
N GLY A 79 -20.98 -34.60 -23.86
CA GLY A 79 -21.58 -33.63 -24.76
C GLY A 79 -20.58 -33.14 -25.80
N HIS A 80 -19.32 -33.02 -25.40
CA HIS A 80 -18.25 -32.77 -26.36
C HIS A 80 -17.83 -34.10 -26.98
N SER A 81 -17.86 -34.17 -28.30
CA SER A 81 -17.49 -35.38 -29.03
C SER A 81 -15.96 -35.59 -28.96
N THR A 82 -15.23 -34.48 -28.75
CA THR A 82 -13.82 -34.52 -28.43
C THR A 82 -13.54 -33.56 -27.28
N TYR A 83 -12.87 -34.06 -26.24
CA TYR A 83 -12.18 -33.21 -25.28
C TYR A 83 -10.76 -33.76 -25.07
N TYR A 84 -10.01 -33.08 -24.19
CA TYR A 84 -8.61 -33.43 -23.98
C TYR A 84 -8.36 -33.56 -22.49
N ILE A 85 -7.49 -34.49 -22.13
CA ILE A 85 -6.97 -34.57 -20.78
C ILE A 85 -5.56 -34.04 -20.76
N TYR A 86 -5.35 -32.94 -20.03
CA TYR A 86 -4.07 -32.28 -19.99
C TYR A 86 -3.24 -32.89 -18.86
N VAL A 87 -2.03 -33.35 -19.20
CA VAL A 87 -1.07 -33.85 -18.20
C VAL A 87 -0.21 -32.68 -17.73
N ILE A 88 -0.11 -32.51 -16.41
CA ILE A 88 0.28 -31.26 -15.80
C ILE A 88 1.32 -31.55 -14.71
N ALA A 89 2.43 -30.82 -14.76
CA ALA A 89 3.46 -30.95 -13.74
C ALA A 89 2.98 -30.39 -12.40
N THR A 90 3.50 -30.95 -11.29
CA THR A 90 3.28 -30.40 -9.97
C THR A 90 4.22 -29.22 -9.76
N ALA A 91 3.67 -28.14 -9.20
CA ALA A 91 4.45 -26.96 -8.88
C ALA A 91 3.75 -26.17 -7.79
N PRO A 92 4.46 -25.25 -7.10
CA PRO A 92 3.89 -24.59 -5.93
C PRO A 92 2.87 -23.50 -6.23
N ASN A 93 2.29 -23.53 -7.43
CA ASN A 93 1.09 -22.74 -7.71
C ASN A 93 -0.15 -23.58 -7.42
N MET A 94 0.07 -24.78 -6.84
CA MET A 94 -0.95 -25.82 -6.80
C MET A 94 -1.23 -26.18 -5.35
N PHE A 95 -2.52 -26.16 -4.98
CA PHE A 95 -2.93 -26.38 -3.61
C PHE A 95 -3.82 -27.60 -3.54
N ASN A 96 -3.63 -28.42 -2.49
CA ASN A 96 -4.52 -29.51 -2.17
C ASN A 96 -5.73 -28.94 -1.43
N VAL A 97 -6.89 -29.02 -2.07
CA VAL A 97 -8.06 -28.28 -1.65
C VAL A 97 -8.51 -28.78 -0.27
N ASN A 98 -8.48 -30.12 -0.10
CA ASN A 98 -9.02 -30.76 1.11
C ASN A 98 -8.12 -30.43 2.32
N ASP A 99 -6.82 -30.23 2.07
CA ASP A 99 -5.90 -29.91 3.14
C ASP A 99 -6.12 -28.47 3.60
N VAL A 100 -6.39 -27.58 2.64
CA VAL A 100 -6.40 -26.17 2.90
C VAL A 100 -7.76 -25.78 3.47
N LEU A 101 -8.81 -26.28 2.83
CA LEU A 101 -10.16 -26.04 3.30
C LEU A 101 -10.47 -26.93 4.50
N GLY A 102 -9.73 -28.04 4.62
CA GLY A 102 -9.85 -28.95 5.75
C GLY A 102 -11.27 -29.52 5.87
N ALA A 103 -11.78 -29.52 7.09
CA ALA A 103 -13.08 -30.09 7.40
C ALA A 103 -14.19 -29.35 6.66
N TYR A 104 -13.84 -28.24 5.99
CA TYR A 104 -14.84 -27.41 5.32
C TYR A 104 -14.71 -27.53 3.80
N SER A 105 -13.85 -28.45 3.34
CA SER A 105 -13.77 -28.78 1.93
C SER A 105 -15.12 -29.35 1.47
N PRO A 106 -15.83 -28.66 0.55
CA PRO A 106 -17.22 -29.01 0.22
C PRO A 106 -17.36 -30.26 -0.64
N HIS A 107 -16.25 -30.71 -1.23
CA HIS A 107 -16.24 -31.94 -2.01
C HIS A 107 -15.01 -32.77 -1.67
N PRO A 108 -14.94 -33.34 -0.44
CA PRO A 108 -13.77 -34.10 -0.01
C PRO A 108 -13.60 -35.38 -0.83
N ASP A 109 -14.66 -35.75 -1.55
CA ASP A 109 -14.74 -37.03 -2.22
C ASP A 109 -13.79 -37.04 -3.42
N GLU A 110 -13.44 -35.84 -3.90
CA GLU A 110 -12.93 -35.67 -5.25
C GLU A 110 -11.42 -35.39 -5.25
N GLN A 111 -10.85 -35.20 -4.04
N GLN A 111 -10.84 -35.19 -4.05
CA GLN A 111 -9.40 -35.07 -3.87
CA GLN A 111 -9.40 -35.09 -3.88
C GLN A 111 -8.83 -34.22 -5.00
C GLN A 111 -8.81 -34.22 -5.00
N GLU A 112 -9.18 -32.93 -5.00
CA GLU A 112 -8.83 -32.03 -6.10
C GLU A 112 -7.59 -31.19 -5.73
N VAL A 113 -6.72 -30.99 -6.72
CA VAL A 113 -5.61 -30.07 -6.59
C VAL A 113 -5.83 -28.93 -7.56
N SER A 114 -5.71 -27.69 -7.06
CA SER A 114 -6.14 -26.51 -7.80
C SER A 114 -4.98 -25.52 -7.96
N ALA A 115 -4.89 -24.94 -9.17
CA ALA A 115 -3.81 -24.03 -9.52
C ALA A 115 -4.28 -22.59 -9.40
N LEU A 116 -3.58 -21.82 -8.57
CA LEU A 116 -3.89 -20.42 -8.37
C LEU A 116 -3.39 -19.60 -9.58
N GLY A 117 -4.34 -19.06 -10.34
CA GLY A 117 -4.03 -18.24 -11.51
C GLY A 117 -4.13 -19.04 -12.81
N GLY A 118 -4.36 -20.33 -12.69
CA GLY A 118 -4.37 -21.20 -13.85
C GLY A 118 -3.00 -21.85 -14.07
N ILE A 119 -2.91 -22.60 -15.16
CA ILE A 119 -1.76 -23.44 -15.40
C ILE A 119 -1.03 -22.92 -16.62
N PRO A 120 0.21 -22.39 -16.46
CA PRO A 120 0.98 -21.88 -17.58
C PRO A 120 1.30 -22.99 -18.56
N TYR A 121 1.43 -22.62 -19.82
CA TYR A 121 1.75 -23.54 -20.89
C TYR A 121 2.98 -24.38 -20.52
N SER A 122 3.98 -23.78 -19.85
CA SER A 122 5.27 -24.45 -19.65
C SER A 122 5.12 -25.60 -18.67
N GLN A 123 4.05 -25.54 -17.87
CA GLN A 123 3.82 -26.51 -16.81
C GLN A 123 2.99 -27.68 -17.33
N ILE A 124 2.61 -27.63 -18.60
CA ILE A 124 1.80 -28.67 -19.21
C ILE A 124 2.71 -29.64 -19.97
N TYR A 125 2.67 -30.91 -19.56
CA TYR A 125 3.58 -31.93 -20.06
C TYR A 125 3.10 -32.43 -21.41
N GLY A 126 1.78 -32.48 -21.58
CA GLY A 126 1.18 -33.00 -22.79
C GLY A 126 -0.33 -33.16 -22.63
N TRP A 127 -0.96 -33.84 -23.58
CA TRP A 127 -2.40 -34.02 -23.58
C TRP A 127 -2.80 -35.29 -24.31
N TYR A 128 -3.87 -35.92 -23.84
CA TYR A 128 -4.51 -37.02 -24.54
C TYR A 128 -5.78 -36.52 -25.20
N ARG A 129 -6.02 -37.01 -26.42
CA ARG A 129 -7.27 -36.78 -27.12
C ARG A 129 -8.29 -37.81 -26.66
N VAL A 130 -9.52 -37.35 -26.40
CA VAL A 130 -10.63 -38.24 -26.01
C VAL A 130 -11.75 -38.09 -27.05
N HIS A 131 -11.94 -39.14 -27.85
CA HIS A 131 -12.93 -39.12 -28.92
C HIS A 131 -14.09 -40.04 -28.55
N PHE A 132 -15.27 -39.45 -28.33
CA PHE A 132 -16.47 -40.19 -27.92
C PHE A 132 -16.15 -41.08 -26.71
N GLY A 133 -15.52 -40.49 -25.70
CA GLY A 133 -15.28 -41.17 -24.43
C GLY A 133 -14.02 -42.04 -24.45
N VAL A 134 -13.53 -42.35 -25.67
CA VAL A 134 -12.41 -43.26 -25.83
C VAL A 134 -11.12 -42.47 -25.77
N LEU A 135 -10.44 -42.54 -24.63
CA LEU A 135 -9.07 -42.08 -24.52
C LEU A 135 -8.25 -42.72 -25.64
N ASP A 136 -7.40 -41.92 -26.28
CA ASP A 136 -6.37 -42.43 -27.16
C ASP A 136 -5.03 -42.40 -26.43
N GLU A 137 -4.44 -43.59 -26.24
CA GLU A 137 -3.35 -43.77 -25.28
C GLU A 137 -2.03 -43.28 -25.87
N GLN A 138 -2.08 -42.60 -27.03
CA GLN A 138 -0.93 -41.91 -27.57
C GLN A 138 -0.94 -40.45 -27.09
N LEU A 139 -0.01 -40.14 -26.18
CA LEU A 139 0.13 -38.81 -25.61
C LEU A 139 0.84 -37.88 -26.61
N HIS A 140 0.32 -36.66 -26.73
N HIS A 140 0.36 -36.64 -26.71
CA HIS A 140 0.96 -35.63 -27.53
CA HIS A 140 1.08 -35.60 -27.44
C HIS A 140 1.76 -34.71 -26.61
C HIS A 140 1.91 -34.79 -26.46
N ARG A 141 3.07 -34.70 -26.78
N ARG A 141 3.23 -34.78 -26.69
CA ARG A 141 3.96 -34.05 -25.84
CA ARG A 141 4.17 -34.05 -25.85
C ARG A 141 4.11 -32.58 -26.23
C ARG A 141 4.13 -32.58 -26.23
N ASN A 142 4.06 -31.71 -25.22
CA ASN A 142 4.05 -30.27 -25.42
C ASN A 142 5.48 -29.76 -25.44
N ARG A 143 5.85 -29.09 -26.54
CA ARG A 143 7.21 -28.63 -26.78
C ARG A 143 7.52 -27.43 -25.89
N GLY A 144 6.48 -26.89 -25.22
CA GLY A 144 6.63 -25.73 -24.36
C GLY A 144 7.03 -26.12 -22.94
N TYR A 145 7.02 -27.44 -22.67
CA TYR A 145 7.22 -27.97 -21.32
C TYR A 145 8.72 -27.98 -20.98
N ARG A 146 9.03 -27.81 -19.68
N ARG A 146 9.03 -27.81 -19.68
CA ARG A 146 10.41 -27.90 -19.20
CA ARG A 146 10.41 -27.90 -19.21
C ARG A 146 10.48 -28.95 -18.09
C ARG A 146 10.48 -28.95 -18.09
N ASP A 147 10.94 -30.16 -18.45
CA ASP A 147 10.94 -31.29 -17.54
C ASP A 147 11.91 -31.04 -16.36
N ARG A 148 13.09 -30.48 -16.65
CA ARG A 148 14.13 -30.39 -15.64
C ARG A 148 13.71 -29.39 -14.57
N TYR A 149 12.99 -28.34 -14.96
CA TYR A 149 12.56 -27.30 -14.04
C TYR A 149 11.44 -27.85 -13.13
N TYR A 150 10.42 -28.47 -13.73
CA TYR A 150 9.17 -28.75 -13.02
C TYR A 150 9.30 -30.06 -12.23
N SER A 151 10.17 -30.96 -12.70
CA SER A 151 10.47 -32.19 -11.97
C SER A 151 11.15 -31.86 -10.63
N ASN A 152 11.62 -30.62 -10.50
CA ASN A 152 12.34 -30.20 -9.32
C ASN A 152 11.36 -29.57 -8.31
N LEU A 153 10.09 -29.45 -8.70
CA LEU A 153 9.13 -28.74 -7.87
C LEU A 153 8.03 -29.68 -7.41
N ASP A 154 7.39 -29.33 -6.29
CA ASP A 154 6.23 -30.04 -5.77
C ASP A 154 5.08 -29.06 -5.61
N ILE A 155 3.90 -29.56 -5.22
CA ILE A 155 2.79 -28.69 -4.94
C ILE A 155 3.09 -27.91 -3.68
N ALA A 156 2.28 -26.90 -3.41
CA ALA A 156 2.46 -26.05 -2.25
C ALA A 156 2.09 -26.83 -1.00
N PRO A 157 2.85 -26.67 0.12
CA PRO A 157 2.38 -27.08 1.43
C PRO A 157 1.06 -26.40 1.74
N ALA A 158 0.26 -27.04 2.60
CA ALA A 158 -1.03 -26.51 3.01
C ALA A 158 -0.83 -25.21 3.76
N ALA A 159 0.32 -25.09 4.45
CA ALA A 159 0.60 -23.94 5.28
C ALA A 159 0.71 -22.68 4.43
N ASP A 160 1.00 -22.85 3.14
CA ASP A 160 1.13 -21.73 2.23
C ASP A 160 -0.25 -21.33 1.69
N GLY A 161 -1.28 -22.13 2.05
CA GLY A 161 -2.59 -21.98 1.43
C GLY A 161 -3.65 -21.50 2.43
N TYR A 162 -3.31 -21.55 3.71
CA TYR A 162 -4.30 -21.34 4.76
C TYR A 162 -4.80 -19.89 4.69
N GLY A 163 -3.87 -18.94 4.55
CA GLY A 163 -4.17 -17.52 4.49
C GLY A 163 -5.01 -17.17 3.25
N LEU A 164 -4.94 -18.02 2.23
CA LEU A 164 -5.63 -17.78 0.96
C LEU A 164 -6.95 -18.55 0.94
N ALA A 165 -7.34 -19.10 2.07
CA ALA A 165 -8.42 -20.08 2.11
C ALA A 165 -9.71 -19.44 1.61
N GLY A 166 -9.99 -18.22 2.07
CA GLY A 166 -10.95 -17.36 1.42
C GLY A 166 -12.36 -17.53 1.99
N PHE A 167 -12.46 -18.09 3.19
CA PHE A 167 -13.72 -18.11 3.92
C PHE A 167 -14.17 -16.67 4.13
N PRO A 168 -15.49 -16.41 4.16
CA PRO A 168 -16.00 -15.10 4.52
C PRO A 168 -15.60 -14.79 5.95
N PRO A 169 -15.62 -13.50 6.38
CA PRO A 169 -15.05 -13.12 7.68
C PRO A 169 -15.77 -13.73 8.90
N GLU A 170 -17.08 -13.94 8.74
N GLU A 170 -17.08 -13.94 8.75
CA GLU A 170 -17.94 -14.37 9.83
CA GLU A 170 -17.92 -14.38 9.87
C GLU A 170 -17.81 -15.89 10.04
C GLU A 170 -17.79 -15.90 10.05
N HIS A 171 -17.12 -16.56 9.09
CA HIS A 171 -16.96 -18.03 9.11
C HIS A 171 -16.14 -18.45 10.34
N ARG A 172 -16.48 -19.63 10.90
CA ARG A 172 -15.89 -20.07 12.16
C ARG A 172 -14.48 -20.63 11.91
N ALA A 173 -14.16 -20.88 10.63
CA ALA A 173 -12.85 -21.38 10.27
C ALA A 173 -11.74 -20.44 10.77
N TRP A 174 -11.97 -19.12 10.65
CA TRP A 174 -10.97 -18.13 11.01
C TRP A 174 -10.71 -18.15 12.53
N ARG A 175 -11.61 -18.82 13.29
CA ARG A 175 -11.56 -18.80 14.75
C ARG A 175 -11.09 -20.18 15.28
N GLU A 176 -10.64 -21.05 14.36
CA GLU A 176 -10.16 -22.38 14.71
C GLU A 176 -8.79 -22.59 14.09
N GLU A 177 -8.06 -23.58 14.60
CA GLU A 177 -6.80 -24.01 13.99
C GLU A 177 -7.11 -24.89 12.77
N PRO A 178 -6.28 -24.84 11.72
CA PRO A 178 -5.03 -24.06 11.73
C PRO A 178 -5.18 -22.59 11.29
N TRP A 179 -6.35 -22.26 10.73
CA TRP A 179 -6.51 -21.06 9.91
C TRP A 179 -6.34 -19.79 10.75
N ILE A 180 -6.69 -19.87 12.04
CA ILE A 180 -6.74 -18.71 12.92
C ILE A 180 -5.39 -17.99 12.90
N HIS A 181 -4.31 -18.76 12.74
CA HIS A 181 -2.96 -18.23 12.87
C HIS A 181 -2.50 -17.63 11.55
N HIS A 182 -3.32 -17.79 10.50
CA HIS A 182 -2.98 -17.32 9.16
C HIS A 182 -4.06 -16.34 8.66
N ALA A 183 -5.02 -16.02 9.53
CA ALA A 183 -6.20 -15.27 9.14
C ALA A 183 -5.79 -13.89 8.59
N PRO A 184 -6.34 -13.45 7.43
CA PRO A 184 -6.17 -12.09 6.96
C PRO A 184 -6.78 -11.10 7.95
N PRO A 185 -6.38 -9.81 7.89
CA PRO A 185 -7.04 -8.76 8.67
C PRO A 185 -8.51 -8.66 8.32
N GLY A 186 -9.35 -8.45 9.36
CA GLY A 186 -10.77 -8.27 9.17
C GLY A 186 -11.52 -9.59 9.22
N CYS A 187 -10.77 -10.71 9.13
CA CYS A 187 -11.37 -12.04 9.16
C CYS A 187 -11.30 -12.58 10.59
N GLY A 188 -12.36 -13.33 10.99
CA GLY A 188 -12.44 -13.87 12.32
C GLY A 188 -12.80 -12.80 13.35
N ASN A 189 -12.04 -12.77 14.45
CA ASN A 189 -12.40 -11.96 15.61
C ASN A 189 -11.69 -10.60 15.56
N ALA A 190 -11.06 -10.29 14.42
CA ALA A 190 -10.57 -8.95 14.15
C ALA A 190 -11.75 -7.98 14.10
N PRO A 191 -11.67 -6.81 14.80
CA PRO A 191 -12.83 -5.93 14.98
C PRO A 191 -13.54 -5.55 13.67
N ARG A 192 -14.88 -5.53 13.73
CA ARG A 192 -15.71 -5.33 12.55
C ARG A 192 -15.25 -6.29 11.45
N SER A 193 -15.53 -7.57 11.64
CA SER A 193 -15.38 -8.55 10.59
C SER A 193 -16.69 -8.66 9.80
N SER A 194 -17.82 -8.48 10.50
CA SER A 194 -19.13 -8.66 9.91
C SER A 194 -19.50 -7.44 9.04
N MET A 195 -18.99 -6.26 9.42
CA MET A 195 -19.41 -5.00 8.80
C MET A 195 -18.39 -4.58 7.73
N SER A 196 -17.12 -4.47 8.13
CA SER A 196 -16.03 -4.26 7.17
C SER A 196 -16.16 -5.26 6.03
N ASN A 197 -15.60 -4.91 4.88
CA ASN A 197 -15.33 -5.88 3.83
C ASN A 197 -13.82 -6.05 3.70
N THR A 198 -13.10 -5.73 4.77
CA THR A 198 -11.64 -5.73 4.76
C THR A 198 -11.13 -7.14 4.51
N CYS A 199 -11.87 -8.14 5.01
CA CYS A 199 -11.48 -9.53 4.89
C CYS A 199 -11.36 -9.90 3.42
N ASP A 200 -12.48 -9.78 2.69
CA ASP A 200 -12.59 -10.28 1.33
C ASP A 200 -11.58 -9.54 0.44
N GLU A 201 -11.11 -8.39 0.91
CA GLU A 201 -10.19 -7.55 0.14
C GLU A 201 -8.77 -8.04 0.32
N LYS A 202 -8.39 -8.31 1.57
CA LYS A 202 -7.05 -8.75 1.89
C LYS A 202 -6.82 -10.14 1.29
N THR A 203 -7.88 -10.97 1.32
CA THR A 203 -7.88 -12.26 0.66
C THR A 203 -7.50 -12.07 -0.81
N GLN A 204 -8.15 -11.11 -1.47
CA GLN A 204 -7.95 -10.86 -2.88
C GLN A 204 -6.51 -10.40 -3.15
N SER A 205 -6.01 -9.52 -2.29
CA SER A 205 -4.72 -8.86 -2.53
C SER A 205 -3.57 -9.83 -2.23
N LEU A 206 -3.78 -10.71 -1.23
CA LEU A 206 -2.81 -11.74 -0.92
C LEU A 206 -2.76 -12.76 -2.04
N GLY A 207 -3.92 -12.98 -2.68
CA GLY A 207 -4.00 -13.86 -3.83
C GLY A 207 -3.25 -13.28 -5.03
N VAL A 208 -3.43 -11.96 -5.24
CA VAL A 208 -2.88 -11.29 -6.41
C VAL A 208 -1.36 -11.21 -6.27
N LYS A 209 -0.91 -11.00 -5.02
CA LYS A 209 0.51 -10.93 -4.75
C LYS A 209 1.14 -12.29 -5.04
N PHE A 210 0.45 -13.36 -4.67
CA PHE A 210 0.98 -14.70 -4.82
C PHE A 210 1.17 -14.99 -6.30
N LEU A 211 0.19 -14.62 -7.12
CA LEU A 211 0.21 -14.87 -8.54
C LEU A 211 1.32 -14.04 -9.20
N ASP A 212 1.46 -12.79 -8.72
CA ASP A 212 2.53 -11.92 -9.20
C ASP A 212 3.89 -12.60 -9.00
N GLU A 213 4.14 -13.08 -7.79
CA GLU A 213 5.43 -13.66 -7.45
C GLU A 213 5.64 -14.95 -8.25
N TYR A 214 4.55 -15.66 -8.53
CA TYR A 214 4.65 -16.94 -9.22
C TYR A 214 4.87 -16.70 -10.72
N GLN A 215 4.24 -15.63 -11.24
CA GLN A 215 4.41 -15.26 -12.64
C GLN A 215 5.86 -14.85 -12.90
N SER A 216 6.53 -14.32 -11.86
CA SER A 216 7.90 -13.87 -11.98
C SER A 216 8.83 -15.07 -12.15
N LYS A 217 8.47 -16.18 -11.51
CA LYS A 217 9.27 -17.39 -11.56
C LYS A 217 9.15 -18.02 -12.96
N VAL A 218 7.94 -17.99 -13.50
CA VAL A 218 7.66 -18.59 -14.79
C VAL A 218 8.41 -17.82 -15.86
N LYS A 219 8.23 -16.49 -15.85
CA LYS A 219 8.92 -15.60 -16.79
C LYS A 219 10.42 -15.86 -16.75
N ARG A 220 10.98 -15.98 -15.55
CA ARG A 220 12.41 -16.07 -15.40
C ARG A 220 12.92 -17.37 -16.05
N GLN A 221 12.16 -18.45 -15.91
CA GLN A 221 12.58 -19.74 -16.44
C GLN A 221 12.42 -19.74 -17.96
N ILE A 222 11.22 -19.40 -18.43
CA ILE A 222 10.89 -19.54 -19.85
C ILE A 222 11.66 -18.49 -20.66
N PHE A 223 11.64 -17.24 -20.20
CA PHE A 223 12.13 -16.13 -21.02
C PHE A 223 13.67 -16.07 -20.96
N SER A 224 14.28 -16.74 -19.96
CA SER A 224 15.73 -16.92 -19.92
C SER A 224 16.16 -17.94 -20.96
N GLY A 225 15.41 -19.03 -21.04
CA GLY A 225 15.58 -20.00 -22.13
C GLY A 225 15.61 -19.31 -23.48
N TYR A 226 14.70 -18.34 -23.68
CA TYR A 226 14.51 -17.70 -24.99
C TYR A 226 15.70 -16.79 -25.33
N GLN A 227 16.52 -16.47 -24.33
CA GLN A 227 17.59 -15.50 -24.51
C GLN A 227 18.95 -16.18 -24.39
N SER A 228 18.95 -17.52 -24.46
CA SER A 228 20.16 -18.31 -24.25
C SER A 228 20.87 -18.54 -25.57
N ASP A 229 20.45 -17.79 -26.61
CA ASP A 229 21.07 -17.86 -27.94
C ASP A 229 22.08 -16.71 -28.10
N ILE A 230 22.05 -15.74 -27.17
CA ILE A 230 22.79 -14.50 -27.30
C ILE A 230 24.29 -14.80 -27.27
N ASP A 231 25.00 -14.31 -28.29
CA ASP A 231 26.45 -14.37 -28.33
C ASP A 231 26.99 -12.95 -28.39
N THR A 232 27.70 -12.54 -27.35
CA THR A 232 28.18 -11.17 -27.25
C THR A 232 29.32 -10.96 -28.25
N HIS A 233 30.05 -12.03 -28.56
CA HIS A 233 31.27 -11.93 -29.36
C HIS A 233 30.95 -11.41 -30.76
N ASN A 234 29.79 -11.83 -31.33
CA ASN A 234 29.35 -11.37 -32.64
C ASN A 234 29.31 -9.84 -32.69
N ARG A 235 28.64 -9.23 -31.70
CA ARG A 235 28.36 -7.81 -31.71
C ARG A 235 29.64 -7.02 -31.41
N ILE A 236 30.56 -7.61 -30.64
CA ILE A 236 31.79 -6.93 -30.24
C ILE A 236 32.96 -7.39 -31.13
N LYS A 237 32.63 -7.96 -32.30
CA LYS A 237 33.51 -7.97 -33.45
C LYS A 237 32.69 -7.78 -34.74
N THR B 1 22.68 14.98 -18.40
CA THR B 1 22.38 13.58 -18.79
C THR B 1 20.94 13.25 -18.43
N PRO B 2 20.11 12.83 -19.40
CA PRO B 2 18.69 12.58 -19.14
C PRO B 2 18.48 11.38 -18.23
N GLN B 3 17.39 11.42 -17.47
CA GLN B 3 17.08 10.35 -16.51
C GLN B 3 15.90 9.54 -17.00
N ASN B 4 15.34 9.93 -18.16
CA ASN B 4 14.22 9.20 -18.74
C ASN B 4 14.12 9.53 -20.22
N ILE B 5 13.26 8.81 -20.92
CA ILE B 5 13.20 8.85 -22.37
C ILE B 5 12.66 10.21 -22.82
N THR B 6 11.76 10.80 -22.01
CA THR B 6 11.14 12.06 -22.35
C THR B 6 12.18 13.17 -22.37
N ASP B 7 13.04 13.19 -21.34
CA ASP B 7 14.10 14.19 -21.24
C ASP B 7 15.09 14.01 -22.38
N LEU B 8 15.38 12.74 -22.71
CA LEU B 8 16.32 12.41 -23.77
C LEU B 8 15.78 12.94 -25.10
N CYS B 9 14.49 12.66 -25.36
N CYS B 9 14.49 12.66 -25.36
CA CYS B 9 13.87 12.98 -26.64
CA CYS B 9 13.87 12.97 -26.63
C CYS B 9 13.88 14.49 -26.87
C CYS B 9 13.89 14.48 -26.86
N ALA B 10 13.79 15.26 -25.77
CA ALA B 10 13.63 16.70 -25.84
C ALA B 10 14.93 17.38 -26.25
N GLU B 11 16.03 16.60 -26.33
N GLU B 11 16.03 16.61 -26.32
CA GLU B 11 17.34 17.16 -26.63
CA GLU B 11 17.34 17.16 -26.63
C GLU B 11 17.53 17.27 -28.14
C GLU B 11 17.53 17.27 -28.14
N TYR B 12 16.57 16.73 -28.91
CA TYR B 12 16.70 16.65 -30.36
C TYR B 12 15.53 17.40 -31.01
N HIS B 13 15.78 18.04 -32.16
CA HIS B 13 14.78 18.92 -32.76
C HIS B 13 13.72 18.09 -33.50
N ASN B 14 14.14 17.00 -34.17
CA ASN B 14 13.28 16.31 -35.12
C ASN B 14 12.65 15.05 -34.50
N THR B 15 12.47 15.07 -33.17
N THR B 15 12.48 15.06 -33.18
CA THR B 15 12.04 13.89 -32.44
CA THR B 15 12.04 13.89 -32.44
C THR B 15 10.72 14.18 -31.77
C THR B 15 10.72 14.18 -31.77
N GLN B 16 9.99 13.11 -31.43
CA GLN B 16 8.80 13.21 -30.61
C GLN B 16 8.58 11.92 -29.86
N ILE B 17 7.79 11.99 -28.79
CA ILE B 17 7.45 10.82 -28.01
C ILE B 17 6.09 10.30 -28.46
N HIS B 18 6.01 8.99 -28.63
CA HIS B 18 4.73 8.29 -28.68
C HIS B 18 4.58 7.49 -27.40
N THR B 19 3.39 7.58 -26.78
CA THR B 19 3.06 6.77 -25.62
C THR B 19 2.12 5.67 -26.05
N LEU B 20 2.55 4.41 -25.87
CA LEU B 20 1.83 3.27 -26.41
C LEU B 20 1.23 2.46 -25.27
N ASN B 21 2.03 2.19 -24.24
CA ASN B 21 1.63 1.33 -23.13
C ASN B 21 0.93 0.09 -23.67
N ASP B 22 1.60 -0.61 -24.58
CA ASP B 22 1.05 -1.80 -25.19
C ASP B 22 2.19 -2.67 -25.73
N LYS B 23 1.94 -3.96 -25.88
CA LYS B 23 2.89 -4.87 -26.49
C LYS B 23 2.91 -4.65 -28.01
N ILE B 24 4.02 -5.05 -28.63
CA ILE B 24 4.16 -4.97 -30.08
C ILE B 24 3.22 -5.99 -30.71
N PHE B 25 2.53 -5.57 -31.78
CA PHE B 25 1.54 -6.41 -32.44
C PHE B 25 2.22 -7.25 -33.51
N SER B 26 3.16 -6.64 -34.26
CA SER B 26 3.85 -7.33 -35.33
C SER B 26 5.31 -6.90 -35.39
N TYR B 27 6.17 -7.85 -35.78
CA TYR B 27 7.59 -7.59 -35.97
C TYR B 27 8.00 -8.10 -37.34
N THR B 28 8.69 -7.24 -38.11
CA THR B 28 9.13 -7.56 -39.45
C THR B 28 10.62 -7.28 -39.58
N GLU B 29 11.31 -8.13 -40.35
CA GLU B 29 12.77 -8.06 -40.46
C GLU B 29 13.17 -8.43 -41.90
N SER B 30 14.13 -7.67 -42.46
CA SER B 30 14.48 -7.81 -43.86
C SER B 30 16.01 -7.86 -44.03
N LEU B 31 16.45 -8.71 -44.98
CA LEU B 31 17.86 -8.79 -45.34
C LEU B 31 18.04 -8.39 -46.81
N ALA B 32 16.96 -7.88 -47.45
CA ALA B 32 17.03 -7.47 -48.84
C ALA B 32 17.94 -6.25 -48.96
N GLY B 33 18.74 -6.22 -50.04
CA GLY B 33 19.75 -5.20 -50.23
C GLY B 33 19.13 -3.80 -50.20
N LYS B 34 19.72 -2.92 -49.37
CA LYS B 34 19.33 -1.52 -49.27
C LYS B 34 18.07 -1.38 -48.41
N ARG B 35 17.59 -2.51 -47.86
CA ARG B 35 16.42 -2.50 -46.99
C ARG B 35 16.65 -3.41 -45.80
N GLU B 36 17.88 -3.40 -45.29
CA GLU B 36 18.23 -4.17 -44.11
C GLU B 36 17.71 -3.43 -42.87
N MET B 37 16.47 -3.69 -42.51
CA MET B 37 15.74 -2.85 -41.57
C MET B 37 14.77 -3.71 -40.77
N ALA B 38 14.12 -3.10 -39.78
CA ALA B 38 13.06 -3.75 -39.03
C ALA B 38 11.87 -2.81 -38.94
N ILE B 39 10.66 -3.40 -38.91
CA ILE B 39 9.42 -2.65 -38.77
C ILE B 39 8.59 -3.29 -37.66
N ILE B 40 8.01 -2.45 -36.80
CA ILE B 40 7.06 -2.91 -35.80
C ILE B 40 5.76 -2.13 -35.95
N THR B 41 4.65 -2.79 -35.57
CA THR B 41 3.35 -2.12 -35.52
C THR B 41 2.71 -2.40 -34.18
N PHE B 42 1.82 -1.50 -33.77
CA PHE B 42 0.94 -1.73 -32.63
C PHE B 42 -0.48 -1.90 -33.12
N LYS B 43 -1.36 -2.42 -32.24
CA LYS B 43 -2.67 -2.87 -32.67
C LYS B 43 -3.54 -1.66 -33.05
N ASN B 44 -3.15 -0.47 -32.57
CA ASN B 44 -3.85 0.76 -32.92
C ASN B 44 -3.42 1.23 -34.32
N GLY B 45 -2.44 0.55 -34.92
CA GLY B 45 -2.09 0.78 -36.31
C GLY B 45 -0.77 1.56 -36.46
N ALA B 46 -0.25 2.08 -35.34
CA ALA B 46 1.00 2.83 -35.35
C ALA B 46 2.14 1.94 -35.86
N THR B 47 3.02 2.53 -36.67
CA THR B 47 4.05 1.79 -37.38
C THR B 47 5.38 2.53 -37.26
N PHE B 48 6.44 1.78 -36.95
CA PHE B 48 7.75 2.35 -36.70
C PHE B 48 8.81 1.49 -37.36
N GLN B 49 9.93 2.12 -37.74
CA GLN B 49 11.05 1.42 -38.33
C GLN B 49 12.29 1.62 -37.46
N VAL B 50 13.21 0.66 -37.55
CA VAL B 50 14.61 0.92 -37.32
C VAL B 50 15.28 1.13 -38.67
N GLU B 51 15.87 2.33 -38.85
CA GLU B 51 16.36 2.77 -40.14
C GLU B 51 17.49 1.83 -40.61
N VAL B 52 17.60 1.68 -41.93
CA VAL B 52 18.80 1.16 -42.56
C VAL B 52 19.98 2.03 -42.14
N PRO B 53 21.08 1.44 -41.65
CA PRO B 53 22.28 2.22 -41.32
C PRO B 53 22.70 3.04 -42.55
N GLY B 54 23.02 4.30 -42.33
CA GLY B 54 23.36 5.22 -43.41
C GLY B 54 24.31 6.31 -42.93
N SER B 55 24.53 7.31 -43.79
CA SER B 55 25.55 8.32 -43.55
C SER B 55 25.05 9.35 -42.53
N GLN B 56 23.76 9.26 -42.16
CA GLN B 56 23.18 10.14 -41.15
C GLN B 56 23.46 9.58 -39.75
N HIS B 57 24.04 8.37 -39.69
CA HIS B 57 24.40 7.75 -38.42
C HIS B 57 25.91 7.88 -38.21
N ILE B 58 26.31 8.26 -37.00
CA ILE B 58 27.71 8.25 -36.61
C ILE B 58 28.07 6.83 -36.15
N ASP B 59 29.36 6.58 -35.95
CA ASP B 59 29.86 5.22 -35.83
C ASP B 59 29.28 4.56 -34.58
N SER B 60 29.06 5.37 -33.53
CA SER B 60 28.65 4.85 -32.24
C SER B 60 27.18 4.37 -32.30
N GLN B 61 26.45 4.82 -33.34
CA GLN B 61 25.06 4.46 -33.49
C GLN B 61 24.92 3.08 -34.15
N LYS B 62 25.94 2.66 -34.87
CA LYS B 62 25.85 1.45 -35.69
C LYS B 62 25.55 0.26 -34.80
N LYS B 63 26.29 0.15 -33.68
CA LYS B 63 26.14 -0.96 -32.77
C LYS B 63 24.78 -0.86 -32.06
N ALA B 64 24.29 0.37 -31.88
CA ALA B 64 23.06 0.61 -31.12
C ALA B 64 21.84 0.26 -31.99
N ILE B 65 21.96 0.46 -33.29
CA ILE B 65 20.93 0.06 -34.23
C ILE B 65 20.74 -1.45 -34.15
N GLU B 66 21.84 -2.18 -34.14
CA GLU B 66 21.81 -3.64 -34.05
C GLU B 66 21.18 -4.06 -32.72
N ARG B 67 21.55 -3.36 -31.64
N ARG B 67 21.55 -3.37 -31.65
CA ARG B 67 21.02 -3.65 -30.32
CA ARG B 67 21.02 -3.65 -30.32
C ARG B 67 19.51 -3.45 -30.32
C ARG B 67 19.51 -3.45 -30.32
N MET B 68 19.05 -2.36 -30.94
CA MET B 68 17.64 -2.00 -30.92
C MET B 68 16.81 -3.09 -31.63
N LYS B 69 17.34 -3.62 -32.74
CA LYS B 69 16.66 -4.66 -33.49
C LYS B 69 16.55 -5.93 -32.63
N ASP B 70 17.62 -6.22 -31.86
CA ASP B 70 17.59 -7.31 -30.89
C ASP B 70 16.46 -7.09 -29.88
N THR B 71 16.41 -5.87 -29.34
CA THR B 71 15.51 -5.55 -28.24
C THR B 71 14.06 -5.72 -28.71
N LEU B 72 13.77 -5.27 -29.92
CA LEU B 72 12.42 -5.28 -30.45
C LEU B 72 11.98 -6.72 -30.70
N ARG B 73 12.89 -7.55 -31.23
CA ARG B 73 12.57 -8.94 -31.49
C ARG B 73 12.17 -9.61 -30.17
N ILE B 74 12.98 -9.42 -29.12
CA ILE B 74 12.76 -10.14 -27.88
C ILE B 74 11.56 -9.52 -27.15
N ALA B 75 11.36 -8.22 -27.31
CA ALA B 75 10.19 -7.55 -26.77
C ALA B 75 8.92 -8.15 -27.38
N TYR B 76 8.96 -8.36 -28.70
CA TYR B 76 7.81 -8.89 -29.39
C TYR B 76 7.47 -10.27 -28.83
N LEU B 77 8.50 -11.11 -28.67
CA LEU B 77 8.30 -12.53 -28.39
C LEU B 77 7.89 -12.73 -26.94
N THR B 78 8.31 -11.82 -26.04
CA THR B 78 7.99 -11.94 -24.62
C THR B 78 6.72 -11.14 -24.31
N GLU B 79 6.19 -10.46 -25.31
CA GLU B 79 4.97 -9.67 -25.15
C GLU B 79 5.19 -8.59 -24.09
N ALA B 80 6.41 -8.04 -24.04
CA ALA B 80 6.73 -6.95 -23.13
C ALA B 80 5.96 -5.70 -23.51
N LYS B 81 5.41 -5.01 -22.50
CA LYS B 81 4.68 -3.76 -22.72
C LYS B 81 5.70 -2.66 -22.99
N VAL B 82 5.55 -2.01 -24.15
CA VAL B 82 6.33 -0.82 -24.46
C VAL B 82 5.59 0.40 -23.90
N GLU B 83 6.31 1.21 -23.13
CA GLU B 83 5.76 2.41 -22.55
C GLU B 83 5.77 3.52 -23.60
N LYS B 84 6.98 3.98 -23.96
CA LYS B 84 7.14 5.09 -24.88
C LYS B 84 8.17 4.75 -25.95
N LEU B 85 7.96 5.31 -27.15
CA LEU B 85 9.00 5.39 -28.15
C LEU B 85 9.39 6.86 -28.35
N CYS B 86 10.69 7.11 -28.43
N CYS B 86 10.69 7.11 -28.43
CA CYS B 86 11.21 8.35 -28.98
CA CYS B 86 11.21 8.35 -28.99
C CYS B 86 11.62 8.11 -30.43
C CYS B 86 11.62 8.11 -30.43
N VAL B 87 11.08 8.93 -31.34
CA VAL B 87 11.23 8.69 -32.79
C VAL B 87 11.61 9.99 -33.48
N TRP B 88 12.40 9.88 -34.55
CA TRP B 88 12.55 10.95 -35.53
C TRP B 88 11.33 10.99 -36.45
N ASN B 89 10.74 12.19 -36.59
CA ASN B 89 9.44 12.31 -37.26
C ASN B 89 9.63 12.94 -38.64
N ASN B 90 10.88 13.02 -39.11
CA ASN B 90 11.17 13.44 -40.47
C ASN B 90 11.39 12.21 -41.36
N LYS B 91 10.81 11.06 -40.95
CA LYS B 91 10.85 9.86 -41.76
C LYS B 91 9.46 9.22 -41.75
N THR B 92 9.18 8.44 -42.79
CA THR B 92 7.98 7.63 -42.85
C THR B 92 8.37 6.19 -43.20
N PRO B 93 8.04 5.21 -42.34
CA PRO B 93 7.47 5.49 -41.02
C PRO B 93 8.47 6.14 -40.07
N HIS B 94 7.98 6.62 -38.93
CA HIS B 94 8.84 7.28 -37.95
C HIS B 94 9.95 6.31 -37.51
N ALA B 95 11.14 6.85 -37.29
CA ALA B 95 12.31 6.06 -37.01
C ALA B 95 12.61 6.08 -35.51
N ILE B 96 12.77 4.88 -34.93
CA ILE B 96 12.97 4.73 -33.50
C ILE B 96 14.36 5.26 -33.11
N ALA B 97 14.39 6.09 -32.08
CA ALA B 97 15.63 6.60 -31.50
C ALA B 97 15.86 6.00 -30.12
N ALA B 98 14.76 5.74 -29.40
CA ALA B 98 14.83 5.14 -28.08
C ALA B 98 13.52 4.44 -27.74
N ILE B 99 13.61 3.45 -26.84
CA ILE B 99 12.45 2.73 -26.36
C ILE B 99 12.52 2.68 -24.83
N SER B 100 11.35 2.74 -24.19
CA SER B 100 11.26 2.51 -22.77
C SER B 100 10.20 1.44 -22.49
N MET B 101 10.53 0.54 -21.56
CA MET B 101 9.63 -0.51 -21.17
C MET B 101 9.43 -0.47 -19.65
N ALA B 102 8.16 -0.47 -19.25
CA ALA B 102 7.77 -0.68 -17.87
C ALA B 102 6.42 -1.39 -17.85
N ASN B 103 6.21 -2.24 -16.84
CA ASN B 103 4.95 -2.96 -16.69
C ASN B 103 3.88 -2.01 -16.19
N THR C 1 42.19 -10.44 -6.42
CA THR C 1 40.98 -10.57 -7.27
C THR C 1 39.76 -10.70 -6.37
N PRO C 2 38.76 -9.81 -6.51
CA PRO C 2 37.58 -9.83 -5.64
C PRO C 2 36.73 -11.08 -5.84
N GLN C 3 36.05 -11.49 -4.76
CA GLN C 3 35.25 -12.71 -4.79
C GLN C 3 33.76 -12.35 -4.75
N ASN C 4 33.46 -11.05 -4.67
CA ASN C 4 32.09 -10.58 -4.66
C ASN C 4 32.06 -9.11 -5.06
N ILE C 5 30.85 -8.60 -5.27
CA ILE C 5 30.66 -7.28 -5.87
C ILE C 5 31.11 -6.21 -4.89
N THR C 6 30.95 -6.48 -3.59
CA THR C 6 31.28 -5.51 -2.55
C THR C 6 32.80 -5.28 -2.54
N ASP C 7 33.56 -6.38 -2.62
CA ASP C 7 35.02 -6.30 -2.64
C ASP C 7 35.48 -5.59 -3.92
N LEU C 8 34.80 -5.88 -5.03
CA LEU C 8 35.13 -5.29 -6.31
C LEU C 8 34.92 -3.78 -6.24
N CYS C 9 33.78 -3.36 -5.68
N CYS C 9 33.78 -3.36 -5.68
CA CYS C 9 33.39 -1.96 -5.64
CA CYS C 9 33.39 -1.96 -5.64
C CYS C 9 34.43 -1.16 -4.85
C CYS C 9 34.43 -1.16 -4.85
N ALA C 10 35.03 -1.79 -3.84
CA ALA C 10 35.91 -1.11 -2.90
C ALA C 10 37.26 -0.79 -3.54
N GLU C 11 37.50 -1.31 -4.75
CA GLU C 11 38.77 -1.15 -5.43
C GLU C 11 38.81 0.17 -6.20
N TYR C 12 37.66 0.86 -6.28
CA TYR C 12 37.52 2.01 -7.15
C TYR C 12 37.15 3.23 -6.33
N HIS C 13 37.75 4.39 -6.69
CA HIS C 13 37.33 5.66 -6.15
C HIS C 13 35.97 6.03 -6.74
N ASN C 14 35.13 6.62 -5.91
CA ASN C 14 33.90 7.27 -6.36
C ASN C 14 32.86 6.21 -6.70
N THR C 15 32.91 5.07 -6.00
CA THR C 15 31.92 4.03 -6.19
C THR C 15 31.17 3.79 -4.90
N GLN C 16 29.99 3.19 -5.00
CA GLN C 16 29.24 2.76 -3.84
C GLN C 16 28.33 1.61 -4.24
N ILE C 17 27.90 0.86 -3.23
CA ILE C 17 26.98 -0.24 -3.41
C ILE C 17 25.57 0.25 -3.12
N HIS C 18 24.64 -0.11 -3.99
CA HIS C 18 23.23 -0.05 -3.67
C HIS C 18 22.72 -1.48 -3.53
N THR C 19 21.98 -1.74 -2.46
CA THR C 19 21.32 -3.01 -2.26
C THR C 19 19.84 -2.83 -2.56
N LEU C 20 19.35 -3.57 -3.56
CA LEU C 20 18.02 -3.36 -4.09
C LEU C 20 17.14 -4.53 -3.73
N ASN C 21 17.66 -5.75 -3.95
CA ASN C 21 16.89 -6.97 -3.75
C ASN C 21 15.49 -6.78 -4.34
N ASP C 22 15.45 -6.40 -5.63
CA ASP C 22 14.20 -6.19 -6.32
C ASP C 22 14.43 -6.31 -7.82
N LYS C 23 13.35 -6.61 -8.54
CA LYS C 23 13.39 -6.63 -10.00
C LYS C 23 13.41 -5.20 -10.53
N ILE C 24 13.91 -5.05 -11.76
CA ILE C 24 13.94 -3.78 -12.45
C ILE C 24 12.51 -3.37 -12.80
N PHE C 25 12.18 -2.09 -12.57
CA PHE C 25 10.84 -1.60 -12.80
C PHE C 25 10.70 -1.13 -14.25
N SER C 26 11.73 -0.44 -14.77
CA SER C 26 11.68 0.09 -16.13
C SER C 26 13.05 -0.04 -16.79
N TYR C 27 13.05 -0.25 -18.12
CA TYR C 27 14.26 -0.33 -18.92
C TYR C 27 14.11 0.59 -20.12
N THR C 28 15.13 1.43 -20.34
CA THR C 28 15.12 2.39 -21.44
C THR C 28 16.42 2.25 -22.23
N GLU C 29 16.32 2.43 -23.56
CA GLU C 29 17.43 2.15 -24.47
C GLU C 29 17.38 3.14 -25.62
N SER C 30 18.55 3.71 -25.98
CA SER C 30 18.61 4.81 -26.96
C SER C 30 19.71 4.54 -27.97
N LEU C 31 19.44 4.89 -29.24
CA LEU C 31 20.44 4.86 -30.29
C LEU C 31 20.62 6.27 -30.87
N ALA C 32 20.07 7.28 -30.20
CA ALA C 32 20.26 8.67 -30.61
C ALA C 32 21.75 9.06 -30.44
N GLY C 33 22.26 9.82 -31.41
CA GLY C 33 23.67 10.12 -31.50
C GLY C 33 24.15 10.82 -30.24
N LYS C 34 25.25 10.30 -29.64
CA LYS C 34 25.87 10.88 -28.46
C LYS C 34 25.10 10.51 -27.20
N ARG C 35 24.04 9.70 -27.35
CA ARG C 35 23.25 9.25 -26.22
C ARG C 35 22.92 7.77 -26.36
N GLU C 36 23.90 7.00 -26.86
CA GLU C 36 23.76 5.57 -27.00
C GLU C 36 23.96 4.91 -25.64
N MET C 37 22.88 4.81 -24.87
CA MET C 37 22.95 4.50 -23.46
C MET C 37 21.73 3.69 -23.04
N ALA C 38 21.75 3.21 -21.79
CA ALA C 38 20.61 2.53 -21.20
C ALA C 38 20.33 3.12 -19.82
N ILE C 39 19.05 3.16 -19.45
CA ILE C 39 18.62 3.65 -18.14
C ILE C 39 17.67 2.62 -17.54
N ILE C 40 17.86 2.31 -16.24
CA ILE C 40 16.94 1.46 -15.51
C ILE C 40 16.47 2.21 -14.27
N THR C 41 15.25 1.88 -13.81
N THR C 41 15.25 1.88 -13.81
CA THR C 41 14.72 2.40 -12.56
CA THR C 41 14.72 2.41 -12.57
C THR C 41 14.17 1.24 -11.74
C THR C 41 14.17 1.25 -11.73
N PHE C 42 14.14 1.44 -10.42
CA PHE C 42 13.45 0.55 -9.51
C PHE C 42 12.22 1.28 -8.94
N LYS C 43 11.31 0.52 -8.35
CA LYS C 43 10.01 1.04 -7.98
C LYS C 43 10.15 2.05 -6.84
N ASN C 44 11.29 1.98 -6.11
CA ASN C 44 11.56 2.90 -5.02
C ASN C 44 12.08 4.23 -5.59
N GLY C 45 12.28 4.29 -6.91
CA GLY C 45 12.57 5.55 -7.59
C GLY C 45 14.04 5.67 -7.99
N ALA C 46 14.87 4.74 -7.51
CA ALA C 46 16.29 4.73 -7.83
C ALA C 46 16.47 4.57 -9.35
N THR C 47 17.44 5.31 -9.90
CA THR C 47 17.64 5.41 -11.33
C THR C 47 19.13 5.27 -11.63
N PHE C 48 19.45 4.46 -12.64
CA PHE C 48 20.84 4.13 -12.96
C PHE C 48 21.01 4.14 -14.47
N GLN C 49 22.22 4.44 -14.92
CA GLN C 49 22.55 4.43 -16.34
C GLN C 49 23.70 3.46 -16.59
N VAL C 50 23.75 2.94 -17.83
CA VAL C 50 24.99 2.51 -18.42
C VAL C 50 25.50 3.65 -19.31
N GLU C 51 26.70 4.14 -19.01
CA GLU C 51 27.24 5.34 -19.62
C GLU C 51 27.43 5.11 -21.12
N VAL C 52 27.28 6.19 -21.89
CA VAL C 52 27.77 6.25 -23.26
C VAL C 52 29.26 5.97 -23.25
N PRO C 53 29.75 5.03 -24.10
CA PRO C 53 31.18 4.83 -24.26
C PRO C 53 31.89 6.16 -24.53
N GLY C 54 32.99 6.39 -23.81
CA GLY C 54 33.69 7.66 -23.89
C GLY C 54 35.16 7.50 -23.53
N SER C 55 35.86 8.63 -23.37
CA SER C 55 37.31 8.63 -23.21
C SER C 55 37.68 8.24 -21.78
N GLN C 56 36.68 8.11 -20.90
CA GLN C 56 36.91 7.68 -19.53
C GLN C 56 36.93 6.15 -19.46
N HIS C 57 36.62 5.49 -20.59
CA HIS C 57 36.64 4.04 -20.67
C HIS C 57 37.89 3.60 -21.44
N ILE C 58 38.56 2.58 -20.91
CA ILE C 58 39.63 1.92 -21.64
C ILE C 58 39.01 0.89 -22.59
N ASP C 59 39.83 0.38 -23.51
CA ASP C 59 39.33 -0.36 -24.66
C ASP C 59 38.66 -1.65 -24.19
N SER C 60 39.16 -2.23 -23.09
CA SER C 60 38.70 -3.51 -22.61
C SER C 60 37.29 -3.38 -21.99
N GLN C 61 36.89 -2.14 -21.69
CA GLN C 61 35.59 -1.88 -21.08
C GLN C 61 34.49 -1.86 -22.14
N LYS C 62 34.87 -1.59 -23.40
CA LYS C 62 33.90 -1.34 -24.46
C LYS C 62 32.99 -2.56 -24.61
N LYS C 63 33.59 -3.75 -24.63
N LYS C 63 33.59 -3.75 -24.63
CA LYS C 63 32.84 -4.98 -24.83
CA LYS C 63 32.85 -4.99 -24.82
C LYS C 63 31.97 -5.24 -23.60
C LYS C 63 31.97 -5.24 -23.60
N ALA C 64 32.43 -4.81 -22.42
CA ALA C 64 31.76 -5.10 -21.17
C ALA C 64 30.54 -4.18 -20.99
N ILE C 65 30.64 -2.97 -21.53
CA ILE C 65 29.51 -2.05 -21.55
C ILE C 65 28.36 -2.66 -22.36
N GLU C 66 28.71 -3.23 -23.52
CA GLU C 66 27.72 -3.86 -24.38
C GLU C 66 27.09 -5.07 -23.66
N ARG C 67 27.94 -5.83 -22.97
CA ARG C 67 27.47 -6.99 -22.23
C ARG C 67 26.48 -6.56 -21.14
N MET C 68 26.82 -5.46 -20.44
CA MET C 68 26.03 -5.01 -19.30
C MET C 68 24.62 -4.59 -19.78
N LYS C 69 24.55 -3.95 -20.94
CA LYS C 69 23.27 -3.53 -21.50
C LYS C 69 22.43 -4.76 -21.85
N ASP C 70 23.09 -5.81 -22.35
CA ASP C 70 22.43 -7.09 -22.58
C ASP C 70 21.87 -7.63 -21.26
N THR C 71 22.69 -7.62 -20.22
CA THR C 71 22.35 -8.24 -18.95
C THR C 71 21.12 -7.57 -18.36
N LEU C 72 21.08 -6.23 -18.44
CA LEU C 72 20.00 -5.46 -17.86
C LEU C 72 18.69 -5.72 -18.62
N ARG C 73 18.77 -5.79 -19.94
CA ARG C 73 17.61 -6.07 -20.76
C ARG C 73 17.01 -7.41 -20.35
N ILE C 74 17.86 -8.44 -20.24
CA ILE C 74 17.41 -9.81 -19.96
C ILE C 74 16.89 -9.87 -18.53
N ALA C 75 17.57 -9.16 -17.63
CA ALA C 75 17.15 -9.10 -16.24
C ALA C 75 15.75 -8.50 -16.16
N TYR C 76 15.52 -7.42 -16.91
CA TYR C 76 14.25 -6.74 -16.90
C TYR C 76 13.15 -7.71 -17.33
N LEU C 77 13.39 -8.43 -18.42
CA LEU C 77 12.35 -9.18 -19.11
C LEU C 77 12.03 -10.46 -18.34
N THR C 78 13.01 -11.00 -17.61
CA THR C 78 12.81 -12.24 -16.85
C THR C 78 12.38 -11.92 -15.43
N GLU C 79 12.33 -10.62 -15.10
CA GLU C 79 11.90 -10.17 -13.78
C GLU C 79 12.84 -10.76 -12.73
N ALA C 80 14.12 -10.90 -13.08
CA ALA C 80 15.14 -11.38 -12.16
C ALA C 80 15.35 -10.36 -11.05
N LYS C 81 15.47 -10.84 -9.82
N LYS C 81 15.47 -10.85 -9.81
CA LYS C 81 15.79 -10.00 -8.68
CA LYS C 81 15.80 -10.01 -8.67
C LYS C 81 17.26 -9.59 -8.75
C LYS C 81 17.27 -9.60 -8.76
N VAL C 82 17.51 -8.28 -8.77
CA VAL C 82 18.84 -7.75 -8.65
C VAL C 82 19.16 -7.59 -7.17
N GLU C 83 20.32 -8.14 -6.76
CA GLU C 83 20.75 -8.04 -5.38
C GLU C 83 21.39 -6.67 -5.14
N LYS C 84 22.56 -6.44 -5.77
CA LYS C 84 23.33 -5.23 -5.55
C LYS C 84 23.77 -4.63 -6.89
N LEU C 85 23.86 -3.30 -6.93
CA LEU C 85 24.59 -2.59 -7.98
C LEU C 85 25.81 -1.91 -7.36
N CYS C 86 26.96 -2.03 -8.04
N CYS C 86 26.96 -2.03 -8.04
CA CYS C 86 28.08 -1.15 -7.80
CA CYS C 86 28.08 -1.15 -7.80
C CYS C 86 28.08 -0.05 -8.86
C CYS C 86 28.08 -0.05 -8.86
N VAL C 87 28.10 1.21 -8.38
CA VAL C 87 27.93 2.36 -9.27
C VAL C 87 28.98 3.42 -8.94
N TRP C 88 29.38 4.16 -9.98
CA TRP C 88 30.08 5.43 -9.80
C TRP C 88 29.08 6.52 -9.44
N ASN C 89 29.36 7.25 -8.35
CA ASN C 89 28.41 8.20 -7.77
C ASN C 89 28.84 9.64 -8.11
N ASN C 90 29.82 9.78 -9.01
CA ASN C 90 30.20 11.08 -9.54
C ASN C 90 29.54 11.29 -10.92
N LYS C 91 28.41 10.61 -11.13
CA LYS C 91 27.60 10.79 -12.32
C LYS C 91 26.15 10.85 -11.90
N THR C 92 25.34 11.55 -12.71
CA THR C 92 23.90 11.59 -12.49
C THR C 92 23.21 11.26 -13.81
N PRO C 93 22.40 10.18 -13.86
CA PRO C 93 22.25 9.26 -12.73
C PRO C 93 23.51 8.42 -12.51
N HIS C 94 23.56 7.72 -11.38
CA HIS C 94 24.69 6.91 -11.01
C HIS C 94 24.96 5.88 -12.11
N ALA C 95 26.25 5.64 -12.38
CA ALA C 95 26.65 4.83 -13.51
C ALA C 95 27.04 3.44 -13.04
N ILE C 96 26.45 2.41 -13.66
CA ILE C 96 26.64 1.04 -13.24
C ILE C 96 28.06 0.60 -13.59
N ALA C 97 28.74 0.00 -12.60
CA ALA C 97 30.06 -0.59 -12.78
C ALA C 97 29.96 -2.12 -12.70
N ALA C 98 29.03 -2.61 -11.87
CA ALA C 98 28.83 -4.04 -11.70
C ALA C 98 27.42 -4.33 -11.21
N ILE C 99 26.94 -5.55 -11.48
CA ILE C 99 25.64 -6.01 -11.01
C ILE C 99 25.82 -7.40 -10.40
N SER C 100 25.02 -7.71 -9.38
CA SER C 100 24.94 -9.06 -8.84
C SER C 100 23.48 -9.48 -8.73
N MET C 101 23.22 -10.75 -9.02
CA MET C 101 21.91 -11.36 -8.85
C MET C 101 22.11 -12.63 -8.04
N ALA C 102 21.19 -12.90 -7.09
CA ALA C 102 21.30 -14.07 -6.24
C ALA C 102 19.94 -14.69 -5.98
N ASN C 103 19.94 -16.01 -5.77
CA ASN C 103 18.72 -16.74 -5.42
C ASN C 103 18.31 -16.38 -3.98
N THR D 1 41.14 -36.60 -28.67
CA THR D 1 40.09 -35.57 -28.43
C THR D 1 39.18 -36.06 -27.30
N PRO D 2 39.03 -35.28 -26.21
CA PRO D 2 38.23 -35.71 -25.06
C PRO D 2 36.75 -35.80 -25.39
N GLN D 3 36.05 -36.71 -24.71
CA GLN D 3 34.64 -36.94 -24.95
C GLN D 3 33.81 -36.45 -23.76
N ASN D 4 34.50 -35.93 -22.75
CA ASN D 4 33.83 -35.41 -21.56
C ASN D 4 34.78 -34.46 -20.83
N ILE D 5 34.25 -33.77 -19.83
CA ILE D 5 34.94 -32.66 -19.20
C ILE D 5 36.11 -33.21 -18.38
N THR D 6 35.93 -34.42 -17.83
CA THR D 6 36.94 -35.02 -16.97
C THR D 6 38.20 -35.32 -17.80
N ASP D 7 38.00 -35.90 -18.99
CA ASP D 7 39.11 -36.23 -19.87
C ASP D 7 39.79 -34.95 -20.33
N LEU D 8 38.99 -33.91 -20.61
CA LEU D 8 39.50 -32.64 -21.06
C LEU D 8 40.39 -32.03 -19.99
N CYS D 9 39.90 -32.05 -18.74
N CYS D 9 39.90 -32.05 -18.74
CA CYS D 9 40.57 -31.39 -17.63
CA CYS D 9 40.57 -31.39 -17.63
C CYS D 9 41.95 -32.02 -17.41
C CYS D 9 41.95 -32.02 -17.41
N ALA D 10 42.06 -33.32 -17.70
CA ALA D 10 43.26 -34.09 -17.40
C ALA D 10 44.40 -33.73 -18.37
N GLU D 11 44.08 -32.96 -19.41
CA GLU D 11 45.05 -32.63 -20.44
C GLU D 11 45.87 -31.40 -20.03
N TYR D 12 45.48 -30.74 -18.93
CA TYR D 12 46.05 -29.45 -18.59
C TYR D 12 46.71 -29.51 -17.22
N HIS D 13 47.85 -28.83 -17.10
CA HIS D 13 48.49 -28.60 -15.83
C HIS D 13 47.67 -27.60 -15.01
N ASN D 14 47.58 -27.86 -13.72
CA ASN D 14 47.06 -26.90 -12.76
C ASN D 14 45.54 -26.80 -12.87
N THR D 15 44.89 -27.90 -13.27
N THR D 15 44.89 -27.90 -13.27
CA THR D 15 43.44 -27.93 -13.36
CA THR D 15 43.44 -27.93 -13.36
C THR D 15 42.90 -28.97 -12.39
C THR D 15 42.90 -28.97 -12.39
N GLN D 16 41.60 -28.85 -12.10
CA GLN D 16 40.91 -29.70 -11.16
C GLN D 16 39.47 -29.78 -11.59
N ILE D 17 38.80 -30.89 -11.27
CA ILE D 17 37.36 -30.99 -11.44
C ILE D 17 36.70 -30.70 -10.10
N HIS D 18 35.67 -29.85 -10.12
CA HIS D 18 34.72 -29.76 -9.05
C HIS D 18 33.40 -30.37 -9.52
N THR D 19 32.82 -31.23 -8.68
CA THR D 19 31.50 -31.78 -8.94
C THR D 19 30.50 -31.08 -8.03
N LEU D 20 29.52 -30.41 -8.64
CA LEU D 20 28.63 -29.52 -7.91
C LEU D 20 27.23 -30.10 -7.89
N ASN D 21 26.76 -30.56 -9.06
CA ASN D 21 25.41 -31.07 -9.21
C ASN D 21 24.43 -30.15 -8.50
N ASP D 22 24.50 -28.85 -8.84
N ASP D 22 24.50 -28.84 -8.83
CA ASP D 22 23.62 -27.85 -8.24
CA ASP D 22 23.61 -27.86 -8.24
C ASP D 22 23.55 -26.65 -9.17
C ASP D 22 23.54 -26.64 -9.16
N LYS D 23 22.47 -25.86 -9.04
CA LYS D 23 22.32 -24.62 -9.74
C LYS D 23 23.25 -23.56 -9.14
N ILE D 24 23.57 -22.55 -9.94
CA ILE D 24 24.35 -21.41 -9.51
C ILE D 24 23.52 -20.59 -8.52
N PHE D 25 24.15 -20.17 -7.42
CA PHE D 25 23.47 -19.44 -6.37
C PHE D 25 23.48 -17.94 -6.67
N SER D 26 24.63 -17.44 -7.16
CA SER D 26 24.78 -16.02 -7.45
C SER D 26 25.60 -15.82 -8.71
N TYR D 27 25.29 -14.75 -9.45
CA TYR D 27 26.05 -14.33 -10.60
C TYR D 27 26.40 -12.86 -10.48
N THR D 28 27.68 -12.54 -10.69
CA THR D 28 28.16 -11.18 -10.63
C THR D 28 28.90 -10.84 -11.92
N GLU D 29 28.76 -9.59 -12.37
CA GLU D 29 29.25 -9.14 -13.65
C GLU D 29 29.77 -7.70 -13.52
N SER D 30 30.94 -7.43 -14.10
CA SER D 30 31.61 -6.16 -13.92
C SER D 30 32.11 -5.62 -15.25
N LEU D 31 31.99 -4.30 -15.43
CA LEU D 31 32.58 -3.61 -16.58
C LEU D 31 33.62 -2.60 -16.12
N ALA D 32 33.98 -2.64 -14.83
CA ALA D 32 35.00 -1.75 -14.29
C ALA D 32 36.35 -2.09 -14.91
N GLY D 33 37.12 -1.04 -15.23
CA GLY D 33 38.38 -1.19 -15.95
C GLY D 33 39.32 -2.13 -15.21
N LYS D 34 39.86 -3.12 -15.95
CA LYS D 34 40.84 -4.07 -15.44
C LYS D 34 40.15 -5.15 -14.62
N ARG D 35 38.81 -5.10 -14.54
CA ARG D 35 38.05 -6.09 -13.78
C ARG D 35 36.82 -6.49 -14.57
N GLU D 36 36.97 -6.59 -15.89
CA GLU D 36 35.90 -7.01 -16.77
C GLU D 36 35.77 -8.53 -16.70
N MET D 37 34.98 -9.01 -15.73
CA MET D 37 35.01 -10.40 -15.33
C MET D 37 33.62 -10.83 -14.88
N ALA D 38 33.48 -12.13 -14.60
CA ALA D 38 32.29 -12.66 -13.98
C ALA D 38 32.68 -13.53 -12.79
N ILE D 39 31.83 -13.51 -11.75
CA ILE D 39 32.00 -14.38 -10.59
C ILE D 39 30.69 -15.12 -10.33
N ILE D 40 30.79 -16.42 -10.05
CA ILE D 40 29.64 -17.20 -9.66
C ILE D 40 29.94 -17.87 -8.32
N THR D 41 28.88 -18.12 -7.54
CA THR D 41 29.00 -18.87 -6.30
C THR D 41 27.93 -19.96 -6.27
N PHE D 42 28.20 -21.02 -5.50
CA PHE D 42 27.20 -22.02 -5.19
C PHE D 42 26.85 -21.92 -3.71
N LYS D 43 25.73 -22.55 -3.32
N LYS D 43 25.73 -22.55 -3.32
CA LYS D 43 25.17 -22.33 -2.00
CA LYS D 43 25.15 -22.34 -2.01
C LYS D 43 26.08 -22.94 -0.94
C LYS D 43 26.08 -22.94 -0.94
N ASN D 44 26.95 -23.87 -1.35
CA ASN D 44 27.91 -24.49 -0.45
C ASN D 44 29.09 -23.55 -0.21
N GLY D 45 29.12 -22.42 -0.94
CA GLY D 45 30.08 -21.35 -0.67
C GLY D 45 31.21 -21.31 -1.71
N ALA D 46 31.27 -22.33 -2.57
CA ALA D 46 32.28 -22.40 -3.62
C ALA D 46 32.13 -21.19 -4.56
N THR D 47 33.27 -20.64 -4.97
CA THR D 47 33.31 -19.39 -5.73
C THR D 47 34.27 -19.56 -6.89
N PHE D 48 33.83 -19.10 -8.08
CA PHE D 48 34.60 -19.27 -9.30
C PHE D 48 34.53 -17.98 -10.11
N GLN D 49 35.58 -17.75 -10.91
CA GLN D 49 35.64 -16.58 -11.78
C GLN D 49 35.78 -17.04 -13.24
N VAL D 50 35.32 -16.18 -14.16
CA VAL D 50 35.87 -16.12 -15.49
C VAL D 50 36.88 -14.98 -15.54
N GLU D 51 38.13 -15.34 -15.87
CA GLU D 51 39.25 -14.42 -15.77
C GLU D 51 39.05 -13.24 -16.70
N VAL D 52 39.58 -12.08 -16.28
CA VAL D 52 39.81 -10.96 -17.18
C VAL D 52 40.70 -11.42 -18.32
N PRO D 53 40.32 -11.15 -19.59
CA PRO D 53 41.19 -11.47 -20.73
C PRO D 53 42.57 -10.86 -20.52
N GLY D 54 43.61 -11.65 -20.79
CA GLY D 54 44.97 -11.24 -20.52
C GLY D 54 45.97 -11.98 -21.39
N SER D 55 47.26 -11.82 -21.08
CA SER D 55 48.33 -12.32 -21.92
C SER D 55 48.51 -13.82 -21.71
N GLN D 56 47.81 -14.38 -20.73
CA GLN D 56 47.83 -15.83 -20.49
C GLN D 56 46.83 -16.54 -21.42
N HIS D 57 46.03 -15.75 -22.15
CA HIS D 57 45.08 -16.28 -23.11
C HIS D 57 45.62 -16.12 -24.52
N ILE D 58 45.50 -17.16 -25.34
CA ILE D 58 45.75 -17.04 -26.78
C ILE D 58 44.48 -16.51 -27.45
N ASP D 59 44.62 -16.12 -28.72
CA ASP D 59 43.60 -15.36 -29.41
C ASP D 59 42.31 -16.16 -29.52
N SER D 60 42.44 -17.49 -29.65
CA SER D 60 41.30 -18.35 -29.90
C SER D 60 40.44 -18.48 -28.65
N GLN D 61 41.02 -18.11 -27.49
CA GLN D 61 40.33 -18.23 -26.22
C GLN D 61 39.41 -17.02 -26.00
N LYS D 62 39.72 -15.90 -26.67
CA LYS D 62 39.07 -14.64 -26.39
C LYS D 62 37.56 -14.78 -26.63
N LYS D 63 37.19 -15.42 -27.75
CA LYS D 63 35.79 -15.60 -28.10
C LYS D 63 35.11 -16.54 -27.10
N ALA D 64 35.89 -17.50 -26.59
CA ALA D 64 35.35 -18.55 -25.74
C ALA D 64 35.11 -18.01 -24.33
N ILE D 65 35.93 -17.06 -23.91
CA ILE D 65 35.75 -16.39 -22.63
C ILE D 65 34.40 -15.66 -22.64
N GLU D 66 34.14 -14.95 -23.75
CA GLU D 66 32.89 -14.22 -23.90
C GLU D 66 31.71 -15.20 -23.89
N ARG D 67 31.88 -16.33 -24.57
CA ARG D 67 30.84 -17.34 -24.64
C ARG D 67 30.54 -17.86 -23.24
N MET D 68 31.60 -18.11 -22.46
CA MET D 68 31.46 -18.72 -21.15
C MET D 68 30.65 -17.79 -20.22
N LYS D 69 30.92 -16.48 -20.33
N LYS D 69 30.92 -16.48 -20.33
CA LYS D 69 30.22 -15.50 -19.51
CA LYS D 69 30.22 -15.50 -19.51
C LYS D 69 28.74 -15.47 -19.89
C LYS D 69 28.74 -15.47 -19.89
N ASP D 70 28.45 -15.62 -21.19
CA ASP D 70 27.07 -15.75 -21.67
C ASP D 70 26.42 -16.97 -21.01
N THR D 71 27.14 -18.11 -21.07
CA THR D 71 26.60 -19.39 -20.64
C THR D 71 26.24 -19.32 -19.16
N LEU D 72 27.12 -18.71 -18.36
CA LEU D 72 26.96 -18.67 -16.91
C LEU D 72 25.77 -17.78 -16.55
N ARG D 73 25.63 -16.65 -17.25
CA ARG D 73 24.51 -15.76 -17.00
C ARG D 73 23.20 -16.52 -17.20
N ILE D 74 23.10 -17.22 -18.33
CA ILE D 74 21.85 -17.83 -18.70
C ILE D 74 21.64 -19.10 -17.88
N ALA D 75 22.73 -19.76 -17.49
CA ALA D 75 22.65 -20.90 -16.57
C ALA D 75 22.07 -20.44 -15.24
N TYR D 76 22.54 -19.28 -14.75
CA TYR D 76 22.06 -18.76 -13.49
C TYR D 76 20.55 -18.54 -13.58
N LEU D 77 20.11 -17.90 -14.67
CA LEU D 77 18.75 -17.38 -14.77
C LEU D 77 17.75 -18.53 -14.99
N THR D 78 18.21 -19.60 -15.64
CA THR D 78 17.34 -20.73 -15.93
C THR D 78 17.43 -21.78 -14.82
N GLU D 79 18.32 -21.52 -13.84
CA GLU D 79 18.49 -22.42 -12.70
C GLU D 79 18.90 -23.79 -13.20
N ALA D 80 19.72 -23.82 -14.27
CA ALA D 80 20.25 -25.06 -14.80
C ALA D 80 21.21 -25.68 -13.79
N LYS D 81 21.09 -27.01 -13.61
CA LYS D 81 22.00 -27.73 -12.73
C LYS D 81 23.35 -27.86 -13.43
N VAL D 82 24.40 -27.36 -12.77
CA VAL D 82 25.75 -27.57 -13.22
C VAL D 82 26.25 -28.90 -12.64
N GLU D 83 26.78 -29.75 -13.52
CA GLU D 83 27.31 -31.04 -13.11
C GLU D 83 28.73 -30.83 -12.57
N LYS D 84 29.66 -30.46 -13.47
CA LYS D 84 31.06 -30.33 -13.12
C LYS D 84 31.60 -29.01 -13.66
N LEU D 85 32.58 -28.44 -12.93
CA LEU D 85 33.46 -27.41 -13.47
C LEU D 85 34.87 -27.97 -13.56
N CYS D 86 35.53 -27.69 -14.69
N CYS D 86 35.53 -27.69 -14.69
CA CYS D 86 36.98 -27.79 -14.77
CA CYS D 86 36.98 -27.78 -14.78
C CYS D 86 37.58 -26.39 -14.58
C CYS D 86 37.58 -26.39 -14.58
N VAL D 87 38.51 -26.27 -13.63
CA VAL D 87 39.04 -24.97 -13.22
C VAL D 87 40.57 -25.06 -13.11
N TRP D 88 41.23 -23.94 -13.41
CA TRP D 88 42.62 -23.73 -13.01
C TRP D 88 42.67 -23.34 -11.54
N ASN D 89 43.51 -24.05 -10.77
CA ASN D 89 43.53 -23.93 -9.33
C ASN D 89 44.77 -23.14 -8.87
N ASN D 90 45.46 -22.51 -9.82
CA ASN D 90 46.56 -21.60 -9.51
C ASN D 90 46.06 -20.15 -9.60
N LYS D 91 44.75 -19.98 -9.39
CA LYS D 91 44.14 -18.65 -9.31
C LYS D 91 43.16 -18.64 -8.15
N THR D 92 42.94 -17.45 -7.58
CA THR D 92 41.95 -17.28 -6.52
C THR D 92 41.05 -16.11 -6.87
N PRO D 93 39.73 -16.34 -7.02
CA PRO D 93 39.16 -17.68 -6.97
C PRO D 93 39.53 -18.51 -8.19
N HIS D 94 39.23 -19.81 -8.12
CA HIS D 94 39.56 -20.74 -9.19
C HIS D 94 38.91 -20.25 -10.50
N ALA D 95 39.65 -20.41 -11.60
CA ALA D 95 39.24 -19.88 -12.89
C ALA D 95 38.63 -21.00 -13.72
N ILE D 96 37.43 -20.74 -14.26
CA ILE D 96 36.70 -21.74 -15.02
C ILE D 96 37.39 -21.96 -16.36
N ALA D 97 37.60 -23.23 -16.70
CA ALA D 97 38.14 -23.64 -18.00
C ALA D 97 37.05 -24.32 -18.83
N ALA D 98 36.16 -25.05 -18.14
CA ALA D 98 35.07 -25.73 -18.81
C ALA D 98 33.92 -25.96 -17.84
N ILE D 99 32.71 -26.09 -18.40
CA ILE D 99 31.51 -26.38 -17.63
C ILE D 99 30.77 -27.53 -18.31
N SER D 100 30.13 -28.38 -17.50
CA SER D 100 29.23 -29.40 -18.01
C SER D 100 27.90 -29.31 -17.27
N MET D 101 26.80 -29.43 -18.04
CA MET D 101 25.48 -29.39 -17.48
C MET D 101 24.70 -30.63 -17.89
N ALA D 102 24.11 -31.28 -16.88
CA ALA D 102 23.21 -32.41 -17.07
C ALA D 102 22.24 -32.47 -15.90
N ASN D 103 21.06 -33.04 -16.14
CA ASN D 103 20.11 -33.38 -15.09
C ASN D 103 19.45 -32.11 -14.54
N THR E 1 21.03 -27.48 -54.54
CA THR E 1 20.91 -27.00 -53.14
C THR E 1 19.99 -27.93 -52.37
N PRO E 2 20.46 -28.54 -51.26
CA PRO E 2 19.67 -29.50 -50.51
C PRO E 2 18.45 -28.87 -49.85
N GLN E 3 17.39 -29.67 -49.69
CA GLN E 3 16.14 -29.18 -49.11
C GLN E 3 15.94 -29.78 -47.72
N ASN E 4 16.88 -30.63 -47.29
CA ASN E 4 16.82 -31.23 -45.98
C ASN E 4 18.22 -31.72 -45.59
N ILE E 5 18.36 -32.15 -44.33
CA ILE E 5 19.66 -32.43 -43.75
C ILE E 5 20.24 -33.70 -44.39
N THR E 6 19.35 -34.63 -44.77
CA THR E 6 19.78 -35.90 -45.34
C THR E 6 20.44 -35.65 -46.70
N ASP E 7 19.81 -34.80 -47.52
CA ASP E 7 20.34 -34.45 -48.83
C ASP E 7 21.65 -33.71 -48.68
N LEU E 8 21.72 -32.83 -47.67
CA LEU E 8 22.92 -32.04 -47.40
C LEU E 8 24.07 -32.97 -47.06
N CYS E 9 23.79 -33.94 -46.16
N CYS E 9 23.79 -33.94 -46.16
CA CYS E 9 24.81 -34.83 -45.64
CA CYS E 9 24.81 -34.83 -45.64
C CYS E 9 25.45 -35.63 -46.79
C CYS E 9 25.45 -35.63 -46.79
N ALA E 10 24.63 -35.94 -47.80
CA ALA E 10 25.03 -36.84 -48.87
C ALA E 10 26.01 -36.15 -49.84
N GLU E 11 26.21 -34.84 -49.66
CA GLU E 11 27.04 -34.05 -50.56
C GLU E 11 28.51 -34.13 -50.12
N TYR E 12 28.76 -34.72 -48.94
CA TYR E 12 30.08 -34.63 -48.32
C TYR E 12 30.62 -36.03 -48.11
N HIS E 13 31.94 -36.17 -48.32
CA HIS E 13 32.64 -37.39 -47.98
C HIS E 13 32.79 -37.45 -46.46
N ASN E 14 32.64 -38.66 -45.92
CA ASN E 14 33.00 -38.96 -44.55
C ASN E 14 31.94 -38.38 -43.61
N THR E 15 30.69 -38.34 -44.07
CA THR E 15 29.59 -37.87 -43.23
C THR E 15 28.58 -39.00 -43.06
N GLN E 16 27.75 -38.89 -42.02
CA GLN E 16 26.63 -39.78 -41.84
C GLN E 16 25.56 -39.08 -41.01
N ILE E 17 24.33 -39.61 -41.10
CA ILE E 17 23.21 -39.10 -40.34
C ILE E 17 23.05 -39.94 -39.09
N HIS E 18 22.86 -39.28 -37.96
CA HIS E 18 22.30 -39.92 -36.77
C HIS E 18 20.89 -39.39 -36.56
N THR E 19 19.95 -40.30 -36.32
CA THR E 19 18.59 -39.94 -35.96
C THR E 19 18.40 -40.15 -34.47
N LEU E 20 18.08 -39.07 -33.75
CA LEU E 20 18.10 -39.07 -32.30
C LEU E 20 16.67 -38.93 -31.78
N ASN E 21 15.92 -37.98 -32.36
CA ASN E 21 14.55 -37.69 -31.91
C ASN E 21 14.52 -37.64 -30.39
N ASP E 22 15.40 -36.83 -29.81
CA ASP E 22 15.46 -36.68 -28.36
C ASP E 22 16.13 -35.35 -28.02
N LYS E 23 15.86 -34.86 -26.82
CA LYS E 23 16.52 -33.67 -26.31
C LYS E 23 17.96 -34.03 -25.90
N ILE E 24 18.81 -33.01 -25.85
CA ILE E 24 20.19 -33.17 -25.44
C ILE E 24 20.22 -33.48 -23.95
N PHE E 25 21.06 -34.45 -23.56
CA PHE E 25 21.12 -34.90 -22.18
C PHE E 25 22.14 -34.04 -21.41
N SER E 26 23.28 -33.75 -22.06
CA SER E 26 24.34 -32.96 -21.43
C SER E 26 24.97 -32.01 -22.44
N TYR E 27 25.38 -30.84 -21.94
CA TYR E 27 26.08 -29.85 -22.74
C TYR E 27 27.39 -29.46 -22.03
N THR E 28 28.49 -29.49 -22.76
CA THR E 28 29.79 -29.16 -22.20
C THR E 28 30.47 -28.11 -23.08
N GLU E 29 31.19 -27.18 -22.44
CA GLU E 29 31.76 -26.03 -23.12
C GLU E 29 33.11 -25.70 -22.50
N SER E 30 34.12 -25.41 -23.35
CA SER E 30 35.48 -25.20 -22.90
C SER E 30 36.06 -23.94 -23.52
N LEU E 31 36.85 -23.20 -22.71
CA LEU E 31 37.60 -22.06 -23.21
C LEU E 31 39.11 -22.31 -23.04
N ALA E 32 39.48 -23.55 -22.70
CA ALA E 32 40.89 -23.90 -22.55
C ALA E 32 41.58 -23.84 -23.92
N GLY E 33 42.82 -23.33 -23.92
CA GLY E 33 43.55 -23.10 -25.15
C GLY E 33 43.67 -24.37 -25.98
N LYS E 34 43.33 -24.26 -27.27
CA LYS E 34 43.45 -25.35 -28.23
C LYS E 34 42.29 -26.34 -28.07
N ARG E 35 41.37 -26.05 -27.14
CA ARG E 35 40.24 -26.92 -26.88
C ARG E 35 38.98 -26.07 -26.71
N GLU E 36 38.89 -25.00 -27.50
CA GLU E 36 37.71 -24.13 -27.49
C GLU E 36 36.61 -24.80 -28.31
N MET E 37 35.81 -25.64 -27.63
CA MET E 37 34.93 -26.57 -28.31
C MET E 37 33.68 -26.79 -27.47
N ALA E 38 32.72 -27.53 -28.03
CA ALA E 38 31.54 -27.95 -27.29
C ALA E 38 31.33 -29.44 -27.50
N ILE E 39 30.77 -30.10 -26.46
CA ILE E 39 30.43 -31.51 -26.53
C ILE E 39 28.98 -31.67 -26.05
N ILE E 40 28.21 -32.49 -26.77
CA ILE E 40 26.87 -32.85 -26.31
C ILE E 40 26.78 -34.37 -26.23
N THR E 41 25.92 -34.87 -25.32
CA THR E 41 25.59 -36.28 -25.27
C THR E 41 24.07 -36.44 -25.25
N PHE E 42 23.61 -37.61 -25.70
CA PHE E 42 22.22 -38.01 -25.55
C PHE E 42 22.15 -39.16 -24.54
N LYS E 43 20.94 -39.44 -24.07
CA LYS E 43 20.73 -40.34 -22.94
C LYS E 43 21.11 -41.77 -23.35
N ASN E 44 21.10 -42.03 -24.66
CA ASN E 44 21.46 -43.34 -25.18
C ASN E 44 22.98 -43.48 -25.23
N GLY E 45 23.71 -42.41 -24.90
CA GLY E 45 25.16 -42.47 -24.72
C GLY E 45 25.92 -41.86 -25.91
N ALA E 46 25.20 -41.54 -26.99
CA ALA E 46 25.80 -40.93 -28.17
C ALA E 46 26.45 -39.59 -27.80
N THR E 47 27.63 -39.33 -28.37
CA THR E 47 28.44 -38.17 -28.00
C THR E 47 28.94 -37.48 -29.26
N PHE E 48 28.85 -36.14 -29.28
CA PHE E 48 29.19 -35.37 -30.46
C PHE E 48 29.95 -34.12 -30.03
N GLN E 49 30.80 -33.61 -30.94
CA GLN E 49 31.54 -32.39 -30.69
C GLN E 49 31.22 -31.37 -31.77
N VAL E 50 31.37 -30.08 -31.42
CA VAL E 50 31.68 -29.05 -32.39
C VAL E 50 33.19 -28.83 -32.36
N GLU E 51 33.83 -29.03 -33.52
CA GLU E 51 35.29 -29.05 -33.61
C GLU E 51 35.85 -27.69 -33.23
N VAL E 52 37.06 -27.71 -32.66
CA VAL E 52 37.89 -26.52 -32.56
C VAL E 52 38.12 -25.99 -33.97
N PRO E 53 37.92 -24.68 -34.22
CA PRO E 53 38.27 -24.08 -35.50
C PRO E 53 39.72 -24.42 -35.87
N GLY E 54 39.92 -24.81 -37.13
CA GLY E 54 41.23 -25.26 -37.58
C GLY E 54 41.38 -25.07 -39.09
N SER E 55 42.46 -25.61 -39.63
CA SER E 55 42.84 -25.37 -41.02
C SER E 55 41.98 -26.21 -41.96
N GLN E 56 41.17 -27.11 -41.40
CA GLN E 56 40.24 -27.91 -42.19
C GLN E 56 38.95 -27.13 -42.43
N HIS E 57 38.83 -25.97 -41.81
CA HIS E 57 37.66 -25.10 -41.99
C HIS E 57 38.03 -23.94 -42.91
N ILE E 58 37.15 -23.63 -43.85
CA ILE E 58 37.26 -22.40 -44.63
C ILE E 58 36.65 -21.25 -43.83
N ASP E 59 36.87 -20.02 -44.29
CA ASP E 59 36.62 -18.83 -43.48
C ASP E 59 35.12 -18.71 -43.19
N SER E 60 34.29 -19.15 -44.15
CA SER E 60 32.85 -18.98 -44.05
C SER E 60 32.26 -19.92 -43.00
N GLN E 61 33.04 -20.93 -42.60
CA GLN E 61 32.60 -21.91 -41.61
C GLN E 61 32.78 -21.35 -40.20
N LYS E 62 33.69 -20.40 -40.03
CA LYS E 62 34.08 -19.93 -38.72
C LYS E 62 32.87 -19.35 -37.99
N LYS E 63 32.08 -18.53 -38.70
CA LYS E 63 30.91 -17.89 -38.11
C LYS E 63 29.84 -18.95 -37.82
N ALA E 64 29.81 -20.01 -38.63
CA ALA E 64 28.78 -21.04 -38.52
C ALA E 64 29.07 -21.97 -37.35
N ILE E 65 30.36 -22.17 -37.06
CA ILE E 65 30.79 -22.93 -35.89
C ILE E 65 30.28 -22.22 -34.63
N GLU E 66 30.46 -20.91 -34.58
CA GLU E 66 30.02 -20.11 -33.44
C GLU E 66 28.50 -20.20 -33.30
N ARG E 67 27.81 -20.13 -34.44
N ARG E 67 27.81 -20.13 -34.44
CA ARG E 67 26.35 -20.20 -34.46
CA ARG E 67 26.36 -20.19 -34.45
C ARG E 67 25.90 -21.55 -33.91
C ARG E 67 25.90 -21.55 -33.91
N MET E 68 26.58 -22.61 -34.31
CA MET E 68 26.17 -23.97 -33.94
C MET E 68 26.30 -24.16 -32.42
N LYS E 69 27.35 -23.60 -31.84
CA LYS E 69 27.56 -23.70 -30.39
C LYS E 69 26.44 -22.94 -29.66
N ASP E 70 26.02 -21.80 -30.22
CA ASP E 70 24.86 -21.06 -29.71
C ASP E 70 23.62 -21.94 -29.77
N THR E 71 23.41 -22.59 -30.91
CA THR E 71 22.19 -23.34 -31.16
C THR E 71 22.07 -24.48 -30.16
N LEU E 72 23.20 -25.15 -29.90
CA LEU E 72 23.22 -26.32 -29.04
C LEU E 72 22.94 -25.90 -27.60
N ARG E 73 23.54 -24.78 -27.18
CA ARG E 73 23.32 -24.27 -25.84
C ARG E 73 21.82 -24.03 -25.62
N ILE E 74 21.19 -23.34 -26.58
CA ILE E 74 19.82 -22.92 -26.39
C ILE E 74 18.89 -24.12 -26.58
N ALA E 75 19.29 -25.05 -27.45
CA ALA E 75 18.56 -26.30 -27.63
C ALA E 75 18.54 -27.07 -26.32
N TYR E 76 19.70 -27.13 -25.65
CA TYR E 76 19.82 -27.86 -24.41
C TYR E 76 18.86 -27.27 -23.38
N LEU E 77 18.87 -25.94 -23.27
CA LEU E 77 18.22 -25.25 -22.17
C LEU E 77 16.69 -25.23 -22.37
N THR E 78 16.24 -25.27 -23.64
CA THR E 78 14.81 -25.24 -23.94
C THR E 78 14.28 -26.67 -24.07
N GLU E 79 15.18 -27.66 -23.95
CA GLU E 79 14.81 -29.06 -24.03
C GLU E 79 14.17 -29.35 -25.39
N ALA E 80 14.66 -28.67 -26.44
CA ALA E 80 14.18 -28.89 -27.79
C ALA E 80 14.59 -30.30 -28.26
N LYS E 81 13.65 -30.99 -28.90
CA LYS E 81 13.91 -32.30 -29.49
C LYS E 81 14.76 -32.12 -30.75
N VAL E 82 15.92 -32.76 -30.77
CA VAL E 82 16.74 -32.82 -31.97
C VAL E 82 16.32 -34.03 -32.79
N GLU E 83 16.05 -33.80 -34.07
CA GLU E 83 15.65 -34.85 -35.00
C GLU E 83 16.89 -35.62 -35.46
N LYS E 84 17.73 -34.96 -36.26
CA LYS E 84 18.89 -35.60 -36.87
C LYS E 84 20.14 -34.73 -36.69
N LEU E 85 21.29 -35.40 -36.57
CA LEU E 85 22.58 -34.75 -36.75
C LEU E 85 23.24 -35.31 -38.01
N CYS E 86 23.81 -34.41 -38.82
N CYS E 86 23.81 -34.41 -38.82
CA CYS E 86 24.79 -34.78 -39.81
CA CYS E 86 24.79 -34.78 -39.81
C CYS E 86 26.19 -34.54 -39.25
C CYS E 86 26.19 -34.54 -39.25
N VAL E 87 27.02 -35.58 -39.27
CA VAL E 87 28.33 -35.53 -38.62
C VAL E 87 29.39 -36.09 -39.57
N TRP E 88 30.62 -35.55 -39.45
CA TRP E 88 31.80 -36.20 -39.98
C TRP E 88 32.21 -37.34 -39.05
N ASN E 89 32.41 -38.54 -39.64
CA ASN E 89 32.63 -39.74 -38.87
C ASN E 89 34.11 -40.15 -38.96
N ASN E 90 34.95 -39.25 -39.47
CA ASN E 90 36.40 -39.44 -39.43
C ASN E 90 37.00 -38.65 -38.26
N LYS E 91 36.16 -38.40 -37.23
CA LYS E 91 36.60 -37.74 -36.01
C LYS E 91 36.00 -38.46 -34.83
N THR E 92 36.68 -38.37 -33.67
CA THR E 92 36.18 -38.95 -32.44
C THR E 92 36.26 -37.90 -31.34
N PRO E 93 35.13 -37.48 -30.73
CA PRO E 93 33.80 -37.94 -31.16
C PRO E 93 33.41 -37.36 -32.51
N HIS E 94 32.33 -37.90 -33.09
CA HIS E 94 31.84 -37.44 -34.38
C HIS E 94 31.56 -35.94 -34.33
N ALA E 95 31.90 -35.25 -35.43
CA ALA E 95 31.90 -33.80 -35.48
C ALA E 95 30.65 -33.33 -36.20
N ILE E 96 29.90 -32.41 -35.56
CA ILE E 96 28.62 -31.96 -36.09
C ILE E 96 28.87 -31.08 -37.31
N ALA E 97 28.13 -31.39 -38.40
CA ALA E 97 28.14 -30.58 -39.61
C ALA E 97 26.81 -29.85 -39.77
N ALA E 98 25.73 -30.49 -39.32
CA ALA E 98 24.41 -29.88 -39.39
C ALA E 98 23.49 -30.49 -38.33
N ILE E 99 22.47 -29.73 -37.95
CA ILE E 99 21.45 -30.19 -37.02
C ILE E 99 20.08 -29.89 -37.60
N SER E 100 19.11 -30.76 -37.33
CA SER E 100 17.73 -30.50 -37.65
C SER E 100 16.86 -30.73 -36.42
N MET E 101 15.88 -29.83 -36.23
CA MET E 101 14.92 -29.93 -35.15
C MET E 101 13.52 -29.84 -35.75
N ALA E 102 12.60 -30.69 -35.26
CA ALA E 102 11.28 -30.79 -35.87
C ALA E 102 10.22 -31.00 -34.80
N ASN E 103 9.01 -30.53 -35.10
CA ASN E 103 7.88 -30.60 -34.19
C ASN E 103 7.40 -32.05 -34.08
N THR F 1 10.09 4.28 -48.37
CA THR F 1 10.40 3.30 -47.31
C THR F 1 9.14 2.50 -46.98
N PRO F 2 9.18 1.16 -47.12
CA PRO F 2 7.98 0.34 -46.92
C PRO F 2 7.52 0.33 -45.47
N GLN F 3 6.22 0.15 -45.28
CA GLN F 3 5.62 0.16 -43.95
C GLN F 3 5.18 -1.26 -43.56
N ASN F 4 5.37 -2.21 -44.48
CA ASN F 4 5.05 -3.61 -44.21
C ASN F 4 5.80 -4.49 -45.21
N ILE F 5 5.72 -5.81 -45.00
CA ILE F 5 6.53 -6.76 -45.72
C ILE F 5 6.05 -6.84 -47.19
N THR F 6 4.75 -6.63 -47.39
CA THR F 6 4.16 -6.72 -48.72
C THR F 6 4.71 -5.58 -49.59
N ASP F 7 4.76 -4.36 -49.03
CA ASP F 7 5.28 -3.20 -49.73
C ASP F 7 6.77 -3.40 -50.02
N LEU F 8 7.48 -3.98 -49.05
N LEU F 8 7.48 -3.98 -49.05
CA LEU F 8 8.90 -4.22 -49.18
CA LEU F 8 8.90 -4.22 -49.18
C LEU F 8 9.15 -5.18 -50.33
C LEU F 8 9.16 -5.19 -50.33
N CYS F 9 8.37 -6.27 -50.37
N CYS F 9 8.37 -6.27 -50.36
CA CYS F 9 8.55 -7.34 -51.33
CA CYS F 9 8.56 -7.35 -51.33
C CYS F 9 8.39 -6.81 -52.75
C CYS F 9 8.39 -6.81 -52.75
N ALA F 10 7.51 -5.81 -52.91
CA ALA F 10 7.12 -5.31 -54.22
C ALA F 10 8.24 -4.46 -54.85
N GLU F 11 9.28 -4.17 -54.06
CA GLU F 11 10.36 -3.31 -54.52
C GLU F 11 11.41 -4.12 -55.28
N TYR F 12 11.28 -5.46 -55.27
CA TYR F 12 12.33 -6.33 -55.78
C TYR F 12 11.77 -7.19 -56.92
N HIS F 13 12.60 -7.38 -57.95
CA HIS F 13 12.33 -8.35 -59.00
C HIS F 13 12.49 -9.75 -58.43
N ASN F 14 11.60 -10.65 -58.86
CA ASN F 14 11.76 -12.08 -58.62
C ASN F 14 11.45 -12.41 -57.16
N THR F 15 10.55 -11.64 -56.55
CA THR F 15 10.12 -11.92 -55.19
C THR F 15 8.63 -12.22 -55.17
N GLN F 16 8.18 -12.89 -54.11
CA GLN F 16 6.76 -13.09 -53.87
C GLN F 16 6.52 -13.27 -52.38
N ILE F 17 5.27 -13.08 -51.98
CA ILE F 17 4.86 -13.25 -50.59
C ILE F 17 4.25 -14.63 -50.45
N HIS F 18 4.66 -15.35 -49.39
CA HIS F 18 3.91 -16.49 -48.89
C HIS F 18 3.26 -16.11 -47.56
N THR F 19 1.98 -16.43 -47.42
CA THR F 19 1.26 -16.22 -46.18
C THR F 19 1.06 -17.57 -45.50
N LEU F 20 1.62 -17.71 -44.29
CA LEU F 20 1.70 -19.00 -43.63
C LEU F 20 0.80 -19.01 -42.40
N ASN F 21 0.88 -17.94 -41.60
CA ASN F 21 0.12 -17.84 -40.37
C ASN F 21 0.23 -19.15 -39.59
N ASP F 22 1.46 -19.60 -39.36
CA ASP F 22 1.70 -20.84 -38.64
C ASP F 22 3.13 -20.83 -38.10
N LYS F 23 3.37 -21.65 -37.08
CA LYS F 23 4.71 -21.86 -36.54
C LYS F 23 5.53 -22.70 -37.52
N ILE F 24 6.85 -22.55 -37.41
CA ILE F 24 7.79 -23.33 -38.19
C ILE F 24 7.74 -24.78 -37.71
N PHE F 25 7.73 -25.71 -38.68
CA PHE F 25 7.61 -27.13 -38.37
C PHE F 25 9.01 -27.73 -38.13
N SER F 26 9.99 -27.32 -38.95
CA SER F 26 11.35 -27.83 -38.80
C SER F 26 12.37 -26.72 -39.05
N TYR F 27 13.50 -26.78 -38.34
CA TYR F 27 14.61 -25.87 -38.54
C TYR F 27 15.89 -26.67 -38.72
N THR F 28 16.65 -26.35 -39.77
CA THR F 28 17.90 -27.02 -40.07
C THR F 28 19.01 -25.98 -40.24
N GLU F 29 20.21 -26.33 -39.77
CA GLU F 29 21.34 -25.43 -39.72
C GLU F 29 22.62 -26.20 -40.04
N SER F 30 23.49 -25.61 -40.88
CA SER F 30 24.66 -26.32 -41.39
C SER F 30 25.89 -25.42 -41.30
N LEU F 31 27.05 -26.02 -40.97
CA LEU F 31 28.33 -25.32 -40.99
C LEU F 31 29.27 -26.01 -41.97
N ALA F 32 28.74 -26.94 -42.78
CA ALA F 32 29.53 -27.61 -43.79
C ALA F 32 29.96 -26.62 -44.87
N GLY F 33 31.22 -26.75 -45.33
CA GLY F 33 31.83 -25.77 -46.20
C GLY F 33 31.01 -25.57 -47.47
N LYS F 34 30.70 -24.30 -47.79
N LYS F 34 30.70 -24.30 -47.79
CA LYS F 34 30.00 -23.93 -49.01
CA LYS F 34 30.00 -23.93 -49.01
C LYS F 34 28.49 -24.18 -48.84
C LYS F 34 28.49 -24.18 -48.84
N ARG F 35 28.08 -24.62 -47.65
CA ARG F 35 26.67 -24.86 -47.36
C ARG F 35 26.33 -24.33 -45.98
N GLU F 36 26.91 -23.18 -45.64
CA GLU F 36 26.63 -22.53 -44.38
C GLU F 36 25.29 -21.79 -44.49
N MET F 37 24.21 -22.51 -44.19
CA MET F 37 22.87 -22.08 -44.56
C MET F 37 21.88 -22.54 -43.51
N ALA F 38 20.63 -22.10 -43.66
CA ALA F 38 19.53 -22.58 -42.85
C ALA F 38 18.37 -22.96 -43.76
N ILE F 39 17.62 -23.99 -43.34
CA ILE F 39 16.39 -24.39 -44.02
C ILE F 39 15.27 -24.49 -43.00
N ILE F 40 14.09 -23.97 -43.35
CA ILE F 40 12.89 -24.16 -42.54
C ILE F 40 11.80 -24.78 -43.40
N THR F 41 10.89 -25.53 -42.76
N THR F 41 10.90 -25.54 -42.76
CA THR F 41 9.72 -26.07 -43.42
CA THR F 41 9.72 -26.07 -43.42
C THR F 41 8.49 -25.75 -42.58
C THR F 41 8.49 -25.75 -42.58
N PHE F 42 7.33 -25.70 -43.25
CA PHE F 42 6.04 -25.64 -42.55
C PHE F 42 5.31 -26.96 -42.76
N LYS F 43 4.24 -27.17 -41.97
N LYS F 43 4.24 -27.16 -41.98
CA LYS F 43 3.59 -28.46 -41.89
CA LYS F 43 3.60 -28.47 -41.89
C LYS F 43 2.89 -28.78 -43.21
C LYS F 43 2.89 -28.78 -43.21
N ASN F 44 2.61 -27.74 -43.99
CA ASN F 44 1.97 -27.90 -45.29
C ASN F 44 3.00 -28.33 -46.34
N GLY F 45 4.28 -28.37 -45.94
CA GLY F 45 5.33 -28.94 -46.79
C GLY F 45 6.21 -27.86 -47.42
N ALA F 46 5.81 -26.58 -47.29
CA ALA F 46 6.56 -25.48 -47.85
C ALA F 46 7.95 -25.42 -47.22
N THR F 47 8.96 -25.12 -48.05
CA THR F 47 10.36 -25.20 -47.65
C THR F 47 11.08 -23.94 -48.13
N PHE F 48 11.90 -23.37 -47.24
CA PHE F 48 12.57 -22.10 -47.51
C PHE F 48 13.99 -22.17 -46.98
N GLN F 49 14.89 -21.42 -47.62
CA GLN F 49 16.28 -21.36 -47.21
C GLN F 49 16.67 -19.91 -46.87
N VAL F 50 17.65 -19.77 -45.99
CA VAL F 50 18.50 -18.60 -45.98
C VAL F 50 19.78 -18.92 -46.75
N GLU F 51 20.03 -18.15 -47.82
CA GLU F 51 21.07 -18.46 -48.79
C GLU F 51 22.43 -18.39 -48.10
N VAL F 52 23.36 -19.23 -48.59
CA VAL F 52 24.77 -19.06 -48.30
C VAL F 52 25.19 -17.68 -48.77
N PRO F 53 25.89 -16.88 -47.93
CA PRO F 53 26.46 -15.62 -48.37
C PRO F 53 27.28 -15.80 -49.64
N GLY F 54 27.06 -14.93 -50.61
CA GLY F 54 27.68 -15.05 -51.92
C GLY F 54 27.80 -13.69 -52.59
N SER F 55 28.18 -13.72 -53.87
CA SER F 55 28.52 -12.52 -54.61
C SER F 55 27.25 -11.76 -55.02
N GLN F 56 26.09 -12.38 -54.81
CA GLN F 56 24.81 -11.75 -55.11
C GLN F 56 24.37 -10.88 -53.94
N HIS F 57 25.12 -10.95 -52.84
CA HIS F 57 24.82 -10.15 -51.65
C HIS F 57 25.80 -8.99 -51.56
N ILE F 58 25.27 -7.80 -51.26
CA ILE F 58 26.10 -6.65 -50.94
C ILE F 58 26.49 -6.72 -49.46
N ASP F 59 27.45 -5.90 -49.06
CA ASP F 59 28.10 -6.05 -47.77
C ASP F 59 27.10 -5.83 -46.64
N SER F 60 26.12 -4.95 -46.87
CA SER F 60 25.18 -4.56 -45.83
C SER F 60 24.19 -5.70 -45.56
N GLN F 61 24.12 -6.68 -46.47
CA GLN F 61 23.22 -7.81 -46.32
C GLN F 61 23.84 -8.86 -45.39
N LYS F 62 25.17 -8.86 -45.28
CA LYS F 62 25.88 -9.94 -44.60
C LYS F 62 25.41 -10.04 -43.15
N LYS F 63 25.31 -8.90 -42.48
CA LYS F 63 24.90 -8.88 -41.08
C LYS F 63 23.43 -9.28 -40.96
N ALA F 64 22.64 -8.97 -41.99
CA ALA F 64 21.20 -9.21 -41.96
C ALA F 64 20.89 -10.68 -42.19
N ILE F 65 21.74 -11.35 -42.98
CA ILE F 65 21.63 -12.78 -43.19
C ILE F 65 21.82 -13.50 -41.86
N GLU F 66 22.84 -13.07 -41.10
CA GLU F 66 23.12 -13.66 -39.80
C GLU F 66 21.95 -13.41 -38.85
N ARG F 67 21.40 -12.20 -38.89
CA ARG F 67 20.27 -11.84 -38.05
C ARG F 67 19.07 -12.74 -38.37
N MET F 68 18.83 -12.97 -39.67
CA MET F 68 17.68 -13.72 -40.11
C MET F 68 17.74 -15.16 -39.59
N LYS F 69 18.95 -15.74 -39.61
CA LYS F 69 19.14 -17.10 -39.14
C LYS F 69 18.86 -17.17 -37.64
N ASP F 70 19.27 -16.12 -36.90
CA ASP F 70 18.95 -15.99 -35.49
C ASP F 70 17.42 -15.97 -35.31
N THR F 71 16.75 -15.15 -36.10
CA THR F 71 15.31 -14.91 -35.93
C THR F 71 14.55 -16.21 -36.15
N LEU F 72 14.96 -16.98 -37.16
CA LEU F 72 14.26 -18.20 -37.53
C LEU F 72 14.45 -19.25 -36.44
N ARG F 73 15.68 -19.34 -35.91
CA ARG F 73 15.96 -20.29 -34.84
C ARG F 73 15.05 -20.02 -33.66
N ILE F 74 14.97 -18.75 -33.25
CA ILE F 74 14.25 -18.41 -32.03
C ILE F 74 12.75 -18.50 -32.30
N ALA F 75 12.33 -18.19 -33.53
CA ALA F 75 10.94 -18.35 -33.92
C ALA F 75 10.54 -19.81 -33.80
N TYR F 76 11.41 -20.71 -34.28
CA TYR F 76 11.13 -22.13 -34.24
C TYR F 76 10.93 -22.57 -32.79
N LEU F 77 11.85 -22.13 -31.92
CA LEU F 77 11.95 -22.69 -30.57
C LEU F 77 10.83 -22.14 -29.69
N THR F 78 10.36 -20.93 -29.99
CA THR F 78 9.30 -20.31 -29.19
C THR F 78 7.93 -20.62 -29.79
N GLU F 79 7.92 -21.32 -30.94
CA GLU F 79 6.69 -21.69 -31.61
C GLU F 79 5.90 -20.43 -31.97
N ALA F 80 6.63 -19.36 -32.31
CA ALA F 80 6.02 -18.12 -32.76
C ALA F 80 5.33 -18.34 -34.11
N LYS F 81 4.13 -17.76 -34.25
CA LYS F 81 3.42 -17.76 -35.51
C LYS F 81 4.12 -16.81 -36.49
N VAL F 82 4.53 -17.35 -37.64
CA VAL F 82 5.02 -16.54 -38.72
C VAL F 82 3.83 -16.16 -39.60
N GLU F 83 3.71 -14.86 -39.88
CA GLU F 83 2.63 -14.34 -40.71
C GLU F 83 2.98 -14.56 -42.18
N LYS F 84 3.99 -13.83 -42.67
CA LYS F 84 4.36 -13.85 -44.08
C LYS F 84 5.86 -14.02 -44.24
N LEU F 85 6.27 -14.67 -45.34
CA LEU F 85 7.63 -14.59 -45.83
C LEU F 85 7.63 -13.88 -47.18
N CYS F 86 8.60 -12.97 -47.36
N CYS F 86 8.60 -12.97 -47.35
CA CYS F 86 8.98 -12.50 -48.67
CA CYS F 86 8.98 -12.49 -48.68
C CYS F 86 10.22 -13.27 -49.14
C CYS F 86 10.22 -13.26 -49.15
N VAL F 87 10.12 -13.87 -50.34
CA VAL F 87 11.15 -14.77 -50.83
C VAL F 87 11.47 -14.42 -52.28
N TRP F 88 12.74 -14.65 -52.66
CA TRP F 88 13.13 -14.74 -54.06
C TRP F 88 12.74 -16.12 -54.61
N ASN F 89 12.02 -16.11 -55.75
CA ASN F 89 11.43 -17.33 -56.29
C ASN F 89 12.24 -17.82 -57.50
N ASN F 90 13.44 -17.24 -57.71
CA ASN F 90 14.36 -17.72 -58.72
C ASN F 90 15.44 -18.58 -58.04
N LYS F 91 15.10 -19.16 -56.89
CA LYS F 91 15.98 -20.09 -56.19
C LYS F 91 15.14 -21.28 -55.72
N THR F 92 15.80 -22.43 -55.57
CA THR F 92 15.14 -23.61 -55.03
C THR F 92 16.00 -24.19 -53.92
N PRO F 93 15.49 -24.27 -52.67
CA PRO F 93 14.18 -23.73 -52.33
C PRO F 93 14.18 -22.20 -52.33
N HIS F 94 12.98 -21.62 -52.25
CA HIS F 94 12.82 -20.17 -52.27
C HIS F 94 13.64 -19.55 -51.15
N ALA F 95 14.26 -18.41 -51.44
CA ALA F 95 15.21 -17.79 -50.54
C ALA F 95 14.54 -16.63 -49.79
N ILE F 96 14.65 -16.65 -48.46
CA ILE F 96 13.99 -15.68 -47.62
C ILE F 96 14.67 -14.33 -47.79
N ALA F 97 13.84 -13.30 -48.01
CA ALA F 97 14.30 -11.92 -48.08
C ALA F 97 13.81 -11.14 -46.85
N ALA F 98 12.61 -11.51 -46.36
CA ALA F 98 12.04 -10.85 -45.19
C ALA F 98 11.05 -11.78 -44.50
N ILE F 99 10.84 -11.56 -43.20
CA ILE F 99 9.88 -12.30 -42.42
C ILE F 99 9.04 -11.31 -41.62
N SER F 100 7.76 -11.64 -41.41
CA SER F 100 6.91 -10.89 -40.51
C SER F 100 6.22 -11.83 -39.53
N MET F 101 6.10 -11.39 -38.27
CA MET F 101 5.45 -12.16 -37.25
C MET F 101 4.35 -11.32 -36.60
N ALA F 102 3.19 -11.93 -36.39
CA ALA F 102 2.03 -11.27 -35.82
C ALA F 102 1.21 -12.26 -35.02
N ASN F 103 0.40 -11.74 -34.08
CA ASN F 103 -0.24 -12.54 -33.07
C ASN F 103 -1.42 -13.31 -33.69
N ASN G 1 -12.76 33.61 6.43
CA ASN G 1 -13.27 34.88 7.04
C ASN G 1 -14.57 34.61 7.77
N ASP G 2 -15.17 35.66 8.33
CA ASP G 2 -16.32 35.53 9.21
C ASP G 2 -17.62 35.77 8.43
N ASP G 3 -17.64 35.40 7.16
CA ASP G 3 -18.83 35.51 6.33
C ASP G 3 -19.86 34.51 6.83
N LYS G 4 -21.14 34.91 6.75
CA LYS G 4 -22.26 34.07 7.17
C LYS G 4 -23.17 33.77 5.98
N LEU G 5 -23.81 32.61 6.01
CA LEU G 5 -24.87 32.26 5.08
C LEU G 5 -26.16 32.07 5.87
N TYR G 6 -27.29 31.94 5.15
CA TYR G 6 -28.61 32.01 5.78
C TYR G 6 -29.53 30.96 5.16
N ARG G 7 -30.40 30.36 6.01
CA ARG G 7 -31.33 29.34 5.56
C ARG G 7 -32.60 29.37 6.41
N ALA G 8 -33.74 29.61 5.74
CA ALA G 8 -35.05 29.41 6.34
C ALA G 8 -35.33 27.91 6.42
N ASP G 9 -35.84 27.48 7.59
CA ASP G 9 -36.12 26.07 7.82
C ASP G 9 -37.22 25.95 8.88
N SER G 10 -37.99 24.85 8.80
CA SER G 10 -39.12 24.63 9.70
C SER G 10 -38.65 23.90 10.97
N ARG G 11 -37.55 23.14 10.85
CA ARG G 11 -37.04 22.35 11.96
C ARG G 11 -36.51 23.29 13.04
N PRO G 12 -37.07 23.26 14.27
CA PRO G 12 -36.62 24.13 15.35
C PRO G 12 -35.25 23.75 15.92
N PRO G 13 -34.66 24.59 16.81
CA PRO G 13 -33.29 24.37 17.30
C PRO G 13 -33.10 23.07 18.10
N ASP G 14 -34.18 22.64 18.78
CA ASP G 14 -34.16 21.43 19.58
C ASP G 14 -33.88 20.23 18.67
N GLU G 15 -34.56 20.23 17.51
CA GLU G 15 -34.45 19.15 16.55
C GLU G 15 -33.08 19.20 15.87
N ILE G 16 -32.61 20.42 15.62
CA ILE G 16 -31.29 20.62 15.02
C ILE G 16 -30.23 20.02 15.95
N LYS G 17 -30.40 20.25 17.26
CA LYS G 17 -29.43 19.84 18.25
C LYS G 17 -29.42 18.31 18.34
N GLN G 18 -30.61 17.71 18.33
N GLN G 18 -30.62 17.71 18.32
CA GLN G 18 -30.74 16.26 18.43
CA GLN G 18 -30.77 16.26 18.41
C GLN G 18 -30.11 15.60 17.20
C GLN G 18 -30.13 15.60 17.20
N SER G 19 -30.29 16.22 16.03
CA SER G 19 -29.78 15.68 14.77
C SER G 19 -28.30 15.98 14.61
N GLY G 20 -27.80 16.94 15.41
CA GLY G 20 -26.42 17.37 15.33
C GLY G 20 -26.20 18.33 14.17
N GLY G 21 -27.27 19.00 13.72
CA GLY G 21 -27.18 20.05 12.73
C GLY G 21 -28.40 20.09 11.81
N LEU G 22 -28.23 20.77 10.67
CA LEU G 22 -29.26 20.87 9.63
C LEU G 22 -29.04 19.75 8.62
N MET G 23 -29.98 18.82 8.57
CA MET G 23 -29.76 17.56 7.89
C MET G 23 -30.34 17.63 6.48
N PRO G 24 -29.67 17.03 5.48
CA PRO G 24 -30.35 16.64 4.25
C PRO G 24 -31.58 15.79 4.57
N ARG G 25 -32.55 15.80 3.65
CA ARG G 25 -33.66 14.87 3.71
C ARG G 25 -33.11 13.44 3.80
N GLY G 26 -33.53 12.70 4.84
CA GLY G 26 -33.24 11.28 4.95
C GLY G 26 -32.20 10.99 6.03
N GLN G 27 -31.35 11.98 6.34
CA GLN G 27 -30.30 11.82 7.34
C GLN G 27 -30.87 12.11 8.73
N SER G 28 -30.56 11.22 9.69
CA SER G 28 -31.03 11.36 11.06
C SER G 28 -30.05 12.20 11.87
N GLU G 29 -28.77 11.86 11.77
CA GLU G 29 -27.73 12.51 12.55
C GLU G 29 -26.54 12.81 11.65
N TYR G 30 -25.84 13.89 11.96
CA TYR G 30 -24.84 14.46 11.05
C TYR G 30 -23.74 13.43 10.81
N PHE G 31 -23.41 12.65 11.84
CA PHE G 31 -22.20 11.84 11.86
C PHE G 31 -22.47 10.44 11.31
N ASP G 32 -23.72 10.21 10.86
CA ASP G 32 -24.02 9.01 10.07
C ASP G 32 -23.18 9.05 8.80
N ARG G 33 -22.80 7.87 8.31
CA ARG G 33 -21.96 7.79 7.12
C ARG G 33 -22.81 8.17 5.91
N GLY G 34 -22.12 8.50 4.80
CA GLY G 34 -22.75 9.12 3.66
C GLY G 34 -23.61 8.13 2.87
N THR G 35 -23.39 6.83 3.11
CA THR G 35 -24.09 5.78 2.39
C THR G 35 -25.58 5.85 2.69
N GLN G 36 -25.94 6.69 3.67
CA GLN G 36 -27.33 6.83 4.12
C GLN G 36 -28.12 7.74 3.16
N MET G 37 -27.42 8.36 2.20
CA MET G 37 -28.04 9.34 1.31
C MET G 37 -27.62 9.07 -0.13
N ASN G 38 -28.41 9.56 -1.08
N ASN G 38 -28.35 9.69 -1.06
CA ASN G 38 -27.89 9.88 -2.41
CA ASN G 38 -27.91 9.85 -2.43
C ASN G 38 -27.20 11.24 -2.34
C ASN G 38 -27.26 11.24 -2.59
N ILE G 39 -25.92 11.27 -2.70
CA ILE G 39 -25.15 12.51 -2.68
C ILE G 39 -24.84 12.93 -4.12
N ASN G 40 -25.54 13.96 -4.61
CA ASN G 40 -25.46 14.36 -6.00
C ASN G 40 -25.90 15.82 -6.14
N LEU G 41 -24.95 16.69 -6.48
CA LEU G 41 -25.17 18.13 -6.44
C LEU G 41 -26.17 18.54 -7.52
N TYR G 42 -25.96 18.04 -8.74
CA TYR G 42 -26.87 18.27 -9.85
C TYR G 42 -28.30 17.91 -9.43
N ASP G 43 -28.47 16.72 -8.83
CA ASP G 43 -29.77 16.24 -8.41
C ASP G 43 -30.34 17.15 -7.33
N HIS G 44 -29.46 17.60 -6.42
CA HIS G 44 -29.84 18.44 -5.30
C HIS G 44 -30.44 19.75 -5.81
N ALA G 45 -29.81 20.29 -6.87
CA ALA G 45 -30.10 21.63 -7.37
C ALA G 45 -31.36 21.62 -8.24
N ARG G 46 -31.72 20.44 -8.75
CA ARG G 46 -32.85 20.30 -9.66
C ARG G 46 -34.15 20.16 -8.85
N GLY G 47 -34.00 19.79 -7.57
N GLY G 47 -34.02 19.90 -7.54
CA GLY G 47 -35.13 19.48 -6.71
CA GLY G 47 -35.13 20.09 -6.62
C GLY G 47 -36.15 20.62 -6.69
C GLY G 47 -35.77 21.47 -6.82
N THR G 48 -37.38 20.28 -6.31
N THR G 48 -37.11 21.52 -6.73
CA THR G 48 -38.54 21.10 -6.64
CA THR G 48 -37.84 22.77 -6.90
C THR G 48 -38.74 22.18 -5.58
C THR G 48 -38.71 23.01 -5.65
N GLN G 49 -38.40 21.86 -4.32
N GLN G 49 -38.37 22.30 -4.56
CA GLN G 49 -38.69 22.74 -3.19
CA GLN G 49 -38.67 22.75 -3.20
C GLN G 49 -40.18 22.66 -2.85
C GLN G 49 -40.18 22.63 -2.93
N THR G 50 -40.92 23.72 -3.19
CA THR G 50 -42.38 23.77 -2.99
C THR G 50 -42.71 23.82 -1.50
N GLY G 51 -42.32 22.76 -0.76
CA GLY G 51 -42.70 22.62 0.64
C GLY G 51 -41.57 23.03 1.59
N PHE G 52 -40.33 22.62 1.24
CA PHE G 52 -39.15 22.95 2.04
C PHE G 52 -38.08 23.56 1.14
N VAL G 53 -37.11 24.24 1.77
CA VAL G 53 -35.98 24.82 1.06
C VAL G 53 -34.99 23.72 0.72
N ARG G 54 -34.48 23.75 -0.51
CA ARG G 54 -33.77 22.61 -1.09
C ARG G 54 -32.84 21.97 -0.05
N HIS G 55 -33.08 20.67 0.21
CA HIS G 55 -32.21 19.88 1.09
C HIS G 55 -32.20 18.41 0.68
N ASP G 56 -32.49 18.14 -0.61
N ASP G 56 -32.46 18.15 -0.61
CA ASP G 56 -32.54 16.79 -1.12
CA ASP G 56 -32.55 16.80 -1.12
C ASP G 56 -31.16 16.38 -1.60
C ASP G 56 -31.19 16.37 -1.69
N ASP G 57 -30.94 15.06 -1.70
CA ASP G 57 -29.83 14.49 -2.44
C ASP G 57 -28.49 14.95 -1.84
N GLY G 58 -28.45 15.09 -0.51
CA GLY G 58 -27.21 14.99 0.24
C GLY G 58 -26.60 16.36 0.56
N TYR G 59 -27.24 17.44 0.05
CA TYR G 59 -26.78 18.80 0.30
C TYR G 59 -27.89 19.58 1.00
N VAL G 60 -27.51 20.65 1.70
CA VAL G 60 -28.47 21.60 2.26
C VAL G 60 -28.13 23.00 1.72
N SER G 61 -29.13 23.63 1.09
CA SER G 61 -28.91 24.90 0.40
C SER G 61 -29.01 26.05 1.37
N THR G 62 -28.20 27.10 1.14
CA THR G 62 -28.26 28.33 1.93
C THR G 62 -28.28 29.53 0.97
N SER G 63 -28.79 30.66 1.48
CA SER G 63 -28.72 31.94 0.77
C SER G 63 -27.55 32.77 1.29
N ILE G 64 -27.20 33.84 0.56
CA ILE G 64 -25.99 34.59 0.82
C ILE G 64 -26.33 35.87 1.58
N SER G 65 -27.60 36.04 1.93
CA SER G 65 -27.99 37.16 2.77
C SER G 65 -29.25 36.82 3.55
N LEU G 66 -29.39 37.48 4.70
CA LEU G 66 -30.56 37.36 5.54
C LEU G 66 -31.82 37.71 4.74
N ARG G 67 -31.71 38.70 3.85
CA ARG G 67 -32.84 39.18 3.07
C ARG G 67 -33.25 38.11 2.05
N SER G 68 -32.27 37.50 1.39
CA SER G 68 -32.52 36.45 0.40
C SER G 68 -33.31 35.31 1.04
N ALA G 69 -32.89 34.94 2.25
CA ALA G 69 -33.39 33.75 2.91
C ALA G 69 -34.80 34.00 3.44
N HIS G 70 -35.03 35.23 3.94
CA HIS G 70 -36.34 35.61 4.41
C HIS G 70 -37.34 35.61 3.26
N LEU G 71 -36.92 36.18 2.12
N LEU G 71 -36.93 36.22 2.14
CA LEU G 71 -37.76 36.19 0.93
CA LEU G 71 -37.71 36.19 0.91
C LEU G 71 -38.14 34.75 0.55
C LEU G 71 -38.13 34.75 0.60
N VAL G 72 -37.13 33.88 0.46
CA VAL G 72 -37.36 32.48 0.12
C VAL G 72 -38.30 31.88 1.15
N GLY G 73 -38.08 32.24 2.43
CA GLY G 73 -38.88 31.71 3.54
C GLY G 73 -40.36 32.04 3.38
N GLN G 74 -40.64 33.24 2.85
CA GLN G 74 -42.00 33.74 2.73
C GLN G 74 -42.72 33.02 1.59
N THR G 75 -41.97 32.72 0.53
CA THR G 75 -42.48 31.94 -0.58
C THR G 75 -42.78 30.51 -0.10
N ILE G 76 -41.75 29.84 0.44
CA ILE G 76 -41.73 28.37 0.55
C ILE G 76 -42.41 27.94 1.87
N LEU G 77 -42.07 28.63 2.97
CA LEU G 77 -42.51 28.22 4.30
C LEU G 77 -43.73 29.04 4.72
N SER G 78 -44.34 29.72 3.74
CA SER G 78 -45.73 30.12 3.83
C SER G 78 -46.58 28.92 4.26
N GLY G 79 -47.12 28.99 5.47
CA GLY G 79 -47.98 27.94 5.99
C GLY G 79 -47.59 27.57 7.42
N HIS G 80 -46.29 27.63 7.72
CA HIS G 80 -45.82 27.41 9.07
C HIS G 80 -45.96 28.71 9.84
N SER G 81 -46.66 28.65 10.97
CA SER G 81 -46.87 29.82 11.81
C SER G 81 -45.58 30.22 12.52
N THR G 82 -44.66 29.25 12.68
CA THR G 82 -43.30 29.54 13.10
C THR G 82 -42.32 28.76 12.24
N TYR G 83 -41.32 29.47 11.70
CA TYR G 83 -40.09 28.84 11.22
C TYR G 83 -38.90 29.66 11.70
N TYR G 84 -37.69 29.23 11.33
CA TYR G 84 -36.47 29.86 11.80
C TYR G 84 -35.55 30.13 10.61
N ILE G 85 -34.79 31.21 10.69
CA ILE G 85 -33.71 31.47 9.76
C ILE G 85 -32.39 31.20 10.46
N TYR G 86 -31.66 30.20 9.97
CA TYR G 86 -30.43 29.76 10.61
C TYR G 86 -29.26 30.53 10.02
N VAL G 87 -28.49 31.19 10.89
CA VAL G 87 -27.27 31.87 10.49
C VAL G 87 -26.12 30.89 10.60
N ILE G 88 -25.32 30.82 9.53
CA ILE G 88 -24.46 29.68 9.26
C ILE G 88 -23.08 30.19 8.86
N ALA G 89 -22.03 29.64 9.48
CA ALA G 89 -20.67 29.99 9.12
C ALA G 89 -20.31 29.41 7.75
N THR G 90 -19.38 30.08 7.06
CA THR G 90 -18.79 29.54 5.86
C THR G 90 -17.70 28.55 6.25
N ALA G 91 -17.71 27.40 5.57
CA ALA G 91 -16.66 26.41 5.72
C ALA G 91 -16.55 25.59 4.44
N PRO G 92 -15.43 24.86 4.24
CA PRO G 92 -15.20 24.16 2.98
C PRO G 92 -16.01 22.88 2.77
N ASN G 93 -17.11 22.74 3.52
CA ASN G 93 -18.13 21.75 3.19
C ASN G 93 -19.21 22.38 2.31
N MET G 94 -18.95 23.61 1.85
N MET G 94 -18.99 23.64 1.93
CA MET G 94 -19.96 24.45 1.23
CA MET G 94 -20.01 24.42 1.23
C MET G 94 -19.52 24.80 -0.19
C MET G 94 -19.52 24.73 -0.19
N PHE G 95 -20.42 24.59 -1.17
CA PHE G 95 -20.10 24.80 -2.57
C PHE G 95 -21.02 25.87 -3.15
N ASN G 96 -20.45 26.75 -3.99
CA ASN G 96 -21.26 27.70 -4.75
C ASN G 96 -21.80 27.00 -5.99
N VAL G 97 -23.13 26.83 -6.02
CA VAL G 97 -23.78 25.93 -6.96
C VAL G 97 -23.51 26.42 -8.38
N ASN G 98 -23.63 27.75 -8.59
CA ASN G 98 -23.57 28.34 -9.92
C ASN G 98 -22.14 28.26 -10.48
N ASP G 99 -21.14 28.25 -9.58
CA ASP G 99 -19.74 28.15 -9.99
C ASP G 99 -19.46 26.73 -10.46
N VAL G 100 -20.03 25.76 -9.74
CA VAL G 100 -19.65 24.36 -9.90
C VAL G 100 -20.45 23.78 -11.06
N LEU G 101 -21.75 24.06 -11.08
CA LEU G 101 -22.62 23.60 -12.15
C LEU G 101 -22.42 24.49 -13.37
N GLY G 102 -21.93 25.72 -13.14
CA GLY G 102 -21.60 26.63 -14.23
C GLY G 102 -22.81 26.96 -15.09
N ALA G 103 -22.60 26.90 -16.41
CA ALA G 103 -23.63 27.24 -17.38
C ALA G 103 -24.84 26.30 -17.25
N TYR G 104 -24.72 25.26 -16.41
CA TYR G 104 -25.76 24.23 -16.30
C TYR G 104 -26.45 24.32 -14.95
N SER G 105 -26.12 25.35 -14.17
CA SER G 105 -26.83 25.64 -12.94
C SER G 105 -28.29 25.95 -13.26
N PRO G 106 -29.25 25.12 -12.81
CA PRO G 106 -30.64 25.22 -13.25
C PRO G 106 -31.42 26.40 -12.67
N HIS G 107 -30.87 27.03 -11.62
CA HIS G 107 -31.48 28.22 -11.05
C HIS G 107 -30.39 29.24 -10.72
N PRO G 108 -29.78 29.87 -11.75
CA PRO G 108 -28.71 30.84 -11.55
C PRO G 108 -29.20 32.09 -10.83
N ASP G 109 -30.52 32.27 -10.82
CA ASP G 109 -31.12 33.50 -10.32
C ASP G 109 -30.95 33.59 -8.80
N GLU G 110 -30.76 32.43 -8.17
CA GLU G 110 -31.03 32.27 -6.75
C GLU G 110 -29.71 32.17 -5.95
N GLN G 111 -28.58 32.11 -6.66
N GLN G 111 -28.57 32.21 -6.67
CA GLN G 111 -27.28 32.31 -6.05
CA GLN G 111 -27.26 32.30 -6.04
C GLN G 111 -27.19 31.50 -4.75
C GLN G 111 -27.24 31.50 -4.74
N GLU G 112 -27.20 30.17 -4.88
CA GLU G 112 -27.28 29.26 -3.72
C GLU G 112 -25.88 28.76 -3.36
N VAL G 113 -25.62 28.65 -2.06
CA VAL G 113 -24.46 27.92 -1.55
C VAL G 113 -24.96 26.73 -0.77
N SER G 114 -24.40 25.54 -1.07
CA SER G 114 -24.96 24.28 -0.59
C SER G 114 -23.90 23.47 0.18
N ALA G 115 -24.33 22.88 1.30
CA ALA G 115 -23.44 22.16 2.19
C ALA G 115 -23.55 20.66 1.92
N LEU G 116 -22.41 20.05 1.58
CA LEU G 116 -22.35 18.62 1.34
C LEU G 116 -22.40 17.88 2.67
N GLY G 117 -23.51 17.16 2.90
CA GLY G 117 -23.67 16.35 4.10
C GLY G 117 -24.52 17.07 5.15
N GLY G 118 -24.88 18.31 4.86
CA GLY G 118 -25.60 19.14 5.80
C GLY G 118 -24.65 19.98 6.65
N ILE G 119 -25.24 20.68 7.61
CA ILE G 119 -24.54 21.68 8.37
C ILE G 119 -24.45 21.22 9.82
N PRO G 120 -23.23 20.90 10.31
CA PRO G 120 -23.07 20.50 11.70
C PRO G 120 -23.47 21.61 12.65
N TYR G 121 -23.93 21.21 13.82
CA TYR G 121 -24.39 22.14 14.85
C TYR G 121 -23.32 23.22 15.11
N SER G 122 -22.04 22.83 15.06
CA SER G 122 -20.95 23.70 15.48
C SER G 122 -20.80 24.86 14.50
N GLN G 123 -21.30 24.66 13.28
CA GLN G 123 -21.13 25.61 12.19
C GLN G 123 -22.29 26.61 12.17
N ILE G 124 -23.24 26.45 13.10
CA ILE G 124 -24.42 27.30 13.14
C ILE G 124 -24.20 28.39 14.19
N TYR G 125 -24.23 29.66 13.73
CA TYR G 125 -23.87 30.78 14.56
C TYR G 125 -25.07 31.17 15.43
N GLY G 126 -26.28 30.99 14.87
CA GLY G 126 -27.50 31.30 15.61
C GLY G 126 -28.72 31.18 14.73
N TRP G 127 -29.85 31.73 15.20
CA TRP G 127 -31.11 31.66 14.45
C TRP G 127 -32.00 32.83 14.81
N TYR G 128 -32.81 33.26 13.82
CA TYR G 128 -33.90 34.19 14.07
C TYR G 128 -35.23 33.43 14.05
N ARG G 129 -36.13 33.82 14.95
CA ARG G 129 -37.47 33.26 14.98
C ARG G 129 -38.36 34.06 14.04
N VAL G 130 -39.20 33.35 13.27
CA VAL G 130 -40.18 33.98 12.39
C VAL G 130 -41.59 33.56 12.81
N HIS G 131 -42.35 34.50 13.39
CA HIS G 131 -43.67 34.22 13.91
C HIS G 131 -44.71 34.90 13.02
N PHE G 132 -45.55 34.08 12.35
CA PHE G 132 -46.56 34.57 11.42
C PHE G 132 -45.93 35.53 10.42
N GLY G 133 -44.79 35.11 9.84
CA GLY G 133 -44.17 35.85 8.76
C GLY G 133 -43.21 36.92 9.28
N VAL G 134 -43.41 37.34 10.55
CA VAL G 134 -42.69 38.48 11.10
C VAL G 134 -41.37 37.99 11.70
N LEU G 135 -40.29 38.21 10.97
CA LEU G 135 -38.95 38.08 11.51
C LEU G 135 -38.85 38.85 12.82
N ASP G 136 -38.23 38.23 13.82
CA ASP G 136 -37.85 38.92 15.05
C ASP G 136 -36.33 39.15 15.02
N GLU G 137 -35.95 40.44 15.03
CA GLU G 137 -34.58 40.84 14.67
C GLU G 137 -33.64 40.59 15.86
N GLN G 138 -34.12 39.90 16.91
CA GLN G 138 -33.26 39.49 18.01
C GLN G 138 -32.70 38.10 17.75
N LEU G 139 -31.39 38.03 17.49
CA LEU G 139 -30.71 36.81 17.12
C LEU G 139 -30.41 35.99 18.38
N HIS G 140 -30.67 34.67 18.31
CA HIS G 140 -30.33 33.76 19.38
C HIS G 140 -29.01 33.08 19.05
N ARG G 141 -28.02 33.26 19.94
CA ARG G 141 -26.68 32.74 19.73
C ARG G 141 -26.64 31.27 20.13
N ASN G 142 -26.05 30.45 19.26
CA ASN G 142 -25.91 29.02 19.52
C ASN G 142 -24.59 28.77 20.26
N ARG G 143 -24.68 28.15 21.44
CA ARG G 143 -23.53 27.99 22.32
C ARG G 143 -22.65 26.84 21.80
N GLY G 144 -23.14 26.14 20.76
CA GLY G 144 -22.41 25.05 20.14
C GLY G 144 -21.43 25.54 19.08
N TYR G 145 -21.51 26.85 18.78
CA TYR G 145 -20.73 27.47 17.72
C TYR G 145 -19.30 27.73 18.19
N ARG G 146 -18.34 27.66 17.26
N ARG G 146 -18.32 27.63 17.27
CA ARG G 146 -16.95 27.96 17.52
CA ARG G 146 -16.94 27.98 17.57
C ARG G 146 -16.45 29.05 16.57
C ARG G 146 -16.46 29.04 16.59
N ASP G 147 -16.43 30.30 17.06
CA ASP G 147 -16.13 31.46 16.20
C ASP G 147 -14.69 31.39 15.69
N ARG G 148 -13.75 31.00 16.55
CA ARG G 148 -12.33 31.10 16.21
C ARG G 148 -12.00 30.11 15.10
N TYR G 149 -12.68 28.95 15.12
CA TYR G 149 -12.42 27.90 14.15
C TYR G 149 -12.99 28.29 12.78
N TYR G 150 -14.26 28.71 12.77
CA TYR G 150 -15.02 28.85 11.53
C TYR G 150 -14.70 30.19 10.86
N SER G 151 -14.35 31.20 11.66
CA SER G 151 -13.92 32.49 11.14
C SER G 151 -12.62 32.35 10.36
N ASN G 152 -11.96 31.20 10.51
CA ASN G 152 -10.70 30.95 9.84
C ASN G 152 -10.93 30.21 8.51
N LEU G 153 -12.20 29.89 8.21
CA LEU G 153 -12.52 29.03 7.10
C LEU G 153 -13.40 29.78 6.11
N ASP G 154 -13.32 29.36 4.84
CA ASP G 154 -14.14 29.92 3.77
C ASP G 154 -14.87 28.77 3.10
N ILE G 155 -15.72 29.07 2.12
CA ILE G 155 -16.37 28.02 1.36
C ILE G 155 -15.33 27.32 0.50
N ALA G 156 -15.74 26.21 -0.09
CA ALA G 156 -14.86 25.41 -0.92
C ALA G 156 -14.59 26.16 -2.23
N PRO G 157 -13.36 26.07 -2.76
CA PRO G 157 -13.12 26.42 -4.15
C PRO G 157 -14.07 25.66 -5.08
N ALA G 158 -14.34 26.23 -6.25
CA ALA G 158 -15.13 25.54 -7.27
C ALA G 158 -14.39 24.28 -7.73
N ALA G 159 -13.06 24.36 -7.72
CA ALA G 159 -12.21 23.27 -8.21
C ALA G 159 -12.38 22.02 -7.33
N ASP G 160 -12.83 22.23 -6.09
CA ASP G 160 -13.05 21.14 -5.16
C ASP G 160 -14.40 20.47 -5.44
N GLY G 161 -15.22 21.10 -6.30
CA GLY G 161 -16.62 20.73 -6.44
C GLY G 161 -16.92 20.15 -7.82
N TYR G 162 -15.99 20.31 -8.76
CA TYR G 162 -16.24 19.97 -10.15
C TYR G 162 -16.48 18.48 -10.27
N GLY G 163 -15.59 17.68 -9.65
CA GLY G 163 -15.65 16.23 -9.69
C GLY G 163 -16.94 15.69 -9.08
N LEU G 164 -17.55 16.47 -8.18
CA LEU G 164 -18.73 16.03 -7.44
C LEU G 164 -20.00 16.58 -8.09
N ALA G 165 -19.85 17.14 -9.29
CA ALA G 165 -20.91 17.91 -9.91
C ALA G 165 -22.15 17.04 -10.09
N GLY G 166 -21.93 15.81 -10.58
CA GLY G 166 -22.94 14.76 -10.46
C GLY G 166 -23.87 14.73 -11.67
N PHE G 167 -23.44 15.33 -12.79
CA PHE G 167 -24.12 15.17 -14.05
C PHE G 167 -24.14 13.69 -14.41
N PRO G 168 -25.24 13.18 -15.02
CA PRO G 168 -25.24 11.84 -15.59
C PRO G 168 -24.12 11.69 -16.61
N PRO G 169 -23.74 10.45 -16.97
CA PRO G 169 -22.54 10.22 -17.76
C PRO G 169 -22.62 10.77 -19.20
N GLU G 170 -23.84 10.78 -19.76
CA GLU G 170 -24.05 11.12 -21.16
C GLU G 170 -24.04 12.65 -21.33
N HIS G 171 -24.05 13.37 -20.19
CA HIS G 171 -24.10 14.83 -20.17
C HIS G 171 -22.84 15.41 -20.83
N ARG G 172 -23.01 16.54 -21.53
CA ARG G 172 -21.95 17.12 -22.34
C ARG G 172 -20.97 17.85 -21.44
N ALA G 173 -21.38 18.11 -20.19
CA ALA G 173 -20.55 18.83 -19.23
C ALA G 173 -19.21 18.10 -19.06
N TRP G 174 -19.26 16.75 -18.97
CA TRP G 174 -18.07 15.93 -18.69
C TRP G 174 -17.07 16.06 -19.85
N ARG G 175 -17.55 16.57 -21.00
CA ARG G 175 -16.79 16.55 -22.24
C ARG G 175 -16.34 17.97 -22.62
N GLU G 176 -16.46 18.91 -21.67
CA GLU G 176 -15.87 20.24 -21.86
C GLU G 176 -15.26 20.73 -20.55
N GLU G 177 -14.53 21.84 -20.64
CA GLU G 177 -13.88 22.46 -19.49
C GLU G 177 -14.92 23.22 -18.67
N PRO G 178 -14.76 23.29 -17.32
CA PRO G 178 -13.59 22.75 -16.64
C PRO G 178 -13.73 21.28 -16.24
N TRP G 179 -14.96 20.74 -16.35
CA TRP G 179 -15.34 19.51 -15.68
C TRP G 179 -14.56 18.31 -16.22
N ILE G 180 -14.15 18.39 -17.50
CA ILE G 180 -13.57 17.26 -18.21
C ILE G 180 -12.33 16.78 -17.46
N HIS G 181 -11.62 17.72 -16.82
CA HIS G 181 -10.35 17.42 -16.18
C HIS G 181 -10.57 17.04 -14.71
N HIS G 182 -11.84 16.89 -14.31
CA HIS G 182 -12.16 16.42 -12.97
C HIS G 182 -13.16 15.26 -13.05
N ALA G 183 -13.45 14.81 -14.27
CA ALA G 183 -14.52 13.85 -14.50
C ALA G 183 -14.21 12.52 -13.80
N PRO G 184 -15.19 11.92 -13.07
CA PRO G 184 -15.04 10.56 -12.57
C PRO G 184 -14.90 9.57 -13.73
N PRO G 185 -14.30 8.38 -13.50
CA PRO G 185 -14.30 7.32 -14.52
C PRO G 185 -15.72 6.88 -14.87
N GLY G 186 -15.96 6.66 -16.17
CA GLY G 186 -17.26 6.20 -16.65
C GLY G 186 -18.18 7.37 -17.00
N CYS G 187 -17.79 8.59 -16.57
CA CYS G 187 -18.49 9.80 -16.97
C CYS G 187 -17.81 10.41 -18.19
N GLY G 188 -18.63 10.95 -19.11
CA GLY G 188 -18.13 11.50 -20.35
C GLY G 188 -17.69 10.39 -21.31
N ASN G 189 -16.51 10.57 -21.91
CA ASN G 189 -15.86 9.52 -22.68
C ASN G 189 -16.86 8.95 -23.69
N ASN G 197 -22.41 4.45 -16.84
CA ASN G 197 -21.93 3.07 -16.57
C ASN G 197 -21.87 2.86 -15.04
N THR G 198 -20.69 3.12 -14.46
CA THR G 198 -20.57 3.28 -13.01
C THR G 198 -20.22 4.75 -12.70
N CYS G 199 -20.69 5.65 -13.58
CA CYS G 199 -20.55 7.08 -13.35
C CYS G 199 -21.25 7.45 -12.05
N ASP G 200 -22.57 7.21 -11.99
CA ASP G 200 -23.38 7.70 -10.89
C ASP G 200 -22.93 7.06 -9.57
N GLU G 201 -22.15 5.96 -9.69
CA GLU G 201 -21.66 5.24 -8.52
C GLU G 201 -20.38 5.90 -7.99
N LYS G 202 -19.45 6.22 -8.89
CA LYS G 202 -18.20 6.86 -8.50
C LYS G 202 -18.49 8.26 -7.95
N THR G 203 -19.48 8.92 -8.54
CA THR G 203 -19.97 10.20 -8.03
C THR G 203 -20.38 10.05 -6.57
N GLN G 204 -21.16 8.99 -6.29
CA GLN G 204 -21.67 8.73 -4.94
C GLN G 204 -20.50 8.49 -3.98
N SER G 205 -19.51 7.71 -4.43
CA SER G 205 -18.45 7.23 -3.55
C SER G 205 -17.44 8.35 -3.28
N LEU G 206 -17.24 9.22 -4.29
CA LEU G 206 -16.37 10.37 -4.14
C LEU G 206 -17.04 11.38 -3.21
N GLY G 207 -18.37 11.43 -3.26
CA GLY G 207 -19.15 12.27 -2.35
C GLY G 207 -19.04 11.78 -0.91
N VAL G 208 -19.13 10.45 -0.73
CA VAL G 208 -19.13 9.84 0.58
C VAL G 208 -17.74 9.99 1.20
N LYS G 209 -16.71 9.89 0.36
CA LYS G 209 -15.34 10.03 0.82
C LYS G 209 -15.12 11.47 1.31
N PHE G 210 -15.67 12.43 0.58
CA PHE G 210 -15.51 13.85 0.91
C PHE G 210 -16.12 14.10 2.30
N LEU G 211 -17.32 13.54 2.52
CA LEU G 211 -18.05 13.76 3.75
C LEU G 211 -17.31 13.08 4.90
N ASP G 212 -16.76 11.90 4.63
CA ASP G 212 -16.00 11.16 5.63
C ASP G 212 -14.85 12.02 6.12
N GLU G 213 -14.08 12.57 5.17
CA GLU G 213 -12.89 13.32 5.52
C GLU G 213 -13.28 14.60 6.24
N TYR G 214 -14.46 15.16 5.90
CA TYR G 214 -14.89 16.42 6.48
C TYR G 214 -15.43 16.17 7.89
N GLN G 215 -16.10 15.02 8.08
CA GLN G 215 -16.61 14.62 9.38
C GLN G 215 -15.45 14.42 10.36
N SER G 216 -14.29 14.01 9.83
CA SER G 216 -13.12 13.76 10.64
C SER G 216 -12.60 15.07 11.21
N LYS G 217 -12.73 16.14 10.43
CA LYS G 217 -12.24 17.45 10.83
C LYS G 217 -13.15 18.01 11.91
N VAL G 218 -14.45 17.78 11.77
CA VAL G 218 -15.44 18.30 12.69
C VAL G 218 -15.25 17.60 14.03
N LYS G 219 -15.20 16.26 14.00
CA LYS G 219 -14.99 15.46 15.21
C LYS G 219 -13.73 15.94 15.93
N ARG G 220 -12.68 16.18 15.17
CA ARG G 220 -11.39 16.49 15.77
C ARG G 220 -11.46 17.83 16.49
N GLN G 221 -12.22 18.77 15.94
CA GLN G 221 -12.32 20.09 16.53
C GLN G 221 -13.21 20.03 17.77
N ILE G 222 -14.43 19.51 17.58
CA ILE G 222 -15.46 19.58 18.61
C ILE G 222 -15.10 18.63 19.75
N PHE G 223 -14.74 17.39 19.40
CA PHE G 223 -14.59 16.33 20.40
C PHE G 223 -13.22 16.45 21.10
N SER G 224 -12.29 17.23 20.52
CA SER G 224 -11.04 17.58 21.21
C SER G 224 -11.33 18.60 22.30
N GLY G 225 -12.15 19.59 21.97
CA GLY G 225 -12.68 20.52 22.96
C GLY G 225 -13.25 19.77 24.17
N TYR G 226 -14.00 18.70 23.90
CA TYR G 226 -14.77 18.00 24.93
C TYR G 226 -13.81 17.23 25.85
N GLN G 227 -12.56 17.04 25.42
CA GLN G 227 -11.64 16.18 26.15
C GLN G 227 -10.50 17.02 26.72
N SER G 228 -10.68 18.35 26.73
CA SER G 228 -9.64 19.26 27.16
C SER G 228 -9.76 19.53 28.67
N ASP G 229 -10.57 18.70 29.34
CA ASP G 229 -10.76 18.79 30.79
C ASP G 229 -9.87 17.76 31.50
N ILE G 230 -9.27 16.86 30.72
CA ILE G 230 -8.53 15.73 31.26
C ILE G 230 -7.30 16.23 32.02
N ASP G 231 -7.17 15.77 33.27
CA ASP G 231 -5.95 15.96 34.05
C ASP G 231 -5.36 14.59 34.38
N THR G 232 -4.16 14.33 33.85
CA THR G 232 -3.52 13.03 34.00
C THR G 232 -3.08 12.87 35.46
N HIS G 233 -2.72 14.00 36.09
CA HIS G 233 -2.05 13.98 37.39
C HIS G 233 -2.97 13.35 38.44
N ASN G 234 -4.28 13.61 38.33
CA ASN G 234 -5.26 13.04 39.26
C ASN G 234 -5.12 11.51 39.31
N ARG G 235 -5.15 10.87 38.13
N ARG G 235 -5.17 10.87 38.13
CA ARG G 235 -5.20 9.42 38.04
CA ARG G 235 -5.19 9.42 38.04
C ARG G 235 -3.84 8.82 38.43
C ARG G 235 -3.84 8.86 38.51
N ILE G 236 -2.75 9.54 38.16
CA ILE G 236 -1.40 9.02 38.38
C ILE G 236 -0.84 9.57 39.69
N LYS G 237 -1.73 10.10 40.57
CA LYS G 237 -1.30 10.92 41.71
C LYS G 237 -0.16 10.23 42.46
N ASP G 238 -0.41 8.99 42.88
CA ASP G 238 0.39 8.34 43.92
C ASP G 238 0.96 7.03 43.36
N THR H 1 -0.67 -13.15 24.68
CA THR H 1 -1.30 -11.81 24.84
C THR H 1 -2.38 -11.65 23.78
N PRO H 2 -3.64 -11.38 24.18
CA PRO H 2 -4.74 -11.29 23.23
C PRO H 2 -4.61 -10.08 22.30
N GLN H 3 -5.14 -10.22 21.08
CA GLN H 3 -5.04 -9.18 20.07
C GLN H 3 -6.41 -8.53 19.84
N ASN H 4 -7.42 -9.03 20.55
CA ASN H 4 -8.76 -8.48 20.47
C ASN H 4 -9.55 -8.87 21.70
N ILE H 5 -10.75 -8.29 21.84
CA ILE H 5 -11.52 -8.39 23.06
C ILE H 5 -12.05 -9.81 23.21
N THR H 6 -12.31 -10.47 22.08
CA THR H 6 -12.87 -11.82 22.10
C THR H 6 -11.85 -12.79 22.70
N ASP H 7 -10.58 -12.67 22.25
CA ASP H 7 -9.51 -13.52 22.74
C ASP H 7 -9.27 -13.24 24.23
N LEU H 8 -9.35 -11.97 24.60
CA LEU H 8 -9.15 -11.55 25.98
C LEU H 8 -10.21 -12.19 26.87
N CYS H 9 -11.47 -12.10 26.42
N CYS H 9 -11.47 -12.09 26.43
CA CYS H 9 -12.60 -12.53 27.22
CA CYS H 9 -12.60 -12.52 27.23
C CYS H 9 -12.52 -14.03 27.48
C CYS H 9 -12.51 -14.03 27.49
N ALA H 10 -11.94 -14.77 26.53
CA ALA H 10 -11.94 -16.23 26.55
C ALA H 10 -10.94 -16.75 27.58
N GLU H 11 -10.15 -15.84 28.19
CA GLU H 11 -9.14 -16.24 29.15
C GLU H 11 -9.74 -16.39 30.55
N TYR H 12 -11.01 -16.00 30.70
CA TYR H 12 -11.66 -15.95 32.00
C TYR H 12 -12.89 -16.85 31.99
N HIS H 13 -13.17 -17.50 33.13
CA HIS H 13 -14.23 -18.50 33.21
C HIS H 13 -15.60 -17.83 33.27
N ASN H 14 -15.72 -16.70 33.99
CA ASN H 14 -17.00 -16.14 34.35
C ASN H 14 -17.38 -14.97 33.43
N THR H 15 -16.87 -14.98 32.20
CA THR H 15 -17.00 -13.85 31.30
C THR H 15 -17.76 -14.28 30.06
N GLN H 16 -18.31 -13.30 29.34
CA GLN H 16 -18.92 -13.55 28.04
C GLN H 16 -18.90 -12.24 27.23
N ILE H 17 -19.04 -12.37 25.91
CA ILE H 17 -19.07 -11.24 25.02
C ILE H 17 -20.52 -10.89 24.72
N HIS H 18 -20.83 -9.59 24.79
CA HIS H 18 -22.03 -9.05 24.16
C HIS H 18 -21.62 -8.23 22.96
N THR H 19 -22.30 -8.45 21.83
CA THR H 19 -22.08 -7.64 20.63
C THR H 19 -23.24 -6.67 20.48
N LEU H 20 -22.93 -5.36 20.50
CA LEU H 20 -23.95 -4.33 20.57
C LEU H 20 -23.99 -3.56 19.25
N ASN H 21 -22.81 -3.16 18.76
CA ASN H 21 -22.71 -2.33 17.57
C ASN H 21 -23.72 -1.21 17.64
N ASP H 22 -23.71 -0.46 18.74
CA ASP H 22 -24.62 0.65 18.94
C ASP H 22 -24.02 1.62 19.95
N LYS H 23 -24.48 2.87 19.90
CA LYS H 23 -24.08 3.87 20.87
C LYS H 23 -24.83 3.60 22.19
N ILE H 24 -24.27 4.12 23.28
CA ILE H 24 -24.88 4.01 24.59
C ILE H 24 -26.14 4.87 24.62
N PHE H 25 -27.21 4.32 25.19
CA PHE H 25 -28.48 5.01 25.24
C PHE H 25 -28.55 5.89 26.49
N SER H 26 -28.07 5.35 27.62
CA SER H 26 -28.11 6.09 28.89
C SER H 26 -26.84 5.83 29.68
N TYR H 27 -26.41 6.87 30.42
CA TYR H 27 -25.27 6.78 31.32
C TYR H 27 -25.68 7.30 32.69
N THR H 28 -25.40 6.50 33.72
CA THR H 28 -25.79 6.83 35.08
C THR H 28 -24.56 6.71 35.99
N GLU H 29 -24.47 7.62 36.96
CA GLU H 29 -23.28 7.75 37.78
C GLU H 29 -23.68 8.15 39.20
N SER H 30 -23.08 7.49 40.20
CA SER H 30 -23.51 7.63 41.58
C SER H 30 -22.30 7.85 42.50
N LEU H 31 -22.49 8.71 43.51
CA LEU H 31 -21.50 8.92 44.56
C LEU H 31 -22.08 8.50 45.92
N ALA H 32 -23.25 7.86 45.91
CA ALA H 32 -23.89 7.42 47.14
C ALA H 32 -23.05 6.31 47.78
N GLY H 33 -22.94 6.33 49.10
CA GLY H 33 -22.07 5.43 49.83
C GLY H 33 -22.39 3.98 49.52
N LYS H 34 -21.35 3.21 49.15
N LYS H 34 -21.35 3.21 49.15
CA LYS H 34 -21.45 1.78 48.90
CA LYS H 34 -21.45 1.78 48.90
C LYS H 34 -22.05 1.52 47.52
C LYS H 34 -22.05 1.52 47.52
N ARG H 35 -22.31 2.60 46.76
CA ARG H 35 -22.86 2.49 45.42
C ARG H 35 -22.16 3.46 44.49
N GLU H 36 -20.85 3.61 44.69
CA GLU H 36 -20.04 4.47 43.84
C GLU H 36 -19.73 3.72 42.54
N MET H 37 -20.64 3.84 41.58
CA MET H 37 -20.67 2.94 40.43
C MET H 37 -21.18 3.71 39.20
N ALA H 38 -21.14 3.04 38.06
CA ALA H 38 -21.74 3.55 36.84
C ALA H 38 -22.59 2.46 36.20
N ILE H 39 -23.67 2.90 35.53
CA ILE H 39 -24.56 2.00 34.80
C ILE H 39 -24.77 2.57 33.41
N ILE H 40 -24.71 1.70 32.39
CA ILE H 40 -25.07 2.08 31.04
C ILE H 40 -26.16 1.14 30.54
N THR H 41 -27.01 1.67 29.63
CA THR H 41 -28.00 0.86 28.94
C THR H 41 -27.89 1.12 27.44
N PHE H 42 -28.33 0.13 26.66
CA PHE H 42 -28.51 0.28 25.23
C PHE H 42 -30.00 0.27 24.91
N LYS H 43 -30.35 0.71 23.70
N LYS H 43 -30.35 0.71 23.70
CA LYS H 43 -31.74 0.97 23.35
CA LYS H 43 -31.74 0.96 23.35
C LYS H 43 -32.52 -0.35 23.30
C LYS H 43 -32.52 -0.35 23.29
N ASN H 44 -31.79 -1.46 23.13
CA ASN H 44 -32.39 -2.78 23.10
C ASN H 44 -32.70 -3.26 24.52
N GLY H 45 -32.27 -2.49 25.53
CA GLY H 45 -32.66 -2.72 26.91
C GLY H 45 -31.52 -3.34 27.74
N ALA H 46 -30.44 -3.75 27.07
CA ALA H 46 -29.29 -4.33 27.74
C ALA H 46 -28.69 -3.33 28.73
N THR H 47 -28.29 -3.85 29.91
CA THR H 47 -27.87 -3.01 31.02
C THR H 47 -26.59 -3.57 31.62
N PHE H 48 -25.62 -2.68 31.87
CA PHE H 48 -24.30 -3.09 32.33
C PHE H 48 -23.84 -2.13 33.41
N GLN H 49 -23.00 -2.63 34.32
CA GLN H 49 -22.44 -1.81 35.39
C GLN H 49 -20.92 -1.81 35.30
N VAL H 50 -20.31 -0.74 35.80
CA VAL H 50 -18.96 -0.81 36.34
C VAL H 50 -19.07 -0.97 37.85
N GLU H 51 -18.50 -2.08 38.35
CA GLU H 51 -18.69 -2.49 39.74
C GLU H 51 -18.09 -1.45 40.67
N VAL H 52 -18.71 -1.33 41.85
CA VAL H 52 -18.08 -0.68 42.99
C VAL H 52 -16.75 -1.38 43.27
N PRO H 53 -15.63 -0.63 43.40
CA PRO H 53 -14.36 -1.23 43.80
C PRO H 53 -14.55 -2.04 45.08
N GLY H 54 -13.96 -3.24 45.10
CA GLY H 54 -14.12 -4.14 46.22
C GLY H 54 -12.95 -5.11 46.34
N SER H 55 -13.11 -6.09 47.22
CA SER H 55 -12.03 -7.00 47.58
C SER H 55 -11.82 -8.05 46.48
N GLN H 56 -12.73 -8.08 45.49
CA GLN H 56 -12.60 -8.99 44.36
C GLN H 56 -11.69 -8.38 43.30
N HIS H 57 -11.30 -7.10 43.50
CA HIS H 57 -10.40 -6.42 42.58
C HIS H 57 -9.00 -6.38 43.17
N ILE H 58 -8.00 -6.68 42.34
CA ILE H 58 -6.61 -6.48 42.72
C ILE H 58 -6.24 -5.02 42.44
N ASP H 59 -5.07 -4.60 42.94
CA ASP H 59 -4.72 -3.19 43.01
C ASP H 59 -4.64 -2.59 41.60
N SER H 60 -4.20 -3.40 40.64
CA SER H 60 -3.93 -2.92 39.29
C SER H 60 -5.25 -2.65 38.56
N GLN H 61 -6.35 -3.18 39.09
CA GLN H 61 -7.66 -3.01 38.48
C GLN H 61 -8.26 -1.67 38.88
N LYS H 62 -7.82 -1.13 40.03
CA LYS H 62 -8.47 0.04 40.62
C LYS H 62 -8.38 1.21 39.64
N LYS H 63 -7.20 1.42 39.06
CA LYS H 63 -6.97 2.52 38.14
C LYS H 63 -7.79 2.29 36.86
N ALA H 64 -7.97 1.02 36.49
CA ALA H 64 -8.62 0.67 35.23
C ALA H 64 -10.14 0.84 35.35
N ILE H 65 -10.67 0.61 36.55
CA ILE H 65 -12.08 0.85 36.83
C ILE H 65 -12.38 2.34 36.61
N GLU H 66 -11.50 3.20 37.13
CA GLU H 66 -11.67 4.64 36.99
C GLU H 66 -11.58 5.03 35.52
N ARG H 67 -10.64 4.41 34.79
CA ARG H 67 -10.46 4.68 33.38
C ARG H 67 -11.73 4.30 32.62
N MET H 68 -12.31 3.16 32.97
CA MET H 68 -13.46 2.63 32.24
C MET H 68 -14.66 3.57 32.40
N LYS H 69 -14.82 4.13 33.61
CA LYS H 69 -15.92 5.05 33.86
C LYS H 69 -15.72 6.33 33.04
N ASP H 70 -14.46 6.77 32.91
CA ASP H 70 -14.12 7.90 32.03
C ASP H 70 -14.54 7.56 30.60
N THR H 71 -14.16 6.36 30.14
CA THR H 71 -14.33 5.98 28.74
C THR H 71 -15.82 5.97 28.40
N LEU H 72 -16.64 5.44 29.32
CA LEU H 72 -18.06 5.28 29.09
C LEU H 72 -18.74 6.65 29.03
N ARG H 73 -18.34 7.54 29.93
CA ARG H 73 -18.89 8.89 29.94
C ARG H 73 -18.64 9.55 28.60
N ILE H 74 -17.40 9.48 28.11
CA ILE H 74 -17.03 10.22 26.91
C ILE H 74 -17.60 9.49 25.68
N ALA H 75 -17.70 8.17 25.75
CA ALA H 75 -18.34 7.40 24.71
C ALA H 75 -19.80 7.82 24.58
N TYR H 76 -20.47 7.99 25.72
CA TYR H 76 -21.88 8.36 25.72
C TYR H 76 -22.03 9.71 25.02
N LEU H 77 -21.18 10.66 25.39
CA LEU H 77 -21.36 12.06 25.01
C LEU H 77 -21.01 12.26 23.53
N THR H 78 -20.08 11.45 23.01
CA THR H 78 -19.64 11.58 21.62
C THR H 78 -20.47 10.65 20.73
N GLU H 79 -21.37 9.87 21.33
CA GLU H 79 -22.22 8.95 20.60
C GLU H 79 -21.36 7.94 19.83
N ALA H 80 -20.23 7.55 20.42
CA ALA H 80 -19.35 6.55 19.85
C ALA H 80 -20.05 5.19 19.86
N LYS H 81 -19.94 4.46 18.74
CA LYS H 81 -20.51 3.13 18.63
C LYS H 81 -19.64 2.15 19.41
N VAL H 82 -20.28 1.44 20.36
CA VAL H 82 -19.63 0.33 21.04
C VAL H 82 -19.82 -0.94 20.21
N GLU H 83 -18.72 -1.63 19.94
CA GLU H 83 -18.76 -2.88 19.19
C GLU H 83 -19.15 -4.01 20.15
N LYS H 84 -18.25 -4.33 21.08
CA LYS H 84 -18.44 -5.46 21.99
C LYS H 84 -18.15 -5.03 23.42
N LEU H 85 -18.86 -5.65 24.38
CA LEU H 85 -18.47 -5.65 25.77
C LEU H 85 -18.07 -7.06 26.17
N CYS H 86 -16.96 -7.16 26.91
N CYS H 86 -16.96 -7.16 26.91
CA CYS H 86 -16.66 -8.35 27.70
CA CYS H 86 -16.66 -8.35 27.70
C CYS H 86 -17.08 -8.10 29.14
C CYS H 86 -17.08 -8.10 29.14
N VAL H 87 -17.90 -9.01 29.69
CA VAL H 87 -18.54 -8.81 30.99
C VAL H 87 -18.41 -10.07 31.83
N TRP H 88 -18.30 -9.89 33.14
CA TRP H 88 -18.53 -10.96 34.10
C TRP H 88 -20.03 -11.19 34.27
N ASN H 89 -20.45 -12.46 34.14
CA ASN H 89 -21.86 -12.80 34.06
C ASN H 89 -22.33 -13.47 35.37
N ASN H 90 -21.49 -13.37 36.41
CA ASN H 90 -21.88 -13.79 37.75
C ASN H 90 -22.30 -12.56 38.57
N LYS H 91 -22.73 -11.50 37.87
CA LYS H 91 -23.23 -10.29 38.53
C LYS H 91 -24.48 -9.82 37.82
N THR H 92 -25.34 -9.12 38.55
CA THR H 92 -26.53 -8.50 37.96
C THR H 92 -26.59 -7.04 38.38
N PRO H 93 -26.56 -6.09 37.42
CA PRO H 93 -26.36 -6.42 36.01
C PRO H 93 -24.93 -6.87 35.73
N HIS H 94 -24.70 -7.38 34.52
CA HIS H 94 -23.39 -7.89 34.14
C HIS H 94 -22.34 -6.78 34.29
N ALA H 95 -21.15 -7.15 34.74
CA ALA H 95 -20.11 -6.20 35.07
C ALA H 95 -19.09 -6.12 33.94
N ILE H 96 -18.81 -4.90 33.49
CA ILE H 96 -17.92 -4.69 32.34
C ILE H 96 -16.49 -5.00 32.74
N ALA H 97 -15.82 -5.80 31.89
CA ALA H 97 -14.41 -6.13 32.06
C ALA H 97 -13.58 -5.46 30.96
N ALA H 98 -14.17 -5.34 29.77
CA ALA H 98 -13.49 -4.71 28.64
C ALA H 98 -14.51 -4.16 27.65
N ILE H 99 -14.09 -3.16 26.89
CA ILE H 99 -14.92 -2.55 25.86
C ILE H 99 -14.10 -2.45 24.58
N SER H 100 -14.76 -2.62 23.44
CA SER H 100 -14.15 -2.34 22.15
C SER H 100 -15.04 -1.42 21.35
N MET H 101 -14.41 -0.46 20.67
CA MET H 101 -15.14 0.51 19.86
C MET H 101 -14.56 0.52 18.46
N ALA H 102 -15.46 0.38 17.48
CA ALA H 102 -15.12 0.58 16.07
C ALA H 102 -16.36 1.09 15.34
N ASN H 103 -16.13 1.90 14.28
CA ASN H 103 -17.09 2.05 13.19
C ASN H 103 -16.48 1.46 11.92
N THR I 1 19.24 14.47 22.98
CA THR I 1 17.76 14.43 23.14
C THR I 1 17.12 14.45 21.76
N PRO I 2 16.28 13.46 21.43
CA PRO I 2 15.69 13.36 20.09
C PRO I 2 14.71 14.48 19.81
N GLN I 3 14.60 14.88 18.54
CA GLN I 3 13.72 15.95 18.13
C GLN I 3 12.53 15.40 17.35
N ASN I 4 12.50 14.08 17.17
CA ASN I 4 11.38 13.43 16.50
C ASN I 4 11.33 11.96 16.89
N ILE I 5 10.24 11.31 16.49
CA ILE I 5 9.93 9.97 16.97
C ILE I 5 10.92 8.98 16.37
N THR I 6 11.40 9.26 15.16
CA THR I 6 12.31 8.36 14.47
C THR I 6 13.65 8.31 15.22
N ASP I 7 14.15 9.48 15.62
CA ASP I 7 15.41 9.58 16.36
C ASP I 7 15.24 8.90 17.72
N LEU I 8 14.07 9.09 18.34
CA LEU I 8 13.79 8.52 19.64
C LEU I 8 13.80 6.99 19.54
N CYS I 9 13.14 6.46 18.50
N CYS I 9 13.15 6.46 18.50
CA CYS I 9 12.99 5.02 18.33
CA CYS I 9 12.99 5.02 18.32
C CYS I 9 14.36 4.35 18.20
C CYS I 9 14.36 4.35 18.20
N ALA I 10 15.31 5.07 17.60
N ALA I 10 15.31 5.07 17.60
CA ALA I 10 16.61 4.51 17.25
CA ALA I 10 16.60 4.50 17.25
C ALA I 10 17.48 4.34 18.51
C ALA I 10 17.47 4.32 18.50
N GLU I 11 17.01 4.85 19.64
CA GLU I 11 17.79 4.83 20.88
C GLU I 11 17.55 3.52 21.63
N TYR I 12 16.60 2.71 21.15
CA TYR I 12 16.15 1.53 21.88
C TYR I 12 16.40 0.28 21.04
N HIS I 13 16.82 -0.79 21.72
CA HIS I 13 16.91 -2.11 21.10
C HIS I 13 15.49 -2.64 20.92
N ASN I 14 15.26 -3.31 19.78
CA ASN I 14 14.04 -4.08 19.57
C ASN I 14 12.87 -3.16 19.29
N THR I 15 13.13 -2.01 18.68
CA THR I 15 12.06 -1.09 18.30
C THR I 15 12.05 -0.92 16.80
N GLN I 16 10.92 -0.48 16.27
CA GLN I 16 10.82 -0.09 14.89
C GLN I 16 9.72 0.96 14.73
N ILE I 17 9.76 1.66 13.59
CA ILE I 17 8.77 2.65 13.27
C ILE I 17 7.76 2.01 12.33
N HIS I 18 6.47 2.24 12.60
CA HIS I 18 5.43 2.05 11.62
C HIS I 18 4.91 3.42 11.20
N THR I 19 4.80 3.62 9.87
CA THR I 19 4.21 4.82 9.33
C THR I 19 2.80 4.49 8.84
N LEU I 20 1.81 5.15 9.42
CA LEU I 20 0.42 4.78 9.22
C LEU I 20 -0.28 5.88 8.42
N ASN I 21 -0.08 7.14 8.84
CA ASN I 21 -0.79 8.26 8.24
C ASN I 21 -2.27 7.89 8.08
N ASP I 22 -2.90 7.46 9.19
CA ASP I 22 -4.30 7.09 9.17
C ASP I 22 -4.87 7.20 10.58
N LYS I 23 -6.18 7.36 10.67
CA LYS I 23 -6.88 7.35 11.94
C LYS I 23 -6.97 5.92 12.46
N ILE I 24 -7.14 5.79 13.78
CA ILE I 24 -7.32 4.51 14.44
C ILE I 24 -8.68 3.94 14.04
N PHE I 25 -8.71 2.64 13.73
CA PHE I 25 -9.93 1.99 13.27
C PHE I 25 -10.72 1.47 14.46
N SER I 26 -10.01 0.90 15.45
CA SER I 26 -10.67 0.34 16.63
C SER I 26 -9.84 0.63 17.88
N TYR I 27 -10.54 0.82 19.00
CA TYR I 27 -9.91 1.00 20.30
C TYR I 27 -10.56 0.04 21.30
N THR I 28 -9.71 -0.72 22.03
CA THR I 28 -10.19 -1.69 22.99
C THR I 28 -9.49 -1.45 24.33
N GLU I 29 -10.23 -1.66 25.42
CA GLU I 29 -9.78 -1.29 26.75
C GLU I 29 -10.30 -2.33 27.75
N SER I 30 -9.43 -2.76 28.67
CA SER I 30 -9.74 -3.86 29.58
C SER I 30 -9.36 -3.50 31.01
N LEU I 31 -10.20 -3.92 31.96
CA LEU I 31 -9.92 -3.79 33.38
C LEU I 31 -9.86 -5.19 34.03
N ALA I 32 -9.88 -6.23 33.19
CA ALA I 32 -9.77 -7.61 33.69
C ALA I 32 -8.40 -7.81 34.31
N GLY I 33 -8.38 -8.54 35.44
CA GLY I 33 -7.17 -8.70 36.22
C GLY I 33 -6.04 -9.30 35.40
N LYS I 34 -4.86 -8.65 35.44
CA LYS I 34 -3.66 -9.12 34.77
C LYS I 34 -3.72 -8.80 33.27
N ARG I 35 -4.79 -8.11 32.85
CA ARG I 35 -4.95 -7.74 31.45
C ARG I 35 -5.46 -6.30 31.36
N GLU I 36 -4.96 -5.45 32.26
CA GLU I 36 -5.31 -4.04 32.27
C GLU I 36 -4.50 -3.33 31.18
N MET I 37 -5.05 -3.32 29.96
CA MET I 37 -4.29 -2.97 28.77
C MET I 37 -5.20 -2.28 27.76
N ALA I 38 -4.59 -1.79 26.67
CA ALA I 38 -5.35 -1.26 25.55
C ALA I 38 -4.83 -1.88 24.25
N ILE I 39 -5.74 -2.06 23.28
CA ILE I 39 -5.37 -2.52 21.95
C ILE I 39 -6.00 -1.59 20.92
N ILE I 40 -5.21 -1.21 19.91
CA ILE I 40 -5.72 -0.44 18.78
C ILE I 40 -5.41 -1.18 17.49
N THR I 41 -6.26 -0.97 16.47
CA THR I 41 -6.03 -1.53 15.14
C THR I 41 -6.22 -0.42 14.10
N PHE I 42 -5.58 -0.60 12.94
CA PHE I 42 -5.84 0.22 11.77
C PHE I 42 -6.53 -0.62 10.71
N LYS I 43 -7.10 0.05 9.71
N LYS I 43 -7.10 0.06 9.71
CA LYS I 43 -8.01 -0.61 8.78
CA LYS I 43 -8.00 -0.58 8.76
C LYS I 43 -7.20 -1.57 7.89
C LYS I 43 -7.20 -1.57 7.90
N ASN I 44 -5.88 -1.36 7.81
CA ASN I 44 -5.00 -2.23 7.04
C ASN I 44 -4.70 -3.50 7.83
N GLY I 45 -5.16 -3.56 9.10
CA GLY I 45 -5.11 -4.79 9.88
C GLY I 45 -4.01 -4.75 10.95
N ALA I 46 -3.16 -3.71 10.91
CA ALA I 46 -2.10 -3.54 11.88
C ALA I 46 -2.70 -3.42 13.29
N THR I 47 -2.05 -4.06 14.28
CA THR I 47 -2.58 -4.17 15.63
C THR I 47 -1.47 -3.87 16.62
N PHE I 48 -1.79 -3.06 17.64
CA PHE I 48 -0.80 -2.60 18.60
C PHE I 48 -1.42 -2.64 20.00
N GLN I 49 -0.56 -2.82 21.02
CA GLN I 49 -1.01 -2.83 22.40
C GLN I 49 -0.26 -1.75 23.17
N VAL I 50 -0.91 -1.26 24.24
CA VAL I 50 -0.19 -0.71 25.37
C VAL I 50 -0.09 -1.80 26.44
N GLU I 51 1.15 -2.13 26.82
CA GLU I 51 1.42 -3.29 27.64
C GLU I 51 0.79 -3.09 29.03
N VAL I 52 0.39 -4.21 29.65
CA VAL I 52 0.11 -4.23 31.08
C VAL I 52 1.36 -3.78 31.82
N PRO I 53 1.25 -2.83 32.77
CA PRO I 53 2.38 -2.48 33.63
C PRO I 53 2.98 -3.73 34.27
N GLY I 54 4.31 -3.82 34.23
CA GLY I 54 5.02 -5.00 34.68
C GLY I 54 6.44 -4.65 35.13
N SER I 55 7.23 -5.68 35.40
CA SER I 55 8.54 -5.50 36.01
C SER I 55 9.55 -5.03 34.96
N GLN I 56 9.15 -5.02 33.69
CA GLN I 56 9.99 -4.52 32.61
C GLN I 56 9.88 -3.00 32.50
N HIS I 57 8.96 -2.41 33.28
CA HIS I 57 8.78 -0.97 33.30
C HIS I 57 9.40 -0.39 34.56
N ILE I 58 10.11 0.73 34.39
CA ILE I 58 10.60 1.49 35.53
C ILE I 58 9.49 2.43 36.00
N ASP I 59 9.68 3.03 37.18
CA ASP I 59 8.60 3.70 37.88
C ASP I 59 8.11 4.90 37.07
N SER I 60 9.02 5.54 36.34
CA SER I 60 8.72 6.77 35.63
C SER I 60 7.84 6.47 34.40
N GLN I 61 7.78 5.20 34.01
CA GLN I 61 7.00 4.79 32.85
C GLN I 61 5.53 4.62 33.22
N LYS I 62 5.25 4.39 34.51
CA LYS I 62 3.92 4.02 34.95
C LYS I 62 2.93 5.12 34.57
N LYS I 63 3.30 6.38 34.84
CA LYS I 63 2.44 7.52 34.57
C LYS I 63 2.28 7.69 33.05
N ALA I 64 3.33 7.32 32.30
CA ALA I 64 3.36 7.56 30.86
C ALA I 64 2.49 6.52 30.14
N ILE I 65 2.43 5.32 30.71
CA ILE I 65 1.56 4.27 30.19
C ILE I 65 0.11 4.74 30.27
N GLU I 66 -0.25 5.31 31.43
CA GLU I 66 -1.60 5.81 31.65
C GLU I 66 -1.90 6.94 30.66
N ARG I 67 -0.91 7.82 30.46
CA ARG I 67 -1.06 8.94 29.55
C ARG I 67 -1.30 8.42 28.12
N MET I 68 -0.54 7.39 27.72
CA MET I 68 -0.60 6.88 26.36
C MET I 68 -2.00 6.31 26.08
N LYS I 69 -2.58 5.63 27.07
CA LYS I 69 -3.92 5.06 26.93
C LYS I 69 -4.95 6.18 26.77
N ASP I 70 -4.74 7.29 27.50
CA ASP I 70 -5.57 8.48 27.34
C ASP I 70 -5.45 8.99 25.91
N THR I 71 -4.21 9.10 25.41
CA THR I 71 -3.93 9.73 24.13
C THR I 71 -4.63 8.93 23.01
N LEU I 72 -4.56 7.59 23.12
CA LEU I 72 -5.08 6.73 22.08
C LEU I 72 -6.62 6.80 22.08
N ARG I 73 -7.22 6.85 23.27
N ARG I 73 -7.22 6.86 23.26
CA ARG I 73 -8.66 6.97 23.37
CA ARG I 73 -8.66 6.97 23.36
C ARG I 73 -9.12 8.22 22.66
C ARG I 73 -9.12 8.25 22.66
N ILE I 74 -8.47 9.34 22.95
N ILE I 74 -8.45 9.38 22.97
CA ILE I 74 -8.93 10.63 22.45
CA ILE I 74 -8.83 10.71 22.46
C ILE I 74 -8.60 10.73 20.95
C ILE I 74 -8.60 10.72 20.97
N ALA I 75 -7.47 10.13 20.55
CA ALA I 75 -7.11 10.07 19.15
C ALA I 75 -8.19 9.32 18.37
N TYR I 76 -8.64 8.18 18.94
CA TYR I 76 -9.65 7.37 18.29
C TYR I 76 -10.90 8.19 18.08
N LEU I 77 -11.34 8.89 19.12
CA LEU I 77 -12.66 9.50 19.16
C LEU I 77 -12.70 10.74 18.29
N THR I 78 -11.54 11.42 18.14
CA THR I 78 -11.47 12.65 17.35
C THR I 78 -11.09 12.31 15.91
N GLU I 79 -10.81 11.03 15.65
CA GLU I 79 -10.43 10.58 14.31
C GLU I 79 -9.17 11.31 13.87
N ALA I 80 -8.27 11.59 14.82
CA ALA I 80 -7.00 12.21 14.52
C ALA I 80 -6.13 11.25 13.71
N LYS I 81 -5.47 11.78 12.68
N LYS I 81 -5.47 11.78 12.68
N LYS I 81 -5.46 11.77 12.67
CA LYS I 81 -4.54 11.00 11.88
CA LYS I 81 -4.54 11.00 11.88
CA LYS I 81 -4.53 10.99 11.88
C LYS I 81 -3.26 10.76 12.69
C LYS I 81 -3.26 10.76 12.69
C LYS I 81 -3.26 10.76 12.68
N VAL I 82 -2.92 9.48 12.87
CA VAL I 82 -1.64 9.10 13.45
C VAL I 82 -0.61 9.02 12.33
N GLU I 83 0.53 9.70 12.54
CA GLU I 83 1.61 9.70 11.58
C GLU I 83 2.41 8.40 11.74
N LYS I 84 3.12 8.28 12.88
CA LYS I 84 4.02 7.16 13.10
C LYS I 84 3.78 6.59 14.50
N LEU I 85 3.98 5.27 14.64
CA LEU I 85 4.17 4.64 15.94
C LEU I 85 5.59 4.11 16.03
N CYS I 86 6.22 4.34 17.19
N CYS I 86 6.22 4.34 17.19
CA CYS I 86 7.40 3.59 17.59
CA CYS I 86 7.40 3.60 17.58
C CYS I 86 6.99 2.48 18.54
C CYS I 86 6.98 2.47 18.53
N VAL I 87 7.38 1.24 18.18
CA VAL I 87 6.91 0.05 18.90
C VAL I 87 8.10 -0.87 19.18
N TRP I 88 8.01 -1.59 20.31
CA TRP I 88 8.84 -2.75 20.55
C TRP I 88 8.28 -3.96 19.78
N ASN I 89 9.16 -4.62 19.01
CA ASN I 89 8.74 -5.67 18.09
C ASN I 89 9.11 -7.05 18.65
N ASN I 90 9.50 -7.09 19.94
CA ASN I 90 9.71 -8.35 20.64
C ASN I 90 8.48 -8.68 21.48
N LYS I 91 7.33 -8.15 21.07
CA LYS I 91 6.06 -8.46 21.69
C LYS I 91 5.02 -8.67 20.59
N THR I 92 3.99 -9.47 20.91
CA THR I 92 2.88 -9.67 20.00
C THR I 92 1.59 -9.44 20.77
N PRO I 93 0.74 -8.46 20.36
CA PRO I 93 1.10 -7.55 19.28
C PRO I 93 2.19 -6.57 19.69
N HIS I 94 2.72 -5.85 18.71
CA HIS I 94 3.79 -4.89 18.95
C HIS I 94 3.35 -3.87 20.01
N ALA I 95 4.27 -3.49 20.88
CA ALA I 95 3.97 -2.67 22.04
C ALA I 95 4.38 -1.22 21.75
N ILE I 96 3.45 -0.30 21.99
CA ILE I 96 3.66 1.11 21.66
C ILE I 96 4.65 1.71 22.64
N ALA I 97 5.67 2.40 22.11
CA ALA I 97 6.63 3.14 22.90
C ALA I 97 6.40 4.64 22.73
N ALA I 98 5.99 5.06 21.53
CA ALA I 98 5.74 6.46 21.24
C ALA I 98 4.76 6.60 20.08
N ILE I 99 4.08 7.75 20.04
CA ILE I 99 3.15 8.07 18.97
C ILE I 99 3.46 9.49 18.49
N SER I 100 3.27 9.73 17.19
CA SER I 100 3.32 11.06 16.63
C SER I 100 2.08 11.32 15.79
N MET I 101 1.54 12.53 15.92
CA MET I 101 0.41 12.98 15.12
C MET I 101 0.77 14.34 14.53
N ALA I 102 0.60 14.48 13.21
CA ALA I 102 1.33 15.52 12.47
C ALA I 102 0.53 16.02 11.28
N ASN I 103 -0.80 15.98 11.39
CA ASN I 103 -1.67 16.74 10.48
C ASN I 103 -1.57 18.26 10.86
N THR J 1 3.94 39.62 40.98
CA THR J 1 3.26 38.52 40.27
C THR J 1 2.97 38.94 38.83
N PRO J 2 3.48 38.19 37.82
CA PRO J 2 3.35 38.60 36.44
C PRO J 2 1.90 38.54 35.95
N GLN J 3 1.57 39.39 34.98
CA GLN J 3 0.22 39.47 34.45
C GLN J 3 0.18 38.92 33.02
N ASN J 4 1.35 38.49 32.52
CA ASN J 4 1.44 37.91 31.19
C ASN J 4 2.73 37.09 31.09
N ILE J 5 2.85 36.35 29.99
CA ILE J 5 3.90 35.35 29.84
C ILE J 5 5.25 36.05 29.70
N THR J 6 5.24 37.24 29.10
CA THR J 6 6.48 37.98 28.85
C THR J 6 7.10 38.40 30.19
N ASP J 7 6.25 38.93 31.09
CA ASP J 7 6.69 39.36 32.41
C ASP J 7 7.18 38.15 33.20
N LEU J 8 6.47 37.02 33.06
CA LEU J 8 6.82 35.80 33.76
C LEU J 8 8.20 35.34 33.32
N CYS J 9 8.42 35.32 32.00
N CYS J 9 8.41 35.33 32.00
CA CYS J 9 9.62 34.77 31.41
CA CYS J 9 9.63 34.77 31.42
C CYS J 9 10.84 35.56 31.90
C CYS J 9 10.85 35.57 31.89
N ALA J 10 10.64 36.87 32.15
CA ALA J 10 11.74 37.78 32.44
C ALA J 10 12.26 37.56 33.87
N GLU J 11 11.55 36.72 34.64
CA GLU J 11 11.90 36.50 36.04
C GLU J 11 12.97 35.39 36.16
N TYR J 12 13.28 34.74 35.02
CA TYR J 12 14.13 33.55 35.03
C TYR J 12 15.35 33.78 34.15
N HIS J 13 16.49 33.19 34.51
CA HIS J 13 17.76 33.59 33.93
C HIS J 13 17.97 32.96 32.55
N ASN J 14 17.58 31.69 32.36
CA ASN J 14 17.95 31.00 31.13
C ASN J 14 16.76 30.82 30.22
N THR J 15 15.90 31.84 30.18
CA THR J 15 14.62 31.73 29.45
C THR J 15 14.58 32.74 28.32
N GLN J 16 13.72 32.47 27.35
CA GLN J 16 13.41 33.44 26.31
C GLN J 16 12.00 33.20 25.79
N ILE J 17 11.45 34.20 25.10
CA ILE J 17 10.14 34.11 24.50
C ILE J 17 10.32 33.77 23.03
N HIS J 18 9.53 32.81 22.54
CA HIS J 18 9.28 32.66 21.12
C HIS J 18 7.84 33.10 20.83
N THR J 19 7.69 33.91 19.79
CA THR J 19 6.37 34.30 19.32
C THR J 19 6.06 33.51 18.04
N LEU J 20 4.99 32.73 18.09
CA LEU J 20 4.69 31.77 17.04
C LEU J 20 3.44 32.19 16.29
N ASN J 21 2.40 32.57 17.05
CA ASN J 21 1.10 32.92 16.47
C ASN J 21 0.73 31.90 15.39
N ASP J 22 0.76 30.62 15.76
CA ASP J 22 0.43 29.55 14.85
C ASP J 22 0.01 28.32 15.65
N LYS J 23 -0.76 27.43 15.01
CA LYS J 23 -1.11 26.16 15.60
C LYS J 23 0.09 25.23 15.59
N ILE J 24 0.07 24.23 16.48
CA ILE J 24 1.09 23.20 16.53
C ILE J 24 0.97 22.32 15.29
N PHE J 25 2.12 22.02 14.67
CA PHE J 25 2.15 21.26 13.43
C PHE J 25 2.21 19.77 13.75
N SER J 26 2.99 19.38 14.75
CA SER J 26 3.14 17.98 15.12
C SER J 26 3.23 17.84 16.64
N TYR J 27 2.70 16.71 17.15
CA TYR J 27 2.80 16.37 18.55
C TYR J 27 3.31 14.94 18.69
N THR J 28 4.34 14.77 19.53
CA THR J 28 4.94 13.47 19.76
C THR J 28 4.97 13.18 21.26
N GLU J 29 4.77 11.91 21.62
CA GLU J 29 4.59 11.50 23.00
C GLU J 29 5.24 10.14 23.19
N SER J 30 5.99 9.98 24.29
CA SER J 30 6.79 8.79 24.52
C SER J 30 6.58 8.26 25.94
N LEU J 31 6.55 6.93 26.06
CA LEU J 31 6.50 6.27 27.36
C LEU J 31 7.75 5.41 27.55
N ALA J 32 8.73 5.54 26.63
CA ALA J 32 9.96 4.77 26.73
C ALA J 32 10.77 5.24 27.95
N GLY J 33 11.36 4.28 28.65
CA GLY J 33 12.03 4.54 29.91
C GLY J 33 13.11 5.62 29.76
N LYS J 34 13.04 6.64 30.64
CA LYS J 34 14.02 7.71 30.69
C LYS J 34 13.76 8.74 29.59
N ARG J 35 12.69 8.53 28.82
CA ARG J 35 12.32 9.45 27.75
C ARG J 35 10.81 9.68 27.78
N GLU J 36 10.25 9.75 28.97
CA GLU J 36 8.83 10.01 29.14
C GLU J 36 8.59 11.52 28.99
N MET J 37 8.38 11.93 27.73
CA MET J 37 8.46 13.33 27.36
C MET J 37 7.47 13.62 26.23
N ALA J 38 7.35 14.90 25.87
CA ALA J 38 6.59 15.30 24.70
C ALA J 38 7.43 16.24 23.85
N ILE J 39 7.23 16.17 22.53
CA ILE J 39 7.88 17.09 21.59
C ILE J 39 6.83 17.67 20.66
N ILE J 40 6.90 18.98 20.42
CA ILE J 40 6.03 19.64 19.46
C ILE J 40 6.89 20.39 18.44
N THR J 41 6.35 20.54 17.22
CA THR J 41 6.99 21.34 16.20
C THR J 41 5.97 22.29 15.60
N PHE J 42 6.46 23.41 15.05
CA PHE J 42 5.65 24.31 14.25
C PHE J 42 6.10 24.22 12.80
N LYS J 43 5.27 24.76 11.90
CA LYS J 43 5.43 24.55 10.46
C LYS J 43 6.71 25.26 9.99
N ASN J 44 7.17 26.25 10.76
CA ASN J 44 8.38 26.98 10.44
C ASN J 44 9.61 26.18 10.86
N GLY J 45 9.39 25.03 11.53
CA GLY J 45 10.46 24.08 11.81
C GLY J 45 10.91 24.13 13.28
N ALA J 46 10.42 25.12 14.02
CA ALA J 46 10.75 25.27 15.43
C ALA J 46 10.28 24.04 16.21
N THR J 47 11.11 23.59 17.16
CA THR J 47 10.90 22.34 17.87
C THR J 47 11.11 22.58 19.36
N PHE J 48 10.19 22.03 20.18
CA PHE J 48 10.21 22.27 21.62
C PHE J 48 9.88 20.96 22.34
N GLN J 49 10.37 20.83 23.57
CA GLN J 49 10.11 19.65 24.38
C GLN J 49 9.45 20.06 25.69
N VAL J 50 8.69 19.14 26.28
CA VAL J 50 8.49 19.11 27.72
C VAL J 50 9.47 18.10 28.31
N GLU J 51 10.31 18.58 29.22
CA GLU J 51 11.43 17.81 29.74
C GLU J 51 10.91 16.59 30.50
N VAL J 52 11.69 15.51 30.46
CA VAL J 52 11.53 14.41 31.39
C VAL J 52 11.69 14.96 32.81
N PRO J 53 10.77 14.64 33.74
CA PRO J 53 10.94 15.01 35.13
C PRO J 53 12.30 14.57 35.64
N GLY J 54 12.99 15.47 36.36
CA GLY J 54 14.35 15.21 36.81
C GLY J 54 14.68 16.03 38.06
N SER J 55 15.95 16.01 38.44
CA SER J 55 16.39 16.58 39.71
C SER J 55 16.48 18.11 39.61
N GLN J 56 16.32 18.64 38.40
CA GLN J 56 16.32 20.08 38.19
C GLN J 56 14.91 20.65 38.46
N HIS J 57 13.94 19.76 38.68
CA HIS J 57 12.57 20.15 38.97
C HIS J 57 12.30 20.00 40.47
N ILE J 58 11.65 21.01 41.05
CA ILE J 58 11.14 20.89 42.41
C ILE J 58 9.78 20.20 42.37
N ASP J 59 9.28 19.79 43.54
CA ASP J 59 8.16 18.89 43.63
C ASP J 59 6.91 19.54 43.04
N SER J 60 6.80 20.85 43.16
CA SER J 60 5.59 21.57 42.76
C SER J 60 5.50 21.64 41.23
N GLN J 61 6.63 21.37 40.55
CA GLN J 61 6.70 21.42 39.10
C GLN J 61 6.15 20.12 38.49
N LYS J 62 6.18 19.03 39.28
CA LYS J 62 5.88 17.70 38.75
C LYS J 62 4.47 17.68 38.18
N LYS J 63 3.51 18.24 38.94
CA LYS J 63 2.12 18.25 38.53
C LYS J 63 1.95 19.15 37.31
N ALA J 64 2.77 20.21 37.22
CA ALA J 64 2.62 21.21 36.19
C ALA J 64 3.18 20.70 34.86
N ILE J 65 4.21 19.85 34.94
CA ILE J 65 4.75 19.18 33.77
C ILE J 65 3.67 18.32 33.13
N GLU J 66 2.95 17.56 33.97
CA GLU J 66 1.88 16.70 33.51
C GLU J 66 0.78 17.54 32.87
N ARG J 67 0.46 18.68 33.50
CA ARG J 67 -0.57 19.57 33.00
C ARG J 67 -0.18 20.08 31.61
N MET J 68 1.11 20.46 31.46
CA MET J 68 1.57 21.08 30.23
C MET J 68 1.46 20.09 29.08
N LYS J 69 1.78 18.82 29.34
CA LYS J 69 1.70 17.79 28.31
C LYS J 69 0.24 17.59 27.88
N ASP J 70 -0.68 17.67 28.86
CA ASP J 70 -2.11 17.63 28.58
C ASP J 70 -2.46 18.79 27.64
N THR J 71 -1.99 19.99 28.00
CA THR J 71 -2.40 21.21 27.32
C THR J 71 -1.94 21.15 25.86
N LEU J 72 -0.72 20.67 25.64
CA LEU J 72 -0.12 20.64 24.31
C LEU J 72 -0.87 19.64 23.43
N ARG J 73 -1.22 18.48 24.00
CA ARG J 73 -1.95 17.47 23.27
C ARG J 73 -3.26 18.07 22.76
N ILE J 74 -3.99 18.74 23.65
CA ILE J 74 -5.32 19.20 23.33
C ILE J 74 -5.22 20.44 22.45
N ALA J 75 -4.17 21.23 22.64
CA ALA J 75 -3.89 22.36 21.77
C ALA J 75 -3.68 21.87 20.34
N TYR J 76 -2.90 20.79 20.19
CA TYR J 76 -2.61 20.24 18.88
C TYR J 76 -3.93 19.84 18.21
N LEU J 77 -4.79 19.13 18.96
CA LEU J 77 -5.94 18.46 18.38
C LEU J 77 -7.03 19.47 18.02
N THR J 78 -7.09 20.59 18.77
CA THR J 78 -8.11 21.61 18.54
C THR J 78 -7.59 22.67 17.58
N GLU J 79 -6.32 22.54 17.19
CA GLU J 79 -5.69 23.47 16.27
C GLU J 79 -5.73 24.88 16.86
N ALA J 80 -5.59 24.97 18.18
CA ALA J 80 -5.54 26.26 18.87
C ALA J 80 -4.27 26.99 18.47
N LYS J 81 -4.41 28.31 18.21
CA LYS J 81 -3.27 29.14 17.89
C LYS J 81 -2.48 29.40 19.17
N VAL J 82 -1.20 29.03 19.15
CA VAL J 82 -0.27 29.38 20.22
C VAL J 82 0.30 30.77 19.92
N GLU J 83 0.21 31.66 20.91
CA GLU J 83 0.75 32.99 20.77
C GLU J 83 2.26 32.96 21.05
N LYS J 84 2.62 32.67 22.31
CA LYS J 84 4.01 32.71 22.74
C LYS J 84 4.35 31.45 23.53
N LEU J 85 5.60 31.00 23.41
CA LEU J 85 6.18 30.07 24.36
C LEU J 85 7.28 30.78 25.14
N CYS J 86 7.29 30.56 26.46
N CYS J 86 7.29 30.56 26.46
CA CYS J 86 8.47 30.82 27.28
CA CYS J 86 8.47 30.82 27.28
C CYS J 86 9.23 29.51 27.47
C CYS J 86 9.23 29.52 27.46
N VAL J 87 10.53 29.53 27.14
CA VAL J 87 11.33 28.32 27.11
C VAL J 87 12.66 28.58 27.81
N TRP J 88 13.20 27.52 28.43
CA TRP J 88 14.59 27.47 28.82
C TRP J 88 15.45 27.16 27.59
N ASN J 89 16.48 27.99 27.37
CA ASN J 89 17.26 27.94 26.13
C ASN J 89 18.62 27.31 26.39
N ASN J 90 18.79 26.70 27.57
CA ASN J 90 19.99 25.92 27.89
C ASN J 90 19.69 24.43 27.69
N LYS J 91 18.70 24.13 26.84
CA LYS J 91 18.39 22.75 26.48
C LYS J 91 18.16 22.68 24.98
N THR J 92 18.38 21.51 24.39
CA THR J 92 18.08 21.26 22.99
C THR J 92 17.28 19.98 22.89
N PRO J 93 16.04 20.04 22.33
CA PRO J 93 15.42 21.30 21.97
C PRO J 93 15.04 22.13 23.19
N HIS J 94 14.66 23.40 22.94
CA HIS J 94 14.30 24.32 24.01
C HIS J 94 13.14 23.72 24.81
N ALA J 95 13.18 23.93 26.13
CA ALA J 95 12.24 23.30 27.04
C ALA J 95 11.16 24.30 27.44
N ILE J 96 9.90 23.89 27.28
CA ILE J 96 8.77 24.78 27.52
C ILE J 96 8.63 25.03 29.02
N ALA J 97 8.49 26.31 29.38
CA ALA J 97 8.23 26.71 30.76
C ALA J 97 6.82 27.26 30.89
N ALA J 98 6.33 27.91 29.84
CA ALA J 98 4.98 28.48 29.82
C ALA J 98 4.47 28.60 28.39
N ILE J 99 3.15 28.58 28.26
CA ILE J 99 2.50 28.75 26.97
C ILE J 99 1.39 29.79 27.12
N SER J 100 1.18 30.58 26.07
CA SER J 100 0.04 31.50 26.03
C SER J 100 -0.72 31.29 24.72
N MET J 101 -2.05 31.30 24.83
CA MET J 101 -2.91 31.10 23.67
C MET J 101 -3.90 32.25 23.57
N ALA J 102 -3.96 32.85 22.38
CA ALA J 102 -4.97 33.84 22.03
C ALA J 102 -5.22 33.80 20.53
N ASN J 103 -6.43 34.20 20.12
CA ASN J 103 -6.75 34.44 18.72
C ASN J 103 -6.86 33.10 17.98
N THR K 1 -25.62 27.83 53.23
CA THR K 1 -24.92 27.32 52.03
C THR K 1 -25.37 28.12 50.81
N PRO K 2 -24.45 28.76 50.07
CA PRO K 2 -24.82 29.65 48.96
C PRO K 2 -25.42 28.87 47.80
N GLN K 3 -26.32 29.53 47.06
CA GLN K 3 -27.00 28.89 45.93
C GLN K 3 -26.49 29.48 44.62
N ASN K 4 -25.58 30.46 44.71
CA ASN K 4 -25.03 31.11 43.55
C ASN K 4 -23.71 31.79 43.93
N ILE K 5 -22.99 32.27 42.91
CA ILE K 5 -21.64 32.73 43.07
C ILE K 5 -21.63 34.04 43.87
N THR K 6 -22.69 34.83 43.71
CA THR K 6 -22.78 36.13 44.36
C THR K 6 -22.87 35.92 45.88
N ASP K 7 -23.73 34.98 46.30
CA ASP K 7 -23.92 34.67 47.72
C ASP K 7 -22.62 34.10 48.28
N LEU K 8 -21.95 33.26 47.48
CA LEU K 8 -20.71 32.64 47.90
C LEU K 8 -19.65 33.71 48.14
N CYS K 9 -19.55 34.65 47.21
N CYS K 9 -19.53 34.65 47.20
CA CYS K 9 -18.51 35.68 47.24
CA CYS K 9 -18.50 35.68 47.25
C CYS K 9 -18.67 36.53 48.50
C CYS K 9 -18.66 36.53 48.51
N ALA K 10 -19.92 36.71 48.95
CA ALA K 10 -20.23 37.62 50.03
C ALA K 10 -19.80 37.04 51.39
N GLU K 11 -19.39 35.77 51.39
CA GLU K 11 -19.04 35.08 52.64
C GLU K 11 -17.57 35.35 53.00
N TYR K 12 -16.83 35.98 52.08
CA TYR K 12 -15.38 36.08 52.20
C TYR K 12 -14.96 37.55 52.26
N HIS K 13 -13.97 37.83 53.10
CA HIS K 13 -13.32 39.12 53.13
C HIS K 13 -12.45 39.26 51.88
N ASN K 14 -12.45 40.47 51.30
CA ASN K 14 -11.48 40.84 50.28
C ASN K 14 -11.85 40.17 48.95
N THR K 15 -13.14 39.95 48.72
CA THR K 15 -13.59 39.37 47.47
C THR K 15 -14.50 40.36 46.75
N GLN K 16 -14.67 40.16 45.45
CA GLN K 16 -15.63 40.93 44.68
C GLN K 16 -16.03 40.13 43.44
N ILE K 17 -17.17 40.49 42.88
CA ILE K 17 -17.69 39.87 41.68
C ILE K 17 -17.28 40.72 40.49
N HIS K 18 -16.79 40.07 39.44
CA HIS K 18 -16.74 40.66 38.12
C HIS K 18 -17.76 39.98 37.24
N THR K 19 -18.54 40.77 36.51
CA THR K 19 -19.48 40.26 35.53
C THR K 19 -18.89 40.48 34.14
N LEU K 20 -18.67 39.39 33.42
CA LEU K 20 -17.94 39.42 32.17
C LEU K 20 -18.88 39.14 31.01
N ASN K 21 -19.70 38.09 31.15
CA ASN K 21 -20.59 37.64 30.08
C ASN K 21 -19.84 37.64 28.77
N ASP K 22 -18.69 36.95 28.75
CA ASP K 22 -17.86 36.85 27.56
C ASP K 22 -16.98 35.62 27.67
N LYS K 23 -16.53 35.12 26.52
CA LYS K 23 -15.57 34.02 26.48
C LYS K 23 -14.19 34.55 26.86
N ILE K 24 -13.32 33.64 27.30
CA ILE K 24 -11.94 33.96 27.62
C ILE K 24 -11.19 34.30 26.35
N PHE K 25 -10.40 35.36 26.39
CA PHE K 25 -9.67 35.83 25.22
C PHE K 25 -8.33 35.12 25.12
N SER K 26 -7.65 34.94 26.27
CA SER K 26 -6.34 34.30 26.27
C SER K 26 -6.20 33.42 27.51
N TYR K 27 -5.46 32.32 27.36
CA TYR K 27 -5.16 31.40 28.44
C TYR K 27 -3.65 31.17 28.49
N THR K 28 -3.08 31.33 29.69
CA THR K 28 -1.64 31.17 29.89
C THR K 28 -1.40 30.18 31.03
N GLU K 29 -0.37 29.37 30.90
CA GLU K 29 -0.10 28.27 31.81
C GLU K 29 1.41 28.11 31.98
N SER K 30 1.86 27.95 33.24
CA SER K 30 3.29 27.97 33.56
C SER K 30 3.64 26.77 34.44
N LEU K 31 4.83 26.19 34.18
CA LEU K 31 5.37 25.14 35.02
C LEU K 31 6.72 25.60 35.62
N ALA K 32 7.03 26.88 35.47
CA ALA K 32 8.25 27.45 36.04
C ALA K 32 8.16 27.41 37.56
N GLY K 33 9.28 27.08 38.21
CA GLY K 33 9.31 26.84 39.64
C GLY K 33 8.83 28.07 40.40
N LYS K 34 7.87 27.86 41.33
CA LYS K 34 7.35 28.91 42.20
C LYS K 34 6.33 29.77 41.43
N ARG K 35 6.05 29.40 40.18
CA ARG K 35 5.10 30.14 39.36
C ARG K 35 4.22 29.16 38.59
N GLU K 36 3.87 28.06 39.26
CA GLU K 36 2.99 27.05 38.68
C GLU K 36 1.55 27.54 38.79
N MET K 37 1.11 28.29 37.78
CA MET K 37 -0.10 29.09 37.86
C MET K 37 -0.77 29.16 36.50
N ALA K 38 -1.96 29.77 36.46
CA ALA K 38 -2.62 30.08 35.19
C ALA K 38 -3.05 31.54 35.21
N ILE K 39 -3.06 32.17 34.02
CA ILE K 39 -3.57 33.51 33.83
C ILE K 39 -4.58 33.50 32.67
N ILE K 40 -5.70 34.18 32.86
CA ILE K 40 -6.65 34.40 31.77
C ILE K 40 -6.87 35.91 31.60
N THR K 41 -7.20 36.30 30.36
CA THR K 41 -7.60 37.67 30.07
C THR K 41 -8.90 37.65 29.28
N PHE K 42 -9.66 38.75 29.38
CA PHE K 42 -10.80 38.99 28.52
C PHE K 42 -10.47 40.14 27.57
N LYS K 43 -11.28 40.29 26.52
CA LYS K 43 -10.94 41.19 25.42
C LYS K 43 -11.03 42.63 25.89
N ASN K 44 -11.75 42.87 27.00
CA ASN K 44 -11.86 44.19 27.59
C ASN K 44 -10.59 44.52 28.40
N GLY K 45 -9.70 43.54 28.54
CA GLY K 45 -8.37 43.79 29.10
C GLY K 45 -8.25 43.25 30.54
N ALA K 46 -9.38 42.82 31.12
CA ALA K 46 -9.40 42.27 32.47
C ALA K 46 -8.52 41.02 32.53
N THR K 47 -7.77 40.88 33.63
CA THR K 47 -6.75 39.84 33.78
C THR K 47 -6.90 39.19 35.16
N PHE K 48 -6.85 37.86 35.18
CA PHE K 48 -7.09 37.10 36.40
C PHE K 48 -6.09 35.97 36.48
N GLN K 49 -5.76 35.55 37.71
CA GLN K 49 -4.86 34.43 37.93
C GLN K 49 -5.58 33.34 38.72
N VAL K 50 -5.13 32.10 38.55
CA VAL K 50 -5.24 31.08 39.58
C VAL K 50 -3.92 31.05 40.34
N GLU K 51 -4.00 31.30 41.66
CA GLU K 51 -2.83 31.49 42.49
C GLU K 51 -2.00 30.21 42.52
N VAL K 52 -0.67 30.37 42.64
CA VAL K 52 0.21 29.28 43.02
C VAL K 52 -0.26 28.77 44.38
N PRO K 53 -0.43 27.43 44.55
CA PRO K 53 -0.67 26.87 45.86
C PRO K 53 0.34 27.36 46.89
N GLY K 54 -0.17 27.79 48.05
CA GLY K 54 0.66 28.40 49.08
C GLY K 54 0.06 28.18 50.47
N SER K 55 0.63 28.84 51.47
CA SER K 55 0.30 28.59 52.86
C SER K 55 -1.04 29.27 53.22
N GLN K 56 -1.57 30.08 52.30
CA GLN K 56 -2.86 30.73 52.48
C GLN K 56 -3.99 29.78 52.07
N HIS K 57 -3.62 28.63 51.49
CA HIS K 57 -4.59 27.62 51.08
C HIS K 57 -4.59 26.47 52.08
N ILE K 58 -5.79 26.02 52.46
CA ILE K 58 -5.94 24.80 53.23
C ILE K 58 -5.91 23.61 52.26
N ASP K 59 -5.80 22.40 52.82
CA ASP K 59 -5.50 21.22 52.02
C ASP K 59 -6.63 20.94 51.02
N SER K 60 -7.86 21.26 51.42
CA SER K 60 -9.03 20.93 50.63
C SER K 60 -9.11 21.82 49.38
N GLN K 61 -8.35 22.93 49.39
CA GLN K 61 -8.33 23.86 48.28
C GLN K 61 -7.40 23.37 47.17
N LYS K 62 -6.43 22.53 47.53
CA LYS K 62 -5.36 22.14 46.61
C LYS K 62 -5.98 21.44 45.39
N LYS K 63 -6.92 20.53 45.63
CA LYS K 63 -7.56 19.78 44.56
C LYS K 63 -8.43 20.72 43.72
N ALA K 64 -8.99 21.74 44.36
CA ALA K 64 -9.92 22.65 43.71
C ALA K 64 -9.18 23.64 42.81
N ILE K 65 -7.96 23.99 43.21
CA ILE K 65 -7.09 24.82 42.39
C ILE K 65 -6.80 24.11 41.08
N GLU K 66 -6.47 22.80 41.17
CA GLU K 66 -6.17 22.00 40.01
C GLU K 66 -7.42 21.92 39.11
N ARG K 67 -8.59 21.73 39.74
CA ARG K 67 -9.84 21.63 39.01
C ARG K 67 -10.10 22.94 38.25
N MET K 68 -9.84 24.07 38.91
CA MET K 68 -10.15 25.38 38.34
C MET K 68 -9.30 25.61 37.09
N LYS K 69 -8.03 25.18 37.13
CA LYS K 69 -7.13 25.34 35.99
C LYS K 69 -7.63 24.48 34.83
N ASP K 70 -8.15 23.28 35.14
CA ASP K 70 -8.78 22.43 34.15
C ASP K 70 -9.96 23.16 33.51
N THR K 71 -10.82 23.74 34.36
CA THR K 71 -12.07 24.33 33.94
C THR K 71 -11.78 25.49 32.97
N LEU K 72 -10.77 26.29 33.30
CA LEU K 72 -10.45 27.48 32.52
C LEU K 72 -9.90 27.07 31.16
N ARG K 73 -9.04 26.04 31.14
CA ARG K 73 -8.47 25.55 29.89
C ARG K 73 -9.62 25.13 28.96
N ILE K 74 -10.56 24.34 29.48
CA ILE K 74 -11.58 23.77 28.64
C ILE K 74 -12.60 24.84 28.28
N ALA K 75 -12.83 25.80 29.20
CA ALA K 75 -13.68 26.94 28.91
C ALA K 75 -13.10 27.73 27.75
N TYR K 76 -11.79 27.95 27.77
CA TYR K 76 -11.13 28.72 26.73
C TYR K 76 -11.35 28.03 25.39
N LEU K 77 -11.13 26.71 25.36
CA LEU K 77 -11.04 25.98 24.11
C LEU K 77 -12.43 25.77 23.50
N THR K 78 -13.47 25.74 24.34
CA THR K 78 -14.83 25.53 23.86
C THR K 78 -15.52 26.88 23.64
N GLU K 79 -14.81 27.96 23.98
CA GLU K 79 -15.34 29.31 23.80
C GLU K 79 -16.61 29.48 24.64
N ALA K 80 -16.66 28.84 25.80
CA ALA K 80 -17.78 28.96 26.71
C ALA K 80 -17.82 30.38 27.29
N LYS K 81 -19.03 30.94 27.35
CA LYS K 81 -19.24 32.26 27.93
C LYS K 81 -19.14 32.16 29.45
N VAL K 82 -18.23 32.94 30.03
CA VAL K 82 -18.15 33.10 31.47
C VAL K 82 -19.11 34.21 31.90
N GLU K 83 -19.96 33.90 32.88
CA GLU K 83 -20.89 34.87 33.42
C GLU K 83 -20.16 35.77 34.42
N LYS K 84 -19.77 35.20 35.56
CA LYS K 84 -19.19 35.97 36.65
C LYS K 84 -17.92 35.26 37.15
N LEU K 85 -16.96 36.06 37.62
CA LEU K 85 -15.88 35.57 38.46
C LEU K 85 -16.02 36.18 39.85
N CYS K 86 -15.84 35.34 40.87
N CYS K 86 -15.85 35.33 40.88
CA CYS K 86 -15.55 35.81 42.22
CA CYS K 86 -15.56 35.79 42.23
C CYS K 86 -14.05 35.74 42.46
C CYS K 86 -14.05 35.74 42.46
N VAL K 87 -13.47 36.88 42.86
CA VAL K 87 -12.03 37.01 42.95
C VAL K 87 -11.67 37.66 44.29
N TRP K 88 -10.51 37.29 44.83
CA TRP K 88 -9.84 38.07 45.86
C TRP K 88 -9.15 39.28 45.22
N ASN K 89 -9.42 40.47 45.78
CA ASN K 89 -8.96 41.72 45.17
C ASN K 89 -7.79 42.29 45.96
N ASN K 90 -7.23 41.48 46.88
CA ASN K 90 -6.00 41.85 47.57
C ASN K 90 -4.82 41.14 46.90
N LYS K 91 -4.97 40.81 45.62
CA LYS K 91 -3.90 40.24 44.82
C LYS K 91 -3.88 40.93 43.46
N THR K 92 -2.70 40.96 42.84
CA THR K 92 -2.57 41.50 41.49
C THR K 92 -1.81 40.48 40.65
N PRO K 93 -2.41 39.94 39.56
CA PRO K 93 -3.80 40.24 39.23
C PRO K 93 -4.77 39.57 40.21
N HIS K 94 -6.05 39.96 40.13
CA HIS K 94 -7.07 39.43 41.02
C HIS K 94 -7.10 37.90 40.91
N ALA K 95 -7.29 37.24 42.05
CA ALA K 95 -7.17 35.80 42.14
C ALA K 95 -8.55 35.17 42.15
N ILE K 96 -8.77 34.19 41.25
CA ILE K 96 -10.06 33.57 41.09
C ILE K 96 -10.37 32.70 42.31
N ALA K 97 -11.58 32.88 42.85
CA ALA K 97 -12.09 32.06 43.93
C ALA K 97 -13.22 31.16 43.42
N ALA K 98 -14.00 31.67 42.45
CA ALA K 98 -15.08 30.91 41.85
C ALA K 98 -15.39 31.43 40.45
N ILE K 99 -15.98 30.56 39.63
CA ILE K 99 -16.42 30.91 38.30
C ILE K 99 -17.85 30.43 38.11
N SER K 100 -18.64 31.18 37.34
CA SER K 100 -19.96 30.74 36.93
C SER K 100 -20.10 30.89 35.43
N MET K 101 -20.73 29.89 34.80
N MET K 101 -20.76 29.90 34.82
CA MET K 101 -20.99 29.89 33.38
CA MET K 101 -21.01 29.90 33.39
C MET K 101 -22.48 29.60 33.18
C MET K 101 -22.48 29.60 33.16
N ALA K 102 -23.12 30.37 32.28
CA ALA K 102 -24.57 30.40 32.21
C ALA K 102 -25.03 30.50 30.77
N ASN K 103 -26.23 29.96 30.51
CA ASN K 103 -26.92 30.10 29.23
C ASN K 103 -27.32 31.57 29.04
N THR L 1 -28.36 -4.95 43.62
CA THR L 1 -27.62 -3.90 42.87
C THR L 1 -28.58 -3.22 41.90
N PRO L 2 -28.74 -1.89 41.99
CA PRO L 2 -29.72 -1.18 41.17
C PRO L 2 -29.32 -1.17 39.69
N GLN L 3 -30.33 -1.13 38.80
CA GLN L 3 -30.10 -1.14 37.36
C GLN L 3 -30.45 0.22 36.78
N ASN L 4 -30.90 1.14 37.62
CA ASN L 4 -31.23 2.49 37.19
C ASN L 4 -31.22 3.42 38.39
N ILE L 5 -31.34 4.72 38.12
CA ILE L 5 -31.11 5.74 39.13
C ILE L 5 -32.28 5.72 40.13
N THR L 6 -33.47 5.37 39.64
CA THR L 6 -34.66 5.36 40.47
C THR L 6 -34.52 4.28 41.56
N ASP L 7 -34.07 3.09 41.15
CA ASP L 7 -33.87 1.98 42.07
C ASP L 7 -32.76 2.33 43.07
N LEU L 8 -31.72 3.00 42.58
CA LEU L 8 -30.60 3.41 43.41
C LEU L 8 -31.09 4.38 44.49
N CYS L 9 -31.88 5.36 44.07
N CYS L 9 -31.85 5.38 44.08
CA CYS L 9 -32.34 6.42 44.96
CA CYS L 9 -32.34 6.42 44.99
C CYS L 9 -33.16 5.84 46.11
C CYS L 9 -33.09 5.77 46.14
N ALA L 10 -33.89 4.75 45.82
CA ALA L 10 -34.85 4.18 46.75
C ALA L 10 -34.13 3.44 47.89
N GLU L 11 -32.81 3.29 47.77
CA GLU L 11 -32.04 2.52 48.74
C GLU L 11 -31.64 3.41 49.92
N TYR L 12 -31.87 4.73 49.80
CA TYR L 12 -31.29 5.69 50.73
C TYR L 12 -32.40 6.48 51.41
N HIS L 13 -32.21 6.75 52.71
CA HIS L 13 -33.05 7.68 53.44
C HIS L 13 -32.79 9.10 52.95
N ASN L 14 -33.85 9.89 52.83
CA ASN L 14 -33.76 11.33 52.66
C ASN L 14 -33.32 11.66 51.22
N THR L 15 -33.70 10.80 50.28
CA THR L 15 -33.40 11.06 48.87
C THR L 15 -34.68 11.21 48.09
N GLN L 16 -34.58 11.83 46.91
CA GLN L 16 -35.70 11.89 46.00
C GLN L 16 -35.15 12.08 44.58
N ILE L 17 -36.00 11.75 43.61
CA ILE L 17 -35.68 11.91 42.21
C ILE L 17 -36.26 13.23 41.74
N HIS L 18 -35.45 14.00 41.00
CA HIS L 18 -35.95 15.06 40.15
C HIS L 18 -35.81 14.64 38.69
N THR L 19 -36.89 14.81 37.93
CA THR L 19 -36.86 14.55 36.50
C THR L 19 -36.83 15.88 35.77
N LEU L 20 -35.74 16.10 35.01
CA LEU L 20 -35.46 17.41 34.44
C LEU L 20 -35.63 17.34 32.92
N ASN L 21 -35.05 16.30 32.31
CA ASN L 21 -35.06 16.17 30.86
C ASN L 21 -34.72 17.51 30.23
N ASP L 22 -33.59 18.10 30.65
CA ASP L 22 -33.14 19.36 30.12
C ASP L 22 -31.63 19.50 30.36
N LYS L 23 -31.00 20.36 29.57
CA LYS L 23 -29.60 20.70 29.75
C LYS L 23 -29.46 21.61 30.96
N ILE L 24 -28.25 21.62 31.53
CA ILE L 24 -27.92 22.48 32.64
C ILE L 24 -27.87 23.93 32.15
N PHE L 25 -28.46 24.84 32.93
CA PHE L 25 -28.56 26.24 32.55
C PHE L 25 -27.31 26.99 33.01
N SER L 26 -26.82 26.68 34.23
CA SER L 26 -25.65 27.35 34.77
C SER L 26 -24.80 26.35 35.56
N TYR L 27 -23.48 26.57 35.53
CA TYR L 27 -22.53 25.78 36.31
C TYR L 27 -21.61 26.72 37.08
N THR L 28 -21.49 26.47 38.39
CA THR L 28 -20.67 27.29 39.27
C THR L 28 -19.69 26.40 40.03
N GLU L 29 -18.48 26.92 40.22
CA GLU L 29 -17.37 26.14 40.75
C GLU L 29 -16.53 27.03 41.65
N SER L 30 -16.16 26.51 42.83
CA SER L 30 -15.51 27.31 43.85
C SER L 30 -14.31 26.56 44.41
N LEU L 31 -13.22 27.30 44.70
CA LEU L 31 -12.06 26.77 45.38
C LEU L 31 -11.84 27.51 46.69
N ALA L 32 -12.82 28.34 47.09
CA ALA L 32 -12.74 29.06 48.36
C ALA L 32 -12.79 28.07 49.52
N GLY L 33 -11.97 28.34 50.55
CA GLY L 33 -11.79 27.41 51.65
C GLY L 33 -13.12 27.08 52.32
N LYS L 34 -13.38 25.78 52.48
CA LYS L 34 -14.57 25.29 53.17
C LYS L 34 -15.80 25.37 52.26
N ARG L 35 -15.58 25.79 51.01
CA ARG L 35 -16.66 25.89 50.03
C ARG L 35 -16.18 25.36 48.69
N GLU L 36 -15.37 24.30 48.74
CA GLU L 36 -14.89 23.66 47.52
C GLU L 36 -15.99 22.76 46.97
N MET L 37 -16.85 23.35 46.13
CA MET L 37 -18.11 22.74 45.78
C MET L 37 -18.47 23.11 44.35
N ALA L 38 -19.56 22.52 43.85
CA ALA L 38 -20.16 22.93 42.60
C ALA L 38 -21.66 23.17 42.80
N ILE L 39 -22.21 24.13 42.04
CA ILE L 39 -23.63 24.39 42.00
C ILE L 39 -24.10 24.39 40.54
N ILE L 40 -25.23 23.74 40.27
CA ILE L 40 -25.85 23.81 38.96
C ILE L 40 -27.29 24.29 39.12
N THR L 41 -27.81 24.94 38.06
N THR L 41 -27.81 24.95 38.07
CA THR L 41 -29.21 25.34 38.02
CA THR L 41 -29.20 25.37 38.02
C THR L 41 -29.80 24.91 36.68
C THR L 41 -29.80 24.94 36.68
N PHE L 42 -31.12 24.71 36.67
CA PHE L 42 -31.87 24.52 35.44
C PHE L 42 -32.74 25.75 35.20
N LYS L 43 -33.26 25.88 33.98
CA LYS L 43 -33.92 27.10 33.54
C LYS L 43 -35.23 27.28 34.30
N ASN L 44 -35.75 26.18 34.85
CA ASN L 44 -36.98 26.22 35.65
C ASN L 44 -36.68 26.73 37.06
N GLY L 45 -35.40 26.94 37.37
CA GLY L 45 -34.99 27.60 38.60
C GLY L 45 -34.44 26.62 39.64
N ALA L 46 -34.58 25.31 39.38
CA ALA L 46 -34.09 24.28 40.27
C ALA L 46 -32.58 24.40 40.43
N THR L 47 -32.11 24.20 41.67
CA THR L 47 -30.72 24.45 42.03
C THR L 47 -30.21 23.26 42.84
N PHE L 48 -28.99 22.81 42.51
CA PHE L 48 -28.42 21.63 43.14
C PHE L 48 -26.94 21.88 43.42
N GLN L 49 -26.42 21.20 44.44
CA GLN L 49 -25.01 21.29 44.79
C GLN L 49 -24.39 19.89 44.72
N VAL L 50 -23.07 19.86 44.47
CA VAL L 50 -22.23 18.78 44.95
C VAL L 50 -21.59 19.24 46.25
N GLU L 51 -21.85 18.48 47.33
CA GLU L 51 -21.48 18.88 48.67
C GLU L 51 -19.95 18.97 48.77
N VAL L 52 -19.50 19.90 49.62
CA VAL L 52 -18.12 19.89 50.11
C VAL L 52 -17.86 18.55 50.79
N PRO L 53 -16.75 17.86 50.45
CA PRO L 53 -16.36 16.65 51.16
C PRO L 53 -16.34 16.90 52.67
N GLY L 54 -16.93 15.97 53.42
CA GLY L 54 -17.06 16.13 54.86
C GLY L 54 -17.16 14.78 55.56
N SER L 55 -17.49 14.82 56.85
CA SER L 55 -17.44 13.64 57.69
C SER L 55 -18.66 12.75 57.45
N GLN L 56 -19.62 13.25 56.66
CA GLN L 56 -20.80 12.48 56.30
C GLN L 56 -20.50 11.59 55.09
N HIS L 57 -19.30 11.76 54.51
CA HIS L 57 -18.88 10.95 53.37
C HIS L 57 -17.89 9.90 53.84
N ILE L 58 -18.05 8.67 53.36
CA ILE L 58 -17.06 7.63 53.56
C ILE L 58 -15.99 7.76 52.48
N ASP L 59 -14.88 7.05 52.66
CA ASP L 59 -13.66 7.29 51.90
C ASP L 59 -13.91 7.00 50.41
N SER L 60 -14.78 6.02 50.13
CA SER L 60 -15.00 5.56 48.77
C SER L 60 -15.80 6.60 47.98
N GLN L 61 -16.43 7.55 48.70
CA GLN L 61 -17.24 8.57 48.07
C GLN L 61 -16.35 9.72 47.55
N LYS L 62 -15.16 9.86 48.14
CA LYS L 62 -14.32 11.03 47.90
C LYS L 62 -13.98 11.12 46.41
N LYS L 63 -13.60 9.99 45.81
CA LYS L 63 -13.21 9.96 44.40
C LYS L 63 -14.44 10.21 43.53
N ALA L 64 -15.62 9.78 44.01
CA ALA L 64 -16.84 9.85 43.22
C ALA L 64 -17.40 11.27 43.22
N ILE L 65 -17.15 12.01 44.31
CA ILE L 65 -17.51 13.41 44.39
C ILE L 65 -16.75 14.18 43.31
N GLU L 66 -15.45 13.91 43.20
CA GLU L 66 -14.61 14.57 42.22
C GLU L 66 -15.09 14.20 40.81
N ARG L 67 -15.45 12.93 40.61
CA ARG L 67 -15.92 12.48 39.31
C ARG L 67 -17.22 13.23 38.95
N MET L 68 -18.11 13.39 39.93
CA MET L 68 -19.41 13.98 39.68
C MET L 68 -19.26 15.44 39.23
N LYS L 69 -18.30 16.15 39.85
CA LYS L 69 -18.05 17.54 39.49
C LYS L 69 -17.52 17.62 38.06
N ASP L 70 -16.68 16.64 37.68
CA ASP L 70 -16.21 16.52 36.30
C ASP L 70 -17.42 16.34 35.37
N THR L 71 -18.31 15.43 35.73
CA THR L 71 -19.42 15.03 34.87
C THR L 71 -20.33 16.24 34.61
N LEU L 72 -20.58 17.02 35.66
CA LEU L 72 -21.49 18.14 35.57
C LEU L 72 -20.89 19.24 34.69
N ARG L 73 -19.59 19.47 34.86
CA ARG L 73 -18.89 20.46 34.04
C ARG L 73 -19.04 20.12 32.58
N ILE L 74 -18.77 18.86 32.23
CA ILE L 74 -18.72 18.46 30.83
C ILE L 74 -20.15 18.37 30.30
N ALA L 75 -21.10 17.98 31.17
CA ALA L 75 -22.50 17.97 30.79
C ALA L 75 -22.95 19.38 30.42
N TYR L 76 -22.54 20.36 31.24
CA TYR L 76 -22.93 21.74 31.01
C TYR L 76 -22.40 22.18 29.63
N LEU L 77 -21.12 21.88 29.36
CA LEU L 77 -20.42 22.47 28.23
C LEU L 77 -20.88 21.82 26.93
N THR L 78 -21.31 20.55 27.00
CA THR L 78 -21.73 19.83 25.79
C THR L 78 -23.25 19.97 25.61
N GLU L 79 -23.90 20.64 26.58
CA GLU L 79 -25.35 20.85 26.52
C GLU L 79 -26.06 19.50 26.49
N ALA L 80 -25.50 18.51 27.19
CA ALA L 80 -26.11 17.20 27.32
C ALA L 80 -27.41 17.31 28.13
N LYS L 81 -28.44 16.62 27.67
CA LYS L 81 -29.70 16.55 28.38
C LYS L 81 -29.53 15.65 29.61
N VAL L 82 -29.82 16.22 30.79
CA VAL L 82 -29.90 15.45 32.01
C VAL L 82 -31.32 14.90 32.14
N GLU L 83 -31.44 13.59 32.37
CA GLU L 83 -32.73 12.94 32.55
C GLU L 83 -33.20 13.16 33.98
N LYS L 84 -32.50 12.53 34.94
CA LYS L 84 -32.90 12.56 36.34
C LYS L 84 -31.69 12.89 37.22
N LEU L 85 -31.96 13.57 38.33
CA LEU L 85 -31.03 13.64 39.45
C LEU L 85 -31.63 12.89 40.65
N CYS L 86 -30.80 12.09 41.30
N CYS L 86 -30.79 12.08 41.30
CA CYS L 86 -31.08 11.63 42.65
CA CYS L 86 -31.04 11.62 42.65
C CYS L 86 -30.34 12.51 43.64
C CYS L 86 -30.33 12.55 43.63
N VAL L 87 -31.10 13.09 44.60
CA VAL L 87 -30.56 14.08 45.52
C VAL L 87 -30.98 13.73 46.95
N TRP L 88 -30.12 14.08 47.91
CA TRP L 88 -30.51 14.20 49.30
C TRP L 88 -31.27 15.50 49.52
N ASN L 89 -32.46 15.41 50.13
CA ASN L 89 -33.35 16.56 50.24
C ASN L 89 -33.34 17.10 51.67
N ASN L 90 -32.38 16.65 52.48
CA ASN L 90 -32.15 17.22 53.81
C ASN L 90 -30.98 18.20 53.75
N LYS L 91 -30.76 18.77 52.55
CA LYS L 91 -29.77 19.82 52.37
C LYS L 91 -30.38 20.92 51.50
N THR L 92 -29.87 22.14 51.66
CA THR L 92 -30.26 23.25 50.81
C THR L 92 -29.00 23.93 50.29
N PRO L 93 -28.79 23.98 48.96
CA PRO L 93 -29.67 23.31 48.00
C PRO L 93 -29.52 21.78 48.07
N HIS L 94 -30.44 21.07 47.41
CA HIS L 94 -30.44 19.62 47.41
C HIS L 94 -29.09 19.11 46.89
N ALA L 95 -28.59 18.04 47.49
CA ALA L 95 -27.26 17.54 47.22
C ALA L 95 -27.33 16.34 46.29
N ILE L 96 -26.56 16.40 45.19
CA ILE L 96 -26.61 15.37 44.17
C ILE L 96 -25.96 14.09 44.71
N ALA L 97 -26.68 12.97 44.52
CA ALA L 97 -26.17 11.65 44.86
C ALA L 97 -25.87 10.86 43.57
N ALA L 98 -26.69 11.10 42.53
CA ALA L 98 -26.52 10.42 41.26
C ALA L 98 -27.12 11.26 40.13
N ILE L 99 -26.63 11.02 38.91
CA ILE L 99 -27.14 11.67 37.72
C ILE L 99 -27.36 10.60 36.65
N SER L 100 -28.38 10.79 35.82
CA SER L 100 -28.59 9.97 34.65
C SER L 100 -28.80 10.85 33.43
N MET L 101 -28.21 10.42 32.30
CA MET L 101 -28.32 11.16 31.06
C MET L 101 -28.81 10.22 29.97
N ALA L 102 -29.75 10.73 29.16
CA ALA L 102 -30.46 9.94 28.19
C ALA L 102 -30.84 10.83 27.01
N ASN L 103 -31.11 10.19 25.86
CA ASN L 103 -31.72 10.84 24.71
C ASN L 103 -30.69 11.75 24.03
NA NA M . 6.69 -31.13 -10.00
C1 GAL N . 21.73 -12.10 -30.37
C2 GAL N . 21.54 -13.31 -31.26
C3 GAL N . 22.84 -14.12 -31.31
C4 GAL N . 24.01 -13.25 -31.77
C5 GAL N . 24.05 -11.87 -30.99
C6 GAL N . 24.99 -10.85 -31.62
O1 GAL N . 20.54 -11.41 -30.20
O2 GAL N . 20.42 -14.08 -30.83
O3 GAL N . 22.69 -15.24 -32.18
O4 GAL N . 23.91 -12.99 -33.17
O5 GAL N . 22.73 -11.25 -30.94
O6 GAL N . 25.03 -10.97 -33.06
C1 GOL O . 11.90 -33.29 -4.22
O1 GOL O . 10.49 -33.47 -4.11
C2 GOL O . 12.31 -33.09 -5.66
O2 GOL O . 12.32 -34.34 -6.34
C3 GOL O . 13.67 -32.43 -5.79
O3 GOL O . 13.54 -31.02 -5.95
C1 GOL P . -11.82 -18.86 -20.69
O1 GOL P . -10.78 -19.62 -21.31
C2 GOL P . -12.21 -17.68 -21.56
O2 GOL P . -11.04 -16.96 -21.93
C3 GOL P . -13.19 -16.76 -20.87
O3 GOL P . -13.76 -17.37 -19.72
C1 GOL Q . -16.55 -15.31 -0.42
O1 GOL Q . -16.07 -16.25 0.53
C2 GOL Q . -17.37 -14.22 0.25
O2 GOL Q . -16.58 -13.57 1.25
C3 GOL Q . -17.88 -13.19 -0.74
O3 GOL Q . -16.85 -12.76 -1.62
NA NA R . 12.02 16.58 -29.37
C1 GAL S . 18.97 12.62 -38.57
C2 GAL S . 17.73 12.40 -39.43
C3 GAL S . 16.80 11.33 -38.87
C4 GAL S . 17.57 10.12 -38.37
C5 GAL S . 18.75 10.56 -37.49
C6 GAL S . 19.60 9.43 -36.99
O1 GAL S . 19.89 13.37 -39.25
O2 GAL S . 17.02 13.62 -39.56
O3 GAL S . 15.89 10.96 -39.88
O4 GAL S . 18.03 9.37 -39.47
O5 GAL S . 19.58 11.39 -38.24
O6 GAL S . 20.73 9.95 -36.30
C1 GOL T . 2.73 5.88 -39.00
O1 GOL T . 1.75 4.91 -38.67
C2 GOL T . 3.50 6.34 -37.78
O2 GOL T . 4.87 6.60 -38.13
C3 GOL T . 2.90 7.57 -37.14
O3 GOL T . 2.22 7.24 -35.92
C1 GAL U . 35.80 7.06 -13.97
C2 GAL U . 34.64 7.99 -13.74
C3 GAL U . 33.33 7.26 -13.70
C4 GAL U . 33.18 6.28 -14.88
C5 GAL U . 34.47 5.44 -15.09
C6 GAL U . 34.45 4.63 -16.36
O1 GAL U . 36.97 7.77 -14.03
O2 GAL U . 34.83 8.73 -12.53
O3 GAL U . 32.27 8.22 -13.71
O4 GAL U . 32.90 6.99 -16.06
O5 GAL U . 35.59 6.31 -15.17
O6 GAL U . 35.58 3.74 -16.42
C1 GOL V . 21.11 9.45 -8.88
O1 GOL V . 20.18 10.51 -9.04
C2 GOL V . 20.43 8.10 -8.95
O2 GOL V . 21.42 7.06 -8.94
C3 GOL V . 19.44 7.88 -7.82
O3 GOL V . 20.05 7.23 -6.70
C ACT W . 28.12 -37.11 -18.58
O ACT W . 28.29 -36.91 -19.80
OXT ACT W . 27.05 -36.86 -17.98
CH3 ACT W . 29.27 -37.71 -17.77
C1 GAL X . 47.42 -20.56 -17.82
C2 GAL X . 47.36 -20.18 -16.39
C3 GAL X . 45.96 -20.45 -15.80
C4 GAL X . 44.88 -19.81 -16.67
C5 GAL X . 45.09 -20.21 -18.13
C6 GAL X . 44.15 -19.52 -19.09
O1 GAL X . 48.66 -20.29 -18.34
O2 GAL X . 48.38 -20.86 -15.68
O3 GAL X . 45.86 -19.97 -14.46
O4 GAL X . 44.97 -18.41 -16.56
O5 GAL X . 46.42 -19.84 -18.54
O6 GAL X . 44.44 -19.87 -20.44
C1 PEG Y . 45.90 -22.39 -22.58
O1 PEG Y . 44.73 -22.73 -21.86
C2 PEG Y . 47.05 -22.05 -21.68
O2 PEG Y . 47.77 -23.24 -21.34
C3 PEG Y . 48.86 -22.99 -20.46
C4 PEG Y . 50.07 -23.76 -20.93
O4 PEG Y . 50.46 -23.40 -22.26
C ACT Z . 11.64 -32.67 -42.48
O ACT Z . 11.80 -33.02 -41.30
OXT ACT Z . 12.53 -32.67 -43.34
CH3 ACT Z . 10.22 -32.22 -42.92
C1 GAL AA . 37.00 -32.24 -43.29
C2 GAL AA . 37.36 -33.28 -42.27
C3 GAL AA . 36.21 -33.48 -41.27
C4 GAL AA . 35.75 -32.14 -40.69
C5 GAL AA . 35.44 -31.16 -41.85
C6 GAL AA . 35.06 -29.78 -41.40
O1 GAL AA . 38.06 -32.01 -44.11
O2 GAL AA . 37.72 -34.49 -42.91
O3 GAL AA . 36.63 -34.37 -40.22
O4 GAL AA . 36.77 -31.59 -39.87
O5 GAL AA . 36.61 -31.02 -42.66
O6 GAL AA . 34.84 -28.92 -42.54
C1 GOL BA . 28.99 -42.39 -30.95
O1 GOL BA . 29.13 -42.15 -29.56
C2 GOL BA . 30.27 -42.09 -31.70
O2 GOL BA . 30.74 -40.79 -31.35
C3 GOL BA . 31.37 -43.11 -31.43
O3 GOL BA . 31.03 -44.41 -31.94
C1 GAL CA . 19.69 -11.45 -56.33
C2 GAL CA . 19.16 -12.81 -56.77
C3 GAL CA . 18.27 -13.44 -55.73
C4 GAL CA . 18.91 -13.36 -54.36
C5 GAL CA . 19.26 -11.92 -54.05
C6 GAL CA . 19.88 -11.73 -52.69
O1 GAL CA . 20.69 -11.05 -57.18
O2 GAL CA . 18.44 -12.68 -57.99
O3 GAL CA . 18.01 -14.80 -56.06
O4 GAL CA . 20.10 -14.15 -54.34
O5 GAL CA . 20.20 -11.49 -55.00
O6 GAL CA . 20.60 -10.52 -52.64
C1 GOL DA . 7.93 -24.53 -51.11
O1 GOL DA . 6.77 -23.72 -51.33
C2 GOL DA . 8.79 -24.63 -52.35
O2 GOL DA . 7.97 -24.45 -53.51
C3 GOL DA . 9.93 -23.64 -52.37
O3 GOL DA . 11.14 -24.25 -52.82
NA NA EA . -15.94 31.11 7.81
NA NA FA . -26.98 14.06 18.76
C1 GOL GA . -34.25 15.74 11.19
O1 GOL GA . -33.74 17.05 11.44
C2 GOL GA . -34.63 15.56 9.74
O2 GOL GA . -33.56 14.92 9.03
C3 GOL GA . -35.92 14.76 9.56
O3 GOL GA . -35.82 13.86 8.45
C ACT HA . -6.34 -13.04 15.18
O ACT HA . -6.19 -13.58 14.06
OXT ACT HA . -7.14 -12.11 15.41
CH3 ACT HA . -5.49 -13.55 16.35
C1 GLA IA . -14.16 -11.88 40.34
C2 GLA IA . -15.72 -11.88 40.26
C3 GLA IA . -16.29 -10.97 39.13
C4 GLA IA . -15.57 -9.63 39.10
C5 GLA IA . -14.04 -9.85 39.08
C6 GLA IA . -13.24 -8.56 39.04
O1 GLA IA . -13.62 -12.65 39.31
O2 GLA IA . -16.17 -13.22 40.09
O3 GLA IA . -17.69 -10.76 39.35
O4 GLA IA . -15.95 -8.87 40.22
O5 GLA IA . -13.65 -10.55 40.27
O6 GLA IA . -11.92 -8.78 38.49
C1 GOL JA . -5.80 -15.73 34.63
O1 GOL JA . -7.06 -16.18 35.12
C2 GOL JA . -5.76 -15.67 33.12
O2 GOL JA . -7.09 -15.73 32.60
C3 GOL JA . -5.06 -14.44 32.57
O3 GOL JA . -3.74 -14.32 33.08
C1 GAL KA . 11.82 -3.68 27.40
C2 GAL KA . 11.18 -4.76 26.58
C3 GAL KA . 10.17 -4.18 25.62
C4 GAL KA . 9.15 -3.31 26.37
C5 GAL KA . 9.86 -2.29 27.29
C6 GAL KA . 8.89 -1.58 28.21
O1 GAL KA . 12.74 -4.24 28.26
O2 GAL KA . 12.18 -5.49 25.88
O3 GAL KA . 9.54 -5.24 24.93
O4 GAL KA . 8.30 -4.12 27.15
O5 GAL KA . 10.82 -2.98 28.14
O6 GAL KA . 9.56 -0.57 29.00
C1 GOL LA . 1.97 -6.64 15.04
O1 GOL LA . 1.58 -5.99 16.25
C2 GOL LA . 1.02 -6.31 13.91
O2 GOL LA . -0.02 -7.30 13.85
C3 GOL LA . 1.72 -6.22 12.56
O3 GOL LA . 1.88 -4.86 12.14
C1 GOL MA . 8.03 13.55 11.52
O1 GOL MA . 8.42 12.66 10.48
C2 GOL MA . 7.88 14.98 11.01
O2 GOL MA . 6.67 15.54 11.51
C3 GOL MA . 9.05 15.86 11.39
O3 GOL MA . 9.15 16.00 12.81
C1 GAL NA . 16.84 24.85 35.47
C2 GAL NA . 17.50 24.28 34.28
C3 GAL NA . 16.58 24.42 33.06
C4 GAL NA . 15.22 23.79 33.33
C5 GAL NA . 14.66 24.26 34.70
C6 GAL NA . 13.45 23.46 35.15
O1 GAL NA . 17.68 24.85 36.55
O2 GAL NA . 18.79 24.88 34.10
O3 GAL NA . 17.17 23.83 31.91
O4 GAL NA . 15.34 22.38 33.35
O5 GAL NA . 15.67 24.09 35.72
O6 GAL NA . 12.76 24.13 36.23
C1 GOL OA . 16.32 24.27 19.94
O1 GOL OA . 17.75 24.23 19.88
C2 GOL OA . 15.74 25.02 18.75
O2 GOL OA . 16.38 26.28 18.60
C3 GOL OA . 14.24 25.21 18.84
O3 GOL OA . 13.86 26.52 18.42
C1 GAL PA . -6.55 34.49 51.81
C2 GAL PA . -5.92 35.55 50.93
C3 GAL PA . -6.58 35.62 49.58
C4 GAL PA . -6.60 34.24 48.94
C5 GAL PA . -7.25 33.24 49.89
C6 GAL PA . -7.25 31.82 49.35
O1 GAL PA . -5.84 34.37 53.00
O2 GAL PA . -5.99 36.81 51.58
O3 GAL PA . -5.91 36.56 48.75
O4 GAL PA . -5.26 33.81 48.66
O5 GAL PA . -6.53 33.22 51.13
O6 GAL PA . -7.31 30.86 50.42
C1 GAL QA . -25.86 11.53 54.62
C2 GAL QA . -26.59 12.85 54.73
C3 GAL QA . -26.87 13.45 53.36
C4 GAL QA . -25.62 13.43 52.49
C5 GAL QA . -25.03 12.02 52.48
C6 GAL QA . -23.78 11.89 51.67
O1 GAL QA . -25.49 11.05 55.87
O2 GAL QA . -27.80 12.68 55.45
O3 GAL QA . -27.34 14.78 53.53
O4 GAL QA . -24.65 14.34 53.00
O5 GAL QA . -24.71 11.67 53.81
O6 GAL QA . -23.39 10.53 51.59
C1 GOL RA . -34.92 23.49 44.57
O1 GOL RA . -34.82 22.11 44.23
C2 GOL RA . -34.10 23.82 45.80
O2 GOL RA . -33.22 22.73 46.12
C3 GOL RA . -33.29 25.10 45.66
O3 GOL RA . -33.87 25.99 44.71
C1 GOL SA . -30.41 8.27 57.79
O1 GOL SA . -31.38 7.56 58.56
C2 GOL SA . -29.05 7.59 57.83
O2 GOL SA . -29.07 6.40 57.05
C3 GOL SA . -27.93 8.49 57.35
O3 GOL SA . -27.51 9.39 58.37
#